data_2JXB
#
_entry.id   2JXB
#
_entity_poly.entity_id   1
_entity_poly.type   'polypeptide(L)'
_entity_poly.pdbx_seq_one_letter_code
;HMKERPPPVPNPDYNSLKKGSLVKNLHMTEEVIVIAKWDYTAQQDQELDIKKNERLWLLDDSKTWWRVRNAANRTGYVPS
NYVERK
;
_entity_poly.pdbx_strand_id   A
#
# COMPACT_ATOMS: atom_id res chain seq x y z
N HIS A 1 24.92 10.82 15.50
CA HIS A 1 24.08 11.98 15.25
C HIS A 1 22.71 11.56 14.75
N MET A 2 22.66 11.08 13.51
CA MET A 2 21.40 10.64 12.91
C MET A 2 21.66 9.63 11.79
N LYS A 3 20.97 8.50 11.85
CA LYS A 3 21.13 7.46 10.85
C LYS A 3 20.68 7.95 9.48
N GLU A 4 21.06 7.22 8.43
CA GLU A 4 20.70 7.59 7.07
C GLU A 4 19.52 6.75 6.58
N ARG A 5 18.33 7.34 6.60
CA ARG A 5 17.12 6.66 6.16
C ARG A 5 16.08 7.64 5.66
N PRO A 6 15.11 7.15 4.87
CA PRO A 6 14.05 7.97 4.30
C PRO A 6 13.06 8.45 5.38
N PRO A 7 12.20 9.41 5.00
CA PRO A 7 11.19 9.97 5.92
C PRO A 7 10.10 8.96 6.24
N PRO A 8 9.27 9.30 7.25
CA PRO A 8 8.16 8.45 7.68
C PRO A 8 7.04 8.39 6.64
N VAL A 9 6.00 7.61 6.94
CA VAL A 9 4.86 7.47 6.04
C VAL A 9 4.25 8.82 5.73
N PRO A 10 3.76 8.98 4.48
CA PRO A 10 3.15 10.23 4.04
C PRO A 10 1.79 10.47 4.69
N ASN A 11 1.81 10.82 5.97
CA ASN A 11 0.59 11.08 6.72
C ASN A 11 -0.51 10.10 6.31
N PRO A 12 -0.51 8.92 6.93
CA PRO A 12 -1.49 7.87 6.65
C PRO A 12 -2.88 8.23 7.17
N ASP A 13 -3.89 7.99 6.34
CA ASP A 13 -5.28 8.29 6.71
C ASP A 13 -6.19 7.11 6.43
N TYR A 14 -5.88 5.97 7.03
CA TYR A 14 -6.66 4.76 6.84
C TYR A 14 -7.43 4.39 8.11
N ASN A 15 -7.09 5.07 9.21
CA ASN A 15 -7.74 4.81 10.49
C ASN A 15 -7.20 5.75 11.57
N SER A 16 -8.09 6.18 12.46
CA SER A 16 -7.70 7.09 13.54
C SER A 16 -8.72 7.05 14.67
N LEU A 17 -9.99 7.13 14.31
CA LEU A 17 -11.07 7.09 15.30
C LEU A 17 -11.28 5.68 15.84
N LYS A 18 -11.98 5.58 16.96
CA LYS A 18 -12.26 4.30 17.57
C LYS A 18 -13.24 3.49 16.74
N LYS A 19 -14.38 4.09 16.42
CA LYS A 19 -15.40 3.44 15.62
C LYS A 19 -14.90 3.18 14.19
N GLY A 20 -15.13 1.97 13.71
CA GLY A 20 -14.69 1.62 12.36
C GLY A 20 -15.78 1.80 11.34
N SER A 21 -15.41 1.75 10.06
CA SER A 21 -16.38 1.92 8.98
C SER A 21 -16.54 0.62 8.20
N LEU A 22 -15.55 0.28 7.39
CA LEU A 22 -15.59 -0.94 6.59
C LEU A 22 -16.78 -0.94 5.66
N VAL A 23 -16.56 -0.54 4.42
CA VAL A 23 -17.62 -0.50 3.42
C VAL A 23 -17.17 -1.08 2.09
N LYS A 24 -16.46 -2.21 2.17
CA LYS A 24 -15.96 -2.88 0.98
C LYS A 24 -17.06 -3.69 0.30
N ASN A 25 -17.47 -3.25 -0.88
CA ASN A 25 -18.52 -3.93 -1.62
C ASN A 25 -18.75 -3.27 -2.98
N LEU A 26 -17.70 -3.16 -3.77
CA LEU A 26 -17.79 -2.54 -5.09
C LEU A 26 -16.86 -3.22 -6.08
N HIS A 27 -17.25 -3.24 -7.35
CA HIS A 27 -16.44 -3.86 -8.40
C HIS A 27 -15.35 -2.90 -8.88
N MET A 28 -14.26 -3.46 -9.39
CA MET A 28 -13.16 -2.66 -9.89
C MET A 28 -12.53 -3.31 -11.12
N THR A 29 -12.43 -2.53 -12.20
CA THR A 29 -11.85 -3.02 -13.45
C THR A 29 -10.55 -2.29 -13.77
N GLU A 30 -9.44 -3.02 -13.70
CA GLU A 30 -8.13 -2.43 -13.99
C GLU A 30 -7.02 -3.48 -13.85
N GLU A 31 -5.99 -3.35 -14.66
CA GLU A 31 -4.86 -4.28 -14.63
C GLU A 31 -3.54 -3.53 -14.50
N VAL A 32 -3.31 -2.93 -13.34
CA VAL A 32 -2.08 -2.19 -13.08
C VAL A 32 -1.21 -2.90 -12.07
N ILE A 33 0.09 -2.61 -12.11
CA ILE A 33 1.03 -3.23 -11.18
C ILE A 33 2.04 -2.19 -10.66
N VAL A 34 2.30 -2.23 -9.37
CA VAL A 34 3.24 -1.30 -8.75
C VAL A 34 4.51 -2.03 -8.31
N ILE A 35 5.49 -1.27 -7.83
CA ILE A 35 6.75 -1.84 -7.38
C ILE A 35 7.26 -1.12 -6.14
N ALA A 36 7.39 -1.86 -5.04
CA ALA A 36 7.88 -1.29 -3.79
C ALA A 36 9.36 -0.93 -3.89
N LYS A 37 9.65 0.37 -3.85
CA LYS A 37 11.02 0.84 -3.93
C LYS A 37 11.91 0.14 -2.91
N TRP A 38 11.34 -0.15 -1.74
CA TRP A 38 12.08 -0.83 -0.68
C TRP A 38 11.16 -1.76 0.10
N ASP A 39 11.67 -2.28 1.22
CA ASP A 39 10.90 -3.20 2.06
C ASP A 39 10.30 -2.46 3.25
N TYR A 40 9.06 -2.79 3.58
CA TYR A 40 8.37 -2.17 4.70
C TYR A 40 7.82 -3.22 5.66
N THR A 41 7.46 -2.77 6.87
CA THR A 41 6.92 -3.68 7.88
C THR A 41 5.50 -3.28 8.26
N ALA A 42 4.59 -4.26 8.24
CA ALA A 42 3.20 -4.01 8.59
C ALA A 42 3.09 -3.38 9.97
N GLN A 43 2.88 -2.06 10.01
CA GLN A 43 2.76 -1.35 11.26
C GLN A 43 1.40 -1.61 11.91
N GLN A 44 0.39 -1.84 11.07
CA GLN A 44 -0.96 -2.11 11.57
C GLN A 44 -1.52 -3.40 10.96
N ASP A 45 -2.80 -3.63 11.17
CA ASP A 45 -3.45 -4.83 10.65
C ASP A 45 -4.00 -4.58 9.25
N GLN A 46 -4.26 -3.31 8.94
CA GLN A 46 -4.80 -2.94 7.63
C GLN A 46 -3.68 -2.81 6.61
N GLU A 47 -2.47 -2.53 7.09
CA GLU A 47 -1.31 -2.38 6.21
C GLU A 47 -0.77 -3.74 5.78
N LEU A 48 0.12 -3.74 4.80
CA LEU A 48 0.72 -4.97 4.30
C LEU A 48 2.25 -4.85 4.26
N ASP A 49 2.92 -5.98 4.42
CA ASP A 49 4.38 -6.02 4.39
C ASP A 49 4.90 -6.15 2.97
N ILE A 50 5.62 -5.14 2.51
CA ILE A 50 6.16 -5.15 1.15
C ILE A 50 7.67 -5.39 1.17
N LYS A 51 8.18 -5.97 0.10
CA LYS A 51 9.61 -6.26 -0.01
C LYS A 51 10.26 -5.37 -1.07
N LYS A 52 11.59 -5.31 -1.04
CA LYS A 52 12.34 -4.50 -2.00
C LYS A 52 12.15 -5.03 -3.42
N ASN A 53 11.84 -4.14 -4.35
CA ASN A 53 11.64 -4.52 -5.74
C ASN A 53 10.44 -5.45 -5.88
N GLU A 54 9.61 -5.50 -4.84
CA GLU A 54 8.43 -6.35 -4.86
C GLU A 54 7.30 -5.72 -5.69
N ARG A 55 6.68 -6.54 -6.53
CA ARG A 55 5.60 -6.06 -7.38
C ARG A 55 4.26 -6.64 -6.94
N LEU A 56 3.19 -5.88 -7.16
CA LEU A 56 1.85 -6.32 -6.78
C LEU A 56 0.80 -5.77 -7.74
N TRP A 57 -0.45 -6.19 -7.56
CA TRP A 57 -1.54 -5.72 -8.40
C TRP A 57 -2.17 -4.46 -7.83
N LEU A 58 -2.02 -3.36 -8.57
CA LEU A 58 -2.58 -2.08 -8.13
C LEU A 58 -4.11 -2.12 -8.13
N LEU A 59 -4.71 -1.88 -6.98
CA LEU A 59 -6.16 -1.88 -6.85
C LEU A 59 -6.73 -0.47 -6.96
N ASP A 60 -6.51 0.33 -5.91
CA ASP A 60 -6.99 1.71 -5.89
C ASP A 60 -5.92 2.65 -5.35
N ASP A 61 -5.42 3.52 -6.22
CA ASP A 61 -4.40 4.48 -5.83
C ASP A 61 -4.88 5.91 -6.04
N SER A 62 -5.65 6.42 -5.09
CA SER A 62 -6.18 7.78 -5.18
C SER A 62 -5.52 8.68 -4.14
N LYS A 63 -5.50 8.22 -2.90
CA LYS A 63 -4.90 8.99 -1.80
C LYS A 63 -3.41 8.69 -1.68
N THR A 64 -2.75 9.37 -0.76
CA THR A 64 -1.32 9.17 -0.53
C THR A 64 -0.98 7.69 -0.43
N TRP A 65 -1.89 6.92 0.17
CA TRP A 65 -1.68 5.49 0.32
C TRP A 65 -2.38 4.71 -0.80
N TRP A 66 -1.69 3.71 -1.32
CA TRP A 66 -2.24 2.88 -2.39
C TRP A 66 -2.51 1.47 -1.91
N ARG A 67 -3.49 0.81 -2.54
CA ARG A 67 -3.85 -0.55 -2.17
C ARG A 67 -3.53 -1.52 -3.30
N VAL A 68 -2.78 -2.57 -2.98
CA VAL A 68 -2.41 -3.57 -3.98
C VAL A 68 -2.63 -4.98 -3.45
N ARG A 69 -2.45 -5.97 -4.31
CA ARG A 69 -2.63 -7.37 -3.93
C ARG A 69 -1.43 -8.21 -4.37
N ASN A 70 -1.04 -9.16 -3.53
CA ASN A 70 0.09 -10.03 -3.83
C ASN A 70 -0.37 -11.31 -4.50
N ALA A 71 0.56 -12.22 -4.75
CA ALA A 71 0.24 -13.49 -5.38
C ALA A 71 -0.50 -14.42 -4.41
N ALA A 72 -0.57 -14.01 -3.16
CA ALA A 72 -1.25 -14.80 -2.15
C ALA A 72 -2.73 -14.42 -2.05
N ASN A 73 -3.20 -13.66 -3.04
CA ASN A 73 -4.59 -13.22 -3.07
C ASN A 73 -4.91 -12.32 -1.88
N ARG A 74 -3.88 -11.82 -1.22
CA ARG A 74 -4.04 -10.96 -0.07
C ARG A 74 -4.01 -9.49 -0.49
N THR A 75 -4.82 -8.67 0.17
CA THR A 75 -4.89 -7.25 -0.13
C THR A 75 -4.59 -6.41 1.11
N GLY A 76 -3.77 -5.37 0.94
CA GLY A 76 -3.42 -4.51 2.05
C GLY A 76 -3.12 -3.09 1.61
N TYR A 77 -2.69 -2.25 2.55
CA TYR A 77 -2.38 -0.87 2.26
C TYR A 77 -0.88 -0.61 2.38
N VAL A 78 -0.39 0.37 1.64
CA VAL A 78 1.03 0.73 1.67
C VAL A 78 1.25 2.16 1.24
N PRO A 79 2.27 2.81 1.82
CA PRO A 79 2.61 4.20 1.51
C PRO A 79 3.18 4.36 0.11
N SER A 80 2.56 5.22 -0.70
CA SER A 80 3.01 5.47 -2.06
C SER A 80 4.44 5.98 -2.07
N ASN A 81 4.90 6.48 -0.94
CA ASN A 81 6.25 7.01 -0.82
C ASN A 81 7.28 5.89 -0.89
N TYR A 82 6.90 4.71 -0.38
CA TYR A 82 7.79 3.56 -0.38
C TYR A 82 7.55 2.69 -1.60
N VAL A 83 6.66 3.14 -2.48
CA VAL A 83 6.34 2.40 -3.69
C VAL A 83 6.49 3.28 -4.93
N GLU A 84 6.65 2.65 -6.09
CA GLU A 84 6.80 3.38 -7.35
C GLU A 84 6.48 2.48 -8.54
N ARG A 85 5.33 2.74 -9.17
CA ARG A 85 4.91 1.95 -10.32
C ARG A 85 5.91 2.08 -11.47
N LYS A 86 5.86 1.13 -12.40
CA LYS A 86 6.76 1.14 -13.55
C LYS A 86 6.02 0.76 -14.83
N HIS A 1 24.22 16.97 2.86
CA HIS A 1 25.29 17.03 3.85
C HIS A 1 25.61 15.63 4.38
N MET A 2 24.63 15.01 5.02
CA MET A 2 24.80 13.68 5.58
C MET A 2 23.74 12.72 5.05
N LYS A 3 24.07 11.43 5.00
CA LYS A 3 23.16 10.43 4.51
C LYS A 3 22.41 9.76 5.66
N GLU A 4 21.20 9.27 5.39
CA GLU A 4 20.39 8.62 6.41
C GLU A 4 19.19 7.93 5.78
N ARG A 5 18.35 7.33 6.63
CA ARG A 5 17.16 6.63 6.16
C ARG A 5 16.10 7.62 5.71
N PRO A 6 15.13 7.14 4.90
CA PRO A 6 14.04 7.96 4.38
C PRO A 6 13.05 8.37 5.48
N PRO A 7 12.17 9.31 5.15
CA PRO A 7 11.15 9.81 6.09
C PRO A 7 10.08 8.77 6.38
N PRO A 8 9.26 9.03 7.41
CA PRO A 8 8.17 8.13 7.81
C PRO A 8 7.04 8.10 6.78
N VAL A 9 6.01 7.31 7.07
CA VAL A 9 4.87 7.19 6.17
C VAL A 9 4.26 8.56 5.87
N PRO A 10 3.77 8.73 4.64
CA PRO A 10 3.16 9.98 4.20
C PRO A 10 1.81 10.23 4.86
N ASN A 11 1.84 10.57 6.15
CA ASN A 11 0.62 10.83 6.89
C ASN A 11 -0.49 9.86 6.49
N PRO A 12 -0.49 8.66 7.08
CA PRO A 12 -1.49 7.64 6.79
C PRO A 12 -2.87 8.00 7.32
N ASP A 13 -3.89 7.77 6.51
CA ASP A 13 -5.27 8.07 6.90
C ASP A 13 -6.26 7.27 6.07
N TYR A 14 -6.08 5.96 6.06
CA TYR A 14 -6.97 5.08 5.30
C TYR A 14 -8.27 4.83 6.05
N ASN A 15 -8.25 5.08 7.35
CA ASN A 15 -9.44 4.88 8.19
C ASN A 15 -10.58 5.78 7.73
N SER A 16 -11.73 5.19 7.48
CA SER A 16 -12.90 5.93 7.04
C SER A 16 -13.65 6.53 8.23
N LEU A 17 -14.15 5.65 9.09
CA LEU A 17 -14.89 6.09 10.28
C LEU A 17 -14.09 5.83 11.54
N LYS A 18 -14.63 6.27 12.68
CA LYS A 18 -13.96 6.08 13.96
C LYS A 18 -13.92 4.60 14.35
N LYS A 19 -15.09 4.01 14.55
CA LYS A 19 -15.19 2.60 14.90
C LYS A 19 -14.61 1.71 13.80
N GLY A 20 -15.24 1.75 12.63
CA GLY A 20 -14.77 0.95 11.51
C GLY A 20 -15.86 0.70 10.48
N SER A 21 -15.47 0.23 9.31
CA SER A 21 -16.41 -0.04 8.24
C SER A 21 -15.84 -1.06 7.25
N LEU A 22 -16.73 -1.70 6.50
CA LEU A 22 -16.31 -2.69 5.52
C LEU A 22 -16.76 -2.30 4.12
N VAL A 23 -15.80 -2.25 3.19
CA VAL A 23 -16.09 -1.88 1.81
C VAL A 23 -15.16 -2.60 0.84
N LYS A 24 -15.22 -2.22 -0.43
CA LYS A 24 -14.38 -2.84 -1.45
C LYS A 24 -14.36 -1.97 -2.71
N ASN A 25 -13.48 -2.33 -3.65
CA ASN A 25 -13.36 -1.59 -4.91
C ASN A 25 -14.08 -2.32 -6.04
N LEU A 26 -14.92 -1.61 -6.76
CA LEU A 26 -15.66 -2.19 -7.88
C LEU A 26 -14.97 -1.89 -9.21
N HIS A 27 -14.09 -2.80 -9.62
CA HIS A 27 -13.36 -2.64 -10.88
C HIS A 27 -13.85 -3.63 -11.92
N MET A 28 -14.11 -3.14 -13.13
CA MET A 28 -14.59 -4.00 -14.21
C MET A 28 -13.55 -4.10 -15.32
N THR A 29 -12.68 -3.09 -15.41
CA THR A 29 -11.63 -3.07 -16.42
C THR A 29 -10.42 -2.30 -15.94
N GLU A 30 -9.43 -3.03 -15.40
CA GLU A 30 -8.21 -2.41 -14.90
C GLU A 30 -7.15 -3.46 -14.63
N GLU A 31 -5.89 -3.12 -14.92
CA GLU A 31 -4.78 -4.03 -14.72
C GLU A 31 -3.48 -3.27 -14.51
N VAL A 32 -3.31 -2.72 -13.31
CA VAL A 32 -2.11 -1.96 -12.98
C VAL A 32 -1.22 -2.73 -12.00
N ILE A 33 0.07 -2.42 -12.00
CA ILE A 33 1.02 -3.08 -11.11
C ILE A 33 2.05 -2.09 -10.58
N VAL A 34 2.31 -2.15 -9.28
CA VAL A 34 3.28 -1.26 -8.65
C VAL A 34 4.47 -2.04 -8.12
N ILE A 35 5.58 -1.34 -7.89
CA ILE A 35 6.78 -1.97 -7.37
C ILE A 35 7.26 -1.29 -6.09
N ALA A 36 7.51 -2.10 -5.06
CA ALA A 36 7.98 -1.58 -3.78
C ALA A 36 9.40 -1.06 -3.88
N LYS A 37 9.56 0.26 -3.84
CA LYS A 37 10.88 0.87 -3.92
C LYS A 37 11.84 0.24 -2.92
N TRP A 38 11.32 -0.14 -1.76
CA TRP A 38 12.13 -0.76 -0.71
C TRP A 38 11.31 -1.75 0.09
N ASP A 39 11.88 -2.22 1.20
CA ASP A 39 11.20 -3.18 2.07
C ASP A 39 10.69 -2.49 3.33
N TYR A 40 9.37 -2.43 3.47
CA TYR A 40 8.75 -1.80 4.63
C TYR A 40 7.88 -2.80 5.38
N THR A 41 7.94 -2.74 6.71
CA THR A 41 7.15 -3.63 7.55
C THR A 41 5.87 -2.96 8.02
N ALA A 42 4.73 -3.59 7.72
CA ALA A 42 3.43 -3.05 8.12
C ALA A 42 3.38 -2.82 9.63
N GLN A 43 2.84 -1.67 10.02
CA GLN A 43 2.72 -1.33 11.43
C GLN A 43 1.28 -1.44 11.90
N GLN A 44 0.35 -1.27 10.97
CA GLN A 44 -1.08 -1.36 11.30
C GLN A 44 -1.64 -2.73 10.93
N ASP A 45 -2.93 -2.92 11.17
CA ASP A 45 -3.58 -4.18 10.86
C ASP A 45 -4.16 -4.18 9.45
N GLN A 46 -4.40 -2.99 8.92
CA GLN A 46 -4.95 -2.84 7.57
C GLN A 46 -3.83 -2.81 6.53
N GLU A 47 -2.64 -2.42 6.96
CA GLU A 47 -1.49 -2.34 6.07
C GLU A 47 -0.83 -3.70 5.91
N LEU A 48 0.07 -3.80 4.95
CA LEU A 48 0.78 -5.07 4.70
C LEU A 48 2.28 -4.83 4.57
N ASP A 49 3.05 -5.90 4.64
CA ASP A 49 4.51 -5.82 4.54
C ASP A 49 4.95 -6.00 3.08
N ILE A 50 5.77 -5.07 2.60
CA ILE A 50 6.26 -5.13 1.24
C ILE A 50 7.77 -5.28 1.21
N LYS A 51 8.28 -5.98 0.19
CA LYS A 51 9.72 -6.18 0.04
C LYS A 51 10.27 -5.39 -1.13
N LYS A 52 11.59 -5.26 -1.18
CA LYS A 52 12.25 -4.53 -2.26
C LYS A 52 12.07 -5.25 -3.59
N ASN A 53 11.84 -4.47 -4.65
CA ASN A 53 11.65 -5.04 -5.99
C ASN A 53 10.41 -5.93 -6.03
N GLU A 54 9.54 -5.77 -5.04
CA GLU A 54 8.31 -6.55 -4.96
C GLU A 54 7.20 -5.91 -5.80
N ARG A 55 6.59 -6.71 -6.67
CA ARG A 55 5.52 -6.22 -7.52
C ARG A 55 4.17 -6.79 -7.09
N LEU A 56 3.11 -6.00 -7.27
CA LEU A 56 1.77 -6.42 -6.89
C LEU A 56 0.73 -5.84 -7.85
N TRP A 57 -0.53 -6.19 -7.63
CA TRP A 57 -1.62 -5.70 -8.47
C TRP A 57 -2.25 -4.45 -7.86
N LEU A 58 -2.07 -3.32 -8.55
CA LEU A 58 -2.62 -2.05 -8.07
C LEU A 58 -4.14 -2.07 -8.13
N LEU A 59 -4.77 -1.80 -6.99
CA LEU A 59 -6.23 -1.78 -6.91
C LEU A 59 -6.77 -0.35 -6.97
N ASP A 60 -6.53 0.41 -5.91
CA ASP A 60 -6.98 1.80 -5.85
C ASP A 60 -5.88 2.71 -5.32
N ASP A 61 -5.35 3.55 -6.19
CA ASP A 61 -4.28 4.48 -5.81
C ASP A 61 -4.71 5.93 -6.04
N SER A 62 -5.51 6.45 -5.12
CA SER A 62 -5.99 7.83 -5.22
C SER A 62 -5.36 8.71 -4.16
N LYS A 63 -5.42 8.24 -2.91
CA LYS A 63 -4.85 8.98 -1.79
C LYS A 63 -3.37 8.66 -1.61
N THR A 64 -2.74 9.31 -0.64
CA THR A 64 -1.32 9.10 -0.37
C THR A 64 -0.99 7.60 -0.30
N TRP A 65 -1.90 6.84 0.30
CA TRP A 65 -1.70 5.40 0.43
C TRP A 65 -2.40 4.65 -0.70
N TRP A 66 -1.74 3.64 -1.25
CA TRP A 66 -2.29 2.85 -2.33
C TRP A 66 -2.61 1.43 -1.87
N ARG A 67 -3.59 0.80 -2.51
CA ARG A 67 -3.98 -0.56 -2.17
C ARG A 67 -3.68 -1.52 -3.32
N VAL A 68 -2.92 -2.56 -3.03
CA VAL A 68 -2.55 -3.55 -4.03
C VAL A 68 -2.87 -4.97 -3.55
N ARG A 69 -2.70 -5.94 -4.45
CA ARG A 69 -2.98 -7.33 -4.11
C ARG A 69 -1.71 -8.17 -4.24
N ASN A 70 -1.52 -9.10 -3.31
CA ASN A 70 -0.35 -9.97 -3.33
C ASN A 70 -0.58 -11.19 -4.23
N ALA A 71 0.48 -11.93 -4.51
CA ALA A 71 0.39 -13.11 -5.35
C ALA A 71 -0.33 -14.24 -4.63
N ALA A 72 -0.39 -14.15 -3.30
CA ALA A 72 -1.05 -15.17 -2.49
C ALA A 72 -2.49 -14.79 -2.21
N ASN A 73 -3.06 -13.96 -3.07
CA ASN A 73 -4.45 -13.52 -2.92
C ASN A 73 -4.60 -12.64 -1.68
N ARG A 74 -3.49 -12.08 -1.21
CA ARG A 74 -3.50 -11.23 -0.03
C ARG A 74 -3.84 -9.78 -0.40
N THR A 75 -4.37 -9.04 0.56
CA THR A 75 -4.72 -7.64 0.33
C THR A 75 -4.30 -6.77 1.50
N GLY A 76 -3.78 -5.59 1.19
CA GLY A 76 -3.33 -4.67 2.23
C GLY A 76 -2.97 -3.30 1.68
N TYR A 77 -2.76 -2.35 2.58
CA TYR A 77 -2.42 -0.99 2.18
C TYR A 77 -0.92 -0.73 2.34
N VAL A 78 -0.41 0.24 1.61
CA VAL A 78 1.00 0.59 1.67
C VAL A 78 1.23 2.04 1.27
N PRO A 79 2.26 2.67 1.87
CA PRO A 79 2.61 4.06 1.59
C PRO A 79 3.18 4.24 0.19
N SER A 80 2.55 5.11 -0.59
CA SER A 80 2.99 5.39 -1.95
C SER A 80 4.44 5.89 -1.96
N ASN A 81 4.90 6.38 -0.82
CA ASN A 81 6.25 6.89 -0.68
C ASN A 81 7.27 5.76 -0.77
N TYR A 82 6.88 4.59 -0.31
CA TYR A 82 7.77 3.43 -0.33
C TYR A 82 7.50 2.56 -1.56
N VAL A 83 6.59 3.02 -2.42
CA VAL A 83 6.24 2.29 -3.62
C VAL A 83 6.45 3.15 -4.87
N GLU A 84 6.56 2.50 -6.02
CA GLU A 84 6.76 3.21 -7.28
C GLU A 84 6.38 2.34 -8.46
N ARG A 85 5.30 2.72 -9.15
CA ARG A 85 4.82 1.96 -10.31
C ARG A 85 5.70 2.23 -11.52
N LYS A 86 5.62 1.33 -12.51
CA LYS A 86 6.41 1.47 -13.73
C LYS A 86 5.91 2.63 -14.57
N HIS A 1 27.42 6.56 0.56
CA HIS A 1 26.71 5.29 0.49
C HIS A 1 25.81 5.09 1.71
N MET A 2 24.53 5.44 1.55
CA MET A 2 23.57 5.30 2.64
C MET A 2 24.03 6.07 3.88
N LYS A 3 23.83 7.39 3.86
CA LYS A 3 24.22 8.23 4.98
C LYS A 3 23.03 8.54 5.88
N GLU A 4 21.83 8.25 5.38
CA GLU A 4 20.61 8.50 6.14
C GLU A 4 19.43 7.74 5.54
N ARG A 5 18.37 7.59 6.33
CA ARG A 5 17.18 6.88 5.87
C ARG A 5 16.10 7.86 5.43
N PRO A 6 15.14 7.35 4.64
CA PRO A 6 14.03 8.17 4.13
C PRO A 6 13.05 8.57 5.22
N PRO A 7 12.16 9.52 4.91
CA PRO A 7 11.16 10.01 5.86
C PRO A 7 10.08 8.96 6.16
N PRO A 8 9.27 9.22 7.19
CA PRO A 8 8.19 8.32 7.60
C PRO A 8 7.06 8.27 6.59
N VAL A 9 6.03 7.48 6.90
CA VAL A 9 4.88 7.34 6.01
C VAL A 9 4.25 8.70 5.71
N PRO A 10 3.76 8.87 4.47
CA PRO A 10 3.13 10.12 4.04
C PRO A 10 1.78 10.35 4.71
N ASN A 11 1.82 10.71 5.99
CA ASN A 11 0.60 10.96 6.75
C ASN A 11 -0.50 9.98 6.36
N PRO A 12 -0.48 8.79 6.96
CA PRO A 12 -1.47 7.74 6.68
C PRO A 12 -2.85 8.10 7.23
N ASP A 13 -3.88 7.86 6.42
CA ASP A 13 -5.26 8.15 6.81
C ASP A 13 -6.17 6.97 6.50
N TYR A 14 -5.85 5.81 7.06
CA TYR A 14 -6.65 4.61 6.84
C TYR A 14 -7.42 4.24 8.10
N ASN A 15 -6.99 4.75 9.24
CA ASN A 15 -7.64 4.47 10.51
C ASN A 15 -8.30 5.73 11.07
N SER A 16 -9.64 5.77 11.00
CA SER A 16 -10.39 6.92 11.50
C SER A 16 -11.82 6.52 11.85
N LEU A 17 -12.48 5.82 10.91
CA LEU A 17 -13.85 5.38 11.12
C LEU A 17 -13.89 3.91 11.54
N LYS A 18 -14.94 3.54 12.27
CA LYS A 18 -15.09 2.16 12.73
C LYS A 18 -16.56 1.74 12.69
N LYS A 19 -16.80 0.44 12.82
CA LYS A 19 -18.16 -0.09 12.80
C LYS A 19 -18.91 0.35 11.55
N GLY A 20 -18.23 0.26 10.40
CA GLY A 20 -18.85 0.66 9.15
C GLY A 20 -19.43 -0.53 8.39
N SER A 21 -20.62 -0.34 7.84
CA SER A 21 -21.29 -1.39 7.08
C SER A 21 -21.41 -1.02 5.61
N LEU A 22 -21.98 0.15 5.34
CA LEU A 22 -22.15 0.62 3.97
C LEU A 22 -20.91 1.35 3.48
N VAL A 23 -19.82 0.60 3.31
CA VAL A 23 -18.55 1.17 2.86
C VAL A 23 -18.22 0.70 1.44
N LYS A 24 -18.69 -0.50 1.11
CA LYS A 24 -18.44 -1.07 -0.22
C LYS A 24 -19.15 -0.26 -1.30
N ASN A 25 -18.40 0.10 -2.34
CA ASN A 25 -18.95 0.88 -3.44
C ASN A 25 -18.65 0.22 -4.78
N LEU A 26 -18.94 0.93 -5.87
CA LEU A 26 -18.71 0.41 -7.21
C LEU A 26 -17.24 0.06 -7.40
N HIS A 27 -16.96 -0.76 -8.41
CA HIS A 27 -15.58 -1.17 -8.70
C HIS A 27 -15.38 -1.36 -10.20
N MET A 28 -14.49 -0.57 -10.79
CA MET A 28 -14.21 -0.64 -12.21
C MET A 28 -13.00 -1.54 -12.47
N THR A 29 -12.97 -2.17 -13.64
CA THR A 29 -11.88 -3.05 -14.02
C THR A 29 -10.57 -2.28 -14.10
N GLU A 30 -9.46 -3.00 -13.97
CA GLU A 30 -8.13 -2.39 -14.03
C GLU A 30 -7.04 -3.45 -13.93
N GLU A 31 -5.93 -3.21 -14.62
CA GLU A 31 -4.81 -4.15 -14.61
C GLU A 31 -3.48 -3.41 -14.47
N VAL A 32 -3.28 -2.79 -13.30
CA VAL A 32 -2.05 -2.05 -13.02
C VAL A 32 -1.17 -2.80 -12.03
N ILE A 33 0.13 -2.49 -12.05
CA ILE A 33 1.07 -3.13 -11.16
C ILE A 33 2.10 -2.12 -10.64
N VAL A 34 2.36 -2.17 -9.34
CA VAL A 34 3.32 -1.26 -8.72
C VAL A 34 4.53 -2.03 -8.17
N ILE A 35 5.63 -1.31 -7.95
CA ILE A 35 6.84 -1.93 -7.43
C ILE A 35 7.29 -1.24 -6.14
N ALA A 36 7.56 -2.04 -5.12
CA ALA A 36 8.01 -1.51 -3.83
C ALA A 36 9.46 -1.04 -3.90
N LYS A 37 9.66 0.27 -3.87
CA LYS A 37 10.99 0.84 -3.92
C LYS A 37 11.88 0.27 -2.82
N TRP A 38 11.27 -0.05 -1.69
CA TRP A 38 12.01 -0.61 -0.56
C TRP A 38 11.13 -1.57 0.24
N ASP A 39 11.61 -1.97 1.42
CA ASP A 39 10.87 -2.89 2.27
C ASP A 39 10.27 -2.16 3.47
N TYR A 40 8.98 -2.36 3.70
CA TYR A 40 8.29 -1.71 4.80
C TYR A 40 7.58 -2.75 5.68
N THR A 41 7.62 -2.53 6.99
CA THR A 41 6.99 -3.45 7.93
C THR A 41 5.57 -3.00 8.26
N ALA A 42 4.61 -3.90 8.10
CA ALA A 42 3.21 -3.60 8.38
C ALA A 42 3.04 -3.09 9.80
N GLN A 43 2.92 -1.78 9.95
CA GLN A 43 2.75 -1.17 11.27
C GLN A 43 1.44 -1.62 11.91
N GLN A 44 0.44 -1.89 11.07
CA GLN A 44 -0.86 -2.32 11.55
C GLN A 44 -1.39 -3.48 10.73
N ASP A 45 -2.33 -4.24 11.30
CA ASP A 45 -2.91 -5.39 10.61
C ASP A 45 -3.56 -4.96 9.30
N GLN A 46 -3.92 -3.69 9.22
CA GLN A 46 -4.55 -3.14 8.01
C GLN A 46 -3.52 -2.91 6.92
N GLU A 47 -2.28 -2.66 7.32
CA GLU A 47 -1.20 -2.41 6.37
C GLU A 47 -0.63 -3.73 5.84
N LEU A 48 0.11 -3.65 4.75
CA LEU A 48 0.71 -4.83 4.14
C LEU A 48 2.23 -4.74 4.13
N ASP A 49 2.88 -5.83 4.51
CA ASP A 49 4.34 -5.87 4.55
C ASP A 49 4.91 -6.07 3.15
N ILE A 50 5.62 -5.06 2.65
CA ILE A 50 6.22 -5.13 1.33
C ILE A 50 7.73 -5.27 1.42
N LYS A 51 8.31 -6.01 0.48
CA LYS A 51 9.76 -6.22 0.45
C LYS A 51 10.39 -5.53 -0.75
N LYS A 52 11.68 -5.23 -0.64
CA LYS A 52 12.40 -4.56 -1.72
C LYS A 52 12.20 -5.31 -3.04
N ASN A 53 12.13 -4.55 -4.13
CA ASN A 53 11.95 -5.13 -5.46
C ASN A 53 10.78 -6.11 -5.46
N GLU A 54 9.61 -5.63 -5.06
CA GLU A 54 8.42 -6.46 -5.02
C GLU A 54 7.30 -5.85 -5.85
N ARG A 55 6.70 -6.66 -6.71
CA ARG A 55 5.62 -6.21 -7.58
C ARG A 55 4.28 -6.76 -7.10
N LEU A 56 3.21 -5.98 -7.30
CA LEU A 56 1.87 -6.39 -6.89
C LEU A 56 0.82 -5.83 -7.85
N TRP A 57 -0.44 -6.18 -7.61
CA TRP A 57 -1.53 -5.73 -8.45
C TRP A 57 -2.18 -4.47 -7.86
N LEU A 58 -1.99 -3.34 -8.55
CA LEU A 58 -2.55 -2.07 -8.10
C LEU A 58 -4.07 -2.10 -8.15
N LEU A 59 -4.70 -1.83 -7.01
CA LEU A 59 -6.16 -1.82 -6.93
C LEU A 59 -6.70 -0.40 -7.02
N ASP A 60 -6.49 0.38 -5.96
CA ASP A 60 -6.95 1.76 -5.92
C ASP A 60 -5.86 2.69 -5.39
N ASP A 61 -5.34 3.55 -6.26
CA ASP A 61 -4.30 4.48 -5.88
C ASP A 61 -4.75 5.92 -6.10
N SER A 62 -5.55 6.44 -5.17
CA SER A 62 -6.05 7.80 -5.28
C SER A 62 -5.44 8.69 -4.20
N LYS A 63 -5.48 8.22 -2.96
CA LYS A 63 -4.92 8.98 -1.84
C LYS A 63 -3.43 8.67 -1.67
N THR A 64 -2.80 9.35 -0.72
CA THR A 64 -1.38 9.16 -0.46
C THR A 64 -1.04 7.67 -0.38
N TRP A 65 -1.93 6.89 0.21
CA TRP A 65 -1.72 5.46 0.34
C TRP A 65 -2.42 4.69 -0.78
N TRP A 66 -1.74 3.69 -1.32
CA TRP A 66 -2.29 2.88 -2.40
C TRP A 66 -2.56 1.46 -1.93
N ARG A 67 -3.55 0.81 -2.55
CA ARG A 67 -3.91 -0.55 -2.20
C ARG A 67 -3.58 -1.51 -3.33
N VAL A 68 -2.80 -2.55 -3.02
CA VAL A 68 -2.41 -3.54 -4.02
C VAL A 68 -2.66 -4.96 -3.51
N ARG A 69 -2.51 -5.94 -4.40
CA ARG A 69 -2.72 -7.34 -4.03
C ARG A 69 -1.49 -8.18 -4.38
N ASN A 70 -1.18 -9.15 -3.54
CA ASN A 70 -0.03 -10.02 -3.76
C ASN A 70 -0.47 -11.33 -4.40
N ALA A 71 0.49 -12.23 -4.63
CA ALA A 71 0.21 -13.52 -5.23
C ALA A 71 -0.62 -14.39 -4.29
N ALA A 72 -0.72 -13.97 -3.04
CA ALA A 72 -1.49 -14.71 -2.05
C ALA A 72 -2.96 -14.32 -2.09
N ASN A 73 -3.33 -13.54 -3.11
CA ASN A 73 -4.71 -13.09 -3.26
C ASN A 73 -5.13 -12.20 -2.10
N ARG A 74 -4.14 -11.71 -1.36
CA ARG A 74 -4.41 -10.83 -0.22
C ARG A 74 -4.30 -9.37 -0.62
N THR A 75 -5.16 -8.54 -0.05
CA THR A 75 -5.17 -7.11 -0.35
C THR A 75 -4.87 -6.29 0.89
N GLY A 76 -3.88 -5.41 0.79
CA GLY A 76 -3.51 -4.57 1.92
C GLY A 76 -3.23 -3.13 1.51
N TYR A 77 -2.68 -2.35 2.44
CA TYR A 77 -2.38 -0.95 2.16
C TYR A 77 -0.88 -0.69 2.28
N VAL A 78 -0.39 0.30 1.55
CA VAL A 78 1.02 0.65 1.57
C VAL A 78 1.23 2.11 1.16
N PRO A 79 2.25 2.75 1.75
CA PRO A 79 2.58 4.14 1.47
C PRO A 79 3.15 4.33 0.06
N SER A 80 2.51 5.20 -0.72
CA SER A 80 2.95 5.47 -2.08
C SER A 80 4.38 6.00 -2.10
N ASN A 81 4.84 6.48 -0.95
CA ASN A 81 6.19 7.01 -0.83
C ASN A 81 7.23 5.89 -0.91
N TYR A 82 6.86 4.72 -0.43
CA TYR A 82 7.75 3.57 -0.44
C TYR A 82 7.49 2.69 -1.67
N VAL A 83 6.55 3.11 -2.50
CA VAL A 83 6.21 2.36 -3.71
C VAL A 83 6.42 3.22 -4.95
N GLU A 84 6.56 2.56 -6.10
CA GLU A 84 6.76 3.26 -7.37
C GLU A 84 6.40 2.36 -8.55
N ARG A 85 5.33 2.73 -9.26
CA ARG A 85 4.88 1.96 -10.41
C ARG A 85 5.78 2.21 -11.61
N LYS A 86 5.71 1.31 -12.59
CA LYS A 86 6.52 1.43 -13.79
C LYS A 86 5.76 0.91 -15.01
N HIS A 1 21.68 13.96 -2.03
CA HIS A 1 20.59 14.49 -1.24
C HIS A 1 19.80 13.36 -0.58
N MET A 2 20.49 12.30 -0.21
CA MET A 2 19.85 11.15 0.43
C MET A 2 20.67 10.68 1.62
N LYS A 3 20.76 11.51 2.65
CA LYS A 3 21.51 11.18 3.85
C LYS A 3 20.61 10.53 4.89
N GLU A 4 21.13 9.52 5.57
CA GLU A 4 20.36 8.82 6.60
C GLU A 4 19.13 8.14 5.99
N ARG A 5 18.33 7.51 6.85
CA ARG A 5 17.12 6.82 6.40
C ARG A 5 16.11 7.82 5.86
N PRO A 6 15.15 7.31 5.05
CA PRO A 6 14.11 8.14 4.45
C PRO A 6 13.11 8.65 5.49
N PRO A 7 12.26 9.62 5.08
CA PRO A 7 11.26 10.21 5.95
C PRO A 7 10.13 9.24 6.27
N PRO A 8 9.29 9.61 7.26
CA PRO A 8 8.16 8.78 7.68
C PRO A 8 7.05 8.71 6.63
N VAL A 9 6.05 7.88 6.89
CA VAL A 9 4.94 7.72 5.96
C VAL A 9 4.30 9.07 5.64
N PRO A 10 3.81 9.20 4.39
CA PRO A 10 3.16 10.44 3.94
C PRO A 10 1.81 10.67 4.61
N ASN A 11 1.83 11.03 5.88
CA ASN A 11 0.60 11.27 6.63
C ASN A 11 -0.48 10.27 6.24
N PRO A 12 -0.45 9.09 6.87
CA PRO A 12 -1.43 8.03 6.61
C PRO A 12 -2.82 8.38 7.12
N ASP A 13 -3.83 8.09 6.31
CA ASP A 13 -5.22 8.38 6.68
C ASP A 13 -6.10 7.16 6.49
N TYR A 14 -5.56 5.99 6.82
CA TYR A 14 -6.29 4.74 6.68
C TYR A 14 -7.35 4.60 7.77
N ASN A 15 -7.19 5.38 8.84
CA ASN A 15 -8.13 5.35 9.95
C ASN A 15 -8.71 6.74 10.23
N SER A 16 -10.01 6.79 10.48
CA SER A 16 -10.68 8.06 10.75
C SER A 16 -11.28 8.06 12.16
N LEU A 17 -12.32 7.26 12.36
CA LEU A 17 -12.97 7.18 13.65
C LEU A 17 -13.02 5.73 14.16
N LYS A 18 -12.04 4.94 13.72
CA LYS A 18 -11.97 3.54 14.12
C LYS A 18 -13.28 2.82 13.84
N LYS A 19 -13.47 2.41 12.58
CA LYS A 19 -14.68 1.71 12.17
C LYS A 19 -14.45 0.94 10.88
N GLY A 20 -15.18 -0.17 10.71
CA GLY A 20 -15.05 -0.97 9.51
C GLY A 20 -16.26 -1.85 9.27
N SER A 21 -16.07 -2.86 8.43
CA SER A 21 -17.17 -3.79 8.11
C SER A 21 -18.41 -3.03 7.64
N LEU A 22 -18.37 -2.53 6.43
CA LEU A 22 -19.48 -1.77 5.87
C LEU A 22 -19.76 -2.19 4.43
N VAL A 23 -19.47 -3.46 4.12
CA VAL A 23 -19.69 -3.98 2.78
C VAL A 23 -18.88 -3.22 1.74
N LYS A 24 -17.69 -3.71 1.44
CA LYS A 24 -16.82 -3.07 0.46
C LYS A 24 -16.40 -4.06 -0.62
N ASN A 25 -16.60 -3.68 -1.88
CA ASN A 25 -16.24 -4.53 -3.01
C ASN A 25 -16.17 -3.72 -4.30
N LEU A 26 -17.28 -3.04 -4.62
CA LEU A 26 -17.34 -2.23 -5.84
C LEU A 26 -17.19 -3.09 -7.08
N HIS A 27 -17.54 -2.53 -8.23
CA HIS A 27 -17.45 -3.25 -9.49
C HIS A 27 -16.70 -2.42 -10.53
N MET A 28 -15.43 -2.74 -10.74
CA MET A 28 -14.61 -2.02 -11.72
C MET A 28 -13.50 -2.92 -12.26
N THR A 29 -13.10 -2.65 -13.50
CA THR A 29 -12.05 -3.44 -14.14
C THR A 29 -10.74 -2.64 -14.20
N GLU A 30 -9.62 -3.36 -14.05
CA GLU A 30 -8.31 -2.73 -14.10
C GLU A 30 -7.20 -3.76 -13.92
N GLU A 31 -6.07 -3.53 -14.58
CA GLU A 31 -4.93 -4.43 -14.49
C GLU A 31 -3.62 -3.67 -14.36
N VAL A 32 -3.41 -3.07 -13.19
CA VAL A 32 -2.19 -2.30 -12.93
C VAL A 32 -1.30 -3.01 -11.92
N ILE A 33 0.00 -2.70 -11.97
CA ILE A 33 0.95 -3.31 -11.04
C ILE A 33 1.96 -2.27 -10.55
N VAL A 34 2.23 -2.30 -9.25
CA VAL A 34 3.18 -1.37 -8.65
C VAL A 34 4.47 -2.07 -8.25
N ILE A 35 5.44 -1.31 -7.78
CA ILE A 35 6.72 -1.85 -7.35
C ILE A 35 7.26 -1.12 -6.13
N ALA A 36 7.38 -1.85 -5.02
CA ALA A 36 7.89 -1.27 -3.78
C ALA A 36 9.33 -0.83 -3.94
N LYS A 37 9.61 0.43 -3.64
CA LYS A 37 10.95 0.98 -3.75
C LYS A 37 11.88 0.34 -2.71
N TRP A 38 11.32 -0.05 -1.58
CA TRP A 38 12.09 -0.68 -0.52
C TRP A 38 11.26 -1.72 0.21
N ASP A 39 11.78 -2.20 1.34
CA ASP A 39 11.08 -3.21 2.13
C ASP A 39 10.51 -2.59 3.41
N TYR A 40 9.21 -2.81 3.63
CA TYR A 40 8.54 -2.28 4.80
C TYR A 40 7.82 -3.38 5.58
N THR A 41 7.45 -3.08 6.82
CA THR A 41 6.76 -4.05 7.66
C THR A 41 5.33 -3.60 7.97
N ALA A 42 4.38 -4.49 7.73
CA ALA A 42 2.97 -4.18 7.98
C ALA A 42 2.76 -3.75 9.42
N GLN A 43 2.64 -2.43 9.62
CA GLN A 43 2.43 -1.88 10.96
C GLN A 43 1.15 -2.43 11.58
N GLN A 44 0.04 -2.26 10.87
CA GLN A 44 -1.26 -2.73 11.34
C GLN A 44 -1.68 -3.99 10.59
N ASP A 45 -2.94 -4.39 10.80
CA ASP A 45 -3.47 -5.58 10.14
C ASP A 45 -3.99 -5.25 8.74
N GLN A 46 -4.31 -3.97 8.53
CA GLN A 46 -4.82 -3.53 7.23
C GLN A 46 -3.68 -3.20 6.28
N GLU A 47 -2.50 -2.94 6.85
CA GLU A 47 -1.32 -2.61 6.04
C GLU A 47 -0.73 -3.86 5.42
N LEU A 48 0.01 -3.69 4.34
CA LEU A 48 0.64 -4.80 3.64
C LEU A 48 2.16 -4.75 3.78
N ASP A 49 2.79 -5.93 3.79
CA ASP A 49 4.25 -6.01 3.92
C ASP A 49 4.90 -6.08 2.54
N ILE A 50 5.71 -5.07 2.24
CA ILE A 50 6.41 -5.01 0.95
C ILE A 50 7.90 -5.29 1.12
N LYS A 51 8.52 -5.84 0.08
CA LYS A 51 9.94 -6.15 0.11
C LYS A 51 10.67 -5.44 -1.02
N LYS A 52 12.00 -5.35 -0.91
CA LYS A 52 12.82 -4.69 -1.92
C LYS A 52 12.48 -5.22 -3.31
N ASN A 53 12.06 -4.32 -4.19
CA ASN A 53 11.71 -4.69 -5.56
C ASN A 53 10.55 -5.67 -5.57
N GLU A 54 9.51 -5.36 -4.79
CA GLU A 54 8.33 -6.22 -4.70
C GLU A 54 7.20 -5.67 -5.58
N ARG A 55 6.66 -6.53 -6.43
CA ARG A 55 5.57 -6.14 -7.33
C ARG A 55 4.24 -6.71 -6.85
N LEU A 56 3.16 -5.96 -7.07
CA LEU A 56 1.84 -6.39 -6.67
C LEU A 56 0.77 -5.85 -7.61
N TRP A 57 -0.47 -6.26 -7.39
CA TRP A 57 -1.58 -5.81 -8.23
C TRP A 57 -2.21 -4.54 -7.67
N LEU A 58 -2.09 -3.45 -8.41
CA LEU A 58 -2.64 -2.17 -7.98
C LEU A 58 -4.16 -2.21 -7.97
N LEU A 59 -4.75 -1.90 -6.81
CA LEU A 59 -6.20 -1.90 -6.66
C LEU A 59 -6.76 -0.49 -6.77
N ASP A 60 -6.53 0.32 -5.75
CA ASP A 60 -7.01 1.70 -5.73
C ASP A 60 -5.92 2.65 -5.24
N ASP A 61 -5.44 3.50 -6.13
CA ASP A 61 -4.39 4.45 -5.79
C ASP A 61 -4.87 5.88 -6.03
N SER A 62 -5.64 6.41 -5.09
CA SER A 62 -6.17 7.77 -5.21
C SER A 62 -5.52 8.69 -4.19
N LYS A 63 -5.50 8.26 -2.92
CA LYS A 63 -4.90 9.04 -1.86
C LYS A 63 -3.40 8.76 -1.73
N THR A 64 -2.74 9.45 -0.82
CA THR A 64 -1.31 9.27 -0.61
C THR A 64 -0.96 7.79 -0.49
N TRP A 65 -1.84 7.03 0.13
CA TRP A 65 -1.62 5.59 0.31
C TRP A 65 -2.32 4.80 -0.79
N TRP A 66 -1.64 3.78 -1.30
CA TRP A 66 -2.18 2.94 -2.36
C TRP A 66 -2.45 1.53 -1.85
N ARG A 67 -3.43 0.86 -2.45
CA ARG A 67 -3.78 -0.50 -2.05
C ARG A 67 -3.50 -1.48 -3.19
N VAL A 68 -2.71 -2.51 -2.88
CA VAL A 68 -2.35 -3.52 -3.86
C VAL A 68 -2.57 -4.93 -3.32
N ARG A 69 -2.44 -5.92 -4.18
CA ARG A 69 -2.62 -7.31 -3.77
C ARG A 69 -1.42 -8.16 -4.17
N ASN A 70 -1.12 -9.17 -3.37
CA ASN A 70 0.02 -10.06 -3.64
C ASN A 70 -0.45 -11.36 -4.25
N ALA A 71 0.50 -12.27 -4.49
CA ALA A 71 0.19 -13.56 -5.09
C ALA A 71 -0.65 -14.41 -4.12
N ALA A 72 -0.69 -14.00 -2.85
CA ALA A 72 -1.45 -14.72 -1.84
C ALA A 72 -2.90 -14.28 -1.83
N ASN A 73 -3.28 -13.48 -2.82
CA ASN A 73 -4.65 -12.98 -2.92
C ASN A 73 -4.98 -12.06 -1.76
N ARG A 74 -3.95 -11.63 -1.03
CA ARG A 74 -4.14 -10.75 0.11
C ARG A 74 -4.06 -9.29 -0.31
N THR A 75 -4.91 -8.46 0.28
CA THR A 75 -4.94 -7.04 -0.03
C THR A 75 -4.62 -6.19 1.20
N GLY A 76 -3.69 -5.25 1.05
CA GLY A 76 -3.32 -4.39 2.15
C GLY A 76 -3.05 -2.96 1.71
N TYR A 77 -2.54 -2.16 2.64
CA TYR A 77 -2.23 -0.76 2.33
C TYR A 77 -0.73 -0.49 2.41
N VAL A 78 -0.27 0.51 1.67
CA VAL A 78 1.13 0.87 1.66
C VAL A 78 1.34 2.31 1.21
N PRO A 79 2.34 2.98 1.79
CA PRO A 79 2.66 4.37 1.45
C PRO A 79 3.23 4.52 0.05
N SER A 80 2.62 5.39 -0.74
CA SER A 80 3.07 5.63 -2.11
C SER A 80 4.51 6.13 -2.13
N ASN A 81 4.97 6.61 -0.99
CA ASN A 81 6.33 7.13 -0.88
C ASN A 81 7.35 6.00 -0.90
N TYR A 82 6.92 4.82 -0.45
CA TYR A 82 7.79 3.65 -0.41
C TYR A 82 7.54 2.74 -1.62
N VAL A 83 6.69 3.20 -2.52
CA VAL A 83 6.35 2.44 -3.72
C VAL A 83 6.41 3.31 -4.96
N GLU A 84 6.54 2.68 -6.12
CA GLU A 84 6.60 3.39 -7.39
C GLU A 84 6.25 2.47 -8.55
N ARG A 85 5.12 2.74 -9.20
CA ARG A 85 4.67 1.94 -10.32
C ARG A 85 5.75 1.87 -11.40
N LYS A 86 5.63 0.88 -12.28
CA LYS A 86 6.59 0.69 -13.37
C LYS A 86 6.27 1.62 -14.54
N HIS A 1 18.88 14.90 6.12
CA HIS A 1 18.60 15.82 7.21
C HIS A 1 19.48 15.51 8.42
N MET A 2 19.39 14.29 8.91
CA MET A 2 20.18 13.86 10.07
C MET A 2 20.69 12.44 9.88
N LYS A 3 19.77 11.48 9.84
CA LYS A 3 20.13 10.09 9.66
C LYS A 3 20.39 9.76 8.20
N GLU A 4 20.56 8.48 7.90
CA GLU A 4 20.81 8.04 6.53
C GLU A 4 19.64 7.22 5.99
N ARG A 5 18.43 7.60 6.39
CA ARG A 5 17.23 6.90 5.96
C ARG A 5 16.17 7.88 5.49
N PRO A 6 15.20 7.38 4.70
CA PRO A 6 14.11 8.20 4.16
C PRO A 6 13.13 8.64 5.25
N PRO A 7 12.25 9.59 4.90
CA PRO A 7 11.25 10.12 5.84
C PRO A 7 10.17 9.10 6.16
N PRO A 8 9.35 9.41 7.18
CA PRO A 8 8.27 8.53 7.62
C PRO A 8 7.12 8.47 6.60
N VAL A 9 6.12 7.64 6.89
CA VAL A 9 4.98 7.49 6.00
C VAL A 9 4.35 8.85 5.68
N PRO A 10 3.84 8.99 4.44
CA PRO A 10 3.21 10.23 3.99
C PRO A 10 1.87 10.48 4.68
N ASN A 11 1.92 10.84 5.95
CA ASN A 11 0.71 11.11 6.71
C ASN A 11 -0.40 10.13 6.34
N PRO A 12 -0.38 8.94 6.97
CA PRO A 12 -1.37 7.90 6.71
C PRO A 12 -2.75 8.26 7.25
N ASP A 13 -3.78 8.01 6.46
CA ASP A 13 -5.15 8.30 6.87
C ASP A 13 -6.10 7.18 6.45
N TYR A 14 -5.81 5.97 6.92
CA TYR A 14 -6.64 4.82 6.60
C TYR A 14 -7.44 4.36 7.81
N ASN A 15 -7.01 4.78 8.99
CA ASN A 15 -7.68 4.43 10.24
C ASN A 15 -9.14 4.86 10.20
N SER A 16 -10.03 3.94 10.56
CA SER A 16 -11.47 4.22 10.56
C SER A 16 -12.13 3.62 11.81
N LEU A 17 -13.35 4.05 12.07
CA LEU A 17 -14.11 3.56 13.22
C LEU A 17 -14.27 2.04 13.17
N LYS A 18 -14.95 1.49 14.16
CA LYS A 18 -15.18 0.05 14.22
C LYS A 18 -16.16 -0.40 13.14
N LYS A 19 -17.16 0.44 12.87
CA LYS A 19 -18.17 0.14 11.87
C LYS A 19 -17.75 0.68 10.50
N GLY A 20 -17.97 -0.12 9.46
CA GLY A 20 -17.60 0.30 8.11
C GLY A 20 -17.20 -0.87 7.24
N SER A 21 -16.33 -0.61 6.27
CA SER A 21 -15.87 -1.64 5.35
C SER A 21 -17.06 -2.32 4.66
N LEU A 22 -17.58 -1.68 3.63
CA LEU A 22 -18.71 -2.22 2.88
C LEU A 22 -18.29 -2.62 1.47
N VAL A 23 -18.65 -3.83 1.08
CA VAL A 23 -18.32 -4.34 -0.25
C VAL A 23 -19.29 -3.81 -1.30
N LYS A 24 -19.08 -2.58 -1.73
CA LYS A 24 -19.94 -1.95 -2.73
C LYS A 24 -19.11 -1.46 -3.91
N ASN A 25 -19.77 -0.73 -4.82
CA ASN A 25 -19.10 -0.18 -5.99
C ASN A 25 -18.45 -1.30 -6.81
N LEU A 26 -19.27 -2.08 -7.51
CA LEU A 26 -18.79 -3.17 -8.33
C LEU A 26 -18.43 -2.69 -9.74
N HIS A 27 -18.08 -3.63 -10.61
CA HIS A 27 -17.72 -3.29 -11.98
C HIS A 27 -16.52 -2.36 -12.02
N MET A 28 -16.10 -1.98 -13.22
CA MET A 28 -14.96 -1.09 -13.39
C MET A 28 -13.69 -1.71 -12.81
N THR A 29 -12.90 -2.35 -13.67
CA THR A 29 -11.66 -2.98 -13.25
C THR A 29 -10.53 -2.71 -14.23
N GLU A 30 -9.30 -2.95 -13.81
CA GLU A 30 -8.14 -2.74 -14.66
C GLU A 30 -7.04 -3.77 -14.35
N GLU A 31 -5.86 -3.53 -14.90
CA GLU A 31 -4.73 -4.42 -14.68
C GLU A 31 -3.43 -3.63 -14.50
N VAL A 32 -3.27 -3.03 -13.33
CA VAL A 32 -2.07 -2.25 -13.04
C VAL A 32 -1.19 -2.95 -12.00
N ILE A 33 0.10 -2.64 -12.02
CA ILE A 33 1.04 -3.24 -11.09
C ILE A 33 2.05 -2.21 -10.58
N VAL A 34 2.30 -2.23 -9.28
CA VAL A 34 3.24 -1.29 -8.67
C VAL A 34 4.52 -2.01 -8.25
N ILE A 35 5.52 -1.23 -7.82
CA ILE A 35 6.79 -1.79 -7.39
C ILE A 35 7.22 -1.18 -6.05
N ALA A 36 7.66 -2.04 -5.14
CA ALA A 36 8.11 -1.59 -3.82
C ALA A 36 9.54 -1.07 -3.89
N LYS A 37 9.68 0.25 -3.83
CA LYS A 37 11.00 0.88 -3.88
C LYS A 37 11.91 0.32 -2.79
N TRP A 38 11.33 -0.04 -1.66
CA TRP A 38 12.08 -0.60 -0.54
C TRP A 38 11.26 -1.62 0.22
N ASP A 39 11.76 -2.02 1.39
CA ASP A 39 11.06 -3.00 2.22
C ASP A 39 10.46 -2.34 3.46
N TYR A 40 9.18 -2.58 3.69
CA TYR A 40 8.49 -2.01 4.84
C TYR A 40 7.82 -3.10 5.67
N THR A 41 7.45 -2.75 6.90
CA THR A 41 6.79 -3.69 7.79
C THR A 41 5.36 -3.26 8.11
N ALA A 42 4.43 -4.21 8.04
CA ALA A 42 3.03 -3.92 8.30
C ALA A 42 2.85 -3.31 9.69
N GLN A 43 2.70 -1.99 9.74
CA GLN A 43 2.52 -1.29 11.01
C GLN A 43 1.25 -1.75 11.71
N GLN A 44 0.25 -2.12 10.93
CA GLN A 44 -1.03 -2.58 11.48
C GLN A 44 -1.53 -3.80 10.73
N ASP A 45 -2.77 -4.19 11.00
CA ASP A 45 -3.38 -5.35 10.35
C ASP A 45 -3.98 -4.96 9.01
N GLN A 46 -4.32 -3.69 8.86
CA GLN A 46 -4.91 -3.19 7.62
C GLN A 46 -3.83 -2.97 6.56
N GLU A 47 -2.63 -2.61 7.01
CA GLU A 47 -1.53 -2.38 6.09
C GLU A 47 -0.92 -3.70 5.62
N LEU A 48 -0.08 -3.62 4.59
CA LEU A 48 0.57 -4.81 4.04
C LEU A 48 2.09 -4.68 4.11
N ASP A 49 2.78 -5.82 4.14
CA ASP A 49 4.22 -5.84 4.20
C ASP A 49 4.83 -5.94 2.80
N ILE A 50 5.74 -5.02 2.48
CA ILE A 50 6.38 -5.01 1.18
C ILE A 50 7.88 -5.25 1.30
N LYS A 51 8.47 -5.89 0.30
CA LYS A 51 9.90 -6.17 0.29
C LYS A 51 10.57 -5.52 -0.91
N LYS A 52 11.87 -5.26 -0.78
CA LYS A 52 12.64 -4.64 -1.85
C LYS A 52 12.49 -5.42 -3.15
N ASN A 53 12.21 -4.70 -4.23
CA ASN A 53 12.03 -5.33 -5.54
C ASN A 53 10.82 -6.26 -5.54
N GLU A 54 9.70 -5.76 -5.02
CA GLU A 54 8.47 -6.56 -4.96
C GLU A 54 7.36 -5.88 -5.74
N ARG A 55 6.67 -6.65 -6.59
CA ARG A 55 5.58 -6.12 -7.40
C ARG A 55 4.25 -6.69 -6.94
N LEU A 56 3.18 -5.93 -7.13
CA LEU A 56 1.84 -6.35 -6.74
C LEU A 56 0.79 -5.80 -7.69
N TRP A 57 -0.46 -6.21 -7.49
CA TRP A 57 -1.55 -5.75 -8.33
C TRP A 57 -2.18 -4.48 -7.76
N LEU A 58 -2.05 -3.39 -8.50
CA LEU A 58 -2.61 -2.10 -8.08
C LEU A 58 -4.13 -2.15 -8.06
N LEU A 59 -4.72 -1.84 -6.91
CA LEU A 59 -6.18 -1.85 -6.77
C LEU A 59 -6.73 -0.43 -6.86
N ASP A 60 -6.49 0.37 -5.82
CA ASP A 60 -6.97 1.75 -5.78
C ASP A 60 -5.89 2.68 -5.27
N ASP A 61 -5.39 3.54 -6.14
CA ASP A 61 -4.35 4.50 -5.78
C ASP A 61 -4.81 5.94 -6.01
N SER A 62 -5.60 6.45 -5.07
CA SER A 62 -6.13 7.81 -5.17
C SER A 62 -5.49 8.71 -4.12
N LYS A 63 -5.49 8.26 -2.87
CA LYS A 63 -4.91 9.02 -1.78
C LYS A 63 -3.43 8.72 -1.63
N THR A 64 -2.77 9.41 -0.70
CA THR A 64 -1.35 9.22 -0.46
C THR A 64 -1.00 7.74 -0.38
N TRP A 65 -1.87 6.96 0.25
CA TRP A 65 -1.65 5.53 0.39
C TRP A 65 -2.36 4.75 -0.72
N TRP A 66 -1.68 3.76 -1.26
CA TRP A 66 -2.23 2.94 -2.33
C TRP A 66 -2.49 1.52 -1.85
N ARG A 67 -3.48 0.86 -2.47
CA ARG A 67 -3.82 -0.51 -2.10
C ARG A 67 -3.51 -1.47 -3.25
N VAL A 68 -2.74 -2.52 -2.94
CA VAL A 68 -2.37 -3.51 -3.94
C VAL A 68 -2.57 -4.93 -3.41
N ARG A 69 -2.45 -5.91 -4.29
CA ARG A 69 -2.60 -7.30 -3.91
C ARG A 69 -1.37 -8.11 -4.29
N ASN A 70 -1.13 -9.20 -3.56
CA ASN A 70 0.02 -10.06 -3.82
C ASN A 70 -0.44 -11.40 -4.38
N ALA A 71 0.53 -12.30 -4.62
CA ALA A 71 0.22 -13.62 -5.14
C ALA A 71 -0.51 -14.47 -4.13
N ALA A 72 -0.61 -13.96 -2.90
CA ALA A 72 -1.29 -14.68 -1.83
C ALA A 72 -2.80 -14.45 -1.90
N ASN A 73 -3.24 -13.76 -2.94
CA ASN A 73 -4.66 -13.48 -3.13
C ASN A 73 -5.17 -12.56 -2.02
N ARG A 74 -4.25 -11.94 -1.30
CA ARG A 74 -4.61 -11.02 -0.22
C ARG A 74 -4.21 -9.59 -0.58
N THR A 75 -4.99 -8.63 -0.07
CA THR A 75 -4.73 -7.22 -0.34
C THR A 75 -4.26 -6.51 0.93
N GLY A 76 -3.97 -5.22 0.81
CA GLY A 76 -3.51 -4.44 1.95
C GLY A 76 -3.24 -2.99 1.59
N TYR A 77 -2.64 -2.26 2.53
CA TYR A 77 -2.33 -0.85 2.31
C TYR A 77 -0.83 -0.61 2.39
N VAL A 78 -0.36 0.40 1.65
CA VAL A 78 1.06 0.75 1.65
C VAL A 78 1.26 2.19 1.22
N PRO A 79 2.29 2.83 1.79
CA PRO A 79 2.62 4.23 1.49
C PRO A 79 3.18 4.40 0.07
N SER A 80 2.58 5.30 -0.69
CA SER A 80 3.01 5.55 -2.06
C SER A 80 4.44 6.07 -2.09
N ASN A 81 4.92 6.51 -0.93
CA ASN A 81 6.27 7.05 -0.82
C ASN A 81 7.31 5.93 -0.91
N TYR A 82 6.96 4.76 -0.37
CA TYR A 82 7.86 3.62 -0.39
C TYR A 82 7.58 2.74 -1.61
N VAL A 83 6.67 3.18 -2.46
CA VAL A 83 6.32 2.43 -3.66
C VAL A 83 6.41 3.31 -4.91
N GLU A 84 6.50 2.68 -6.06
CA GLU A 84 6.60 3.40 -7.33
C GLU A 84 6.20 2.51 -8.50
N ARG A 85 5.06 2.82 -9.11
CA ARG A 85 4.57 2.04 -10.25
C ARG A 85 5.42 2.29 -11.49
N LYS A 86 5.36 1.36 -12.43
CA LYS A 86 6.13 1.48 -13.67
C LYS A 86 5.20 1.71 -14.86
N HIS A 1 27.23 8.08 -0.97
CA HIS A 1 26.20 7.22 -1.55
C HIS A 1 25.50 6.42 -0.47
N MET A 2 24.17 6.47 -0.48
CA MET A 2 23.37 5.75 0.51
C MET A 2 23.71 6.19 1.92
N LYS A 3 23.01 7.20 2.41
CA LYS A 3 23.24 7.72 3.75
C LYS A 3 21.91 8.10 4.42
N GLU A 4 21.81 7.81 5.72
CA GLU A 4 20.61 8.12 6.47
C GLU A 4 19.41 7.34 5.93
N ARG A 5 18.30 7.41 6.64
CA ARG A 5 17.07 6.71 6.23
C ARG A 5 16.04 7.69 5.71
N PRO A 6 15.07 7.18 4.93
CA PRO A 6 14.00 8.00 4.36
C PRO A 6 13.02 8.51 5.41
N PRO A 7 12.17 9.46 5.02
CA PRO A 7 11.17 10.06 5.92
C PRO A 7 10.06 9.08 6.28
N PRO A 8 9.25 9.44 7.28
CA PRO A 8 8.13 8.61 7.74
C PRO A 8 7.00 8.53 6.72
N VAL A 9 5.95 7.80 7.06
CA VAL A 9 4.81 7.64 6.18
C VAL A 9 4.18 8.99 5.86
N PRO A 10 3.74 9.15 4.60
CA PRO A 10 3.11 10.40 4.13
C PRO A 10 1.72 10.61 4.74
N ASN A 11 1.70 10.95 6.02
CA ASN A 11 0.44 11.19 6.72
C ASN A 11 -0.63 10.18 6.28
N PRO A 12 -0.60 8.99 6.89
CA PRO A 12 -1.55 7.92 6.57
C PRO A 12 -2.97 8.25 7.05
N ASP A 13 -3.94 7.97 6.20
CA ASP A 13 -5.34 8.23 6.54
C ASP A 13 -6.19 6.98 6.34
N TYR A 14 -5.64 5.83 6.71
CA TYR A 14 -6.34 4.56 6.57
C TYR A 14 -7.42 4.42 7.64
N ASN A 15 -7.31 5.23 8.69
CA ASN A 15 -8.27 5.19 9.79
C ASN A 15 -7.94 6.25 10.83
N SER A 16 -6.78 6.13 11.45
CA SER A 16 -6.35 7.07 12.47
C SER A 16 -4.97 6.72 13.01
N LEU A 17 -4.90 5.67 13.82
CA LEU A 17 -3.63 5.22 14.39
C LEU A 17 -3.84 3.96 15.23
N LYS A 18 -4.77 3.12 14.80
CA LYS A 18 -5.06 1.88 15.51
C LYS A 18 -5.78 0.89 14.61
N LYS A 19 -5.62 -0.40 14.89
CA LYS A 19 -6.25 -1.44 14.11
C LYS A 19 -7.78 -1.41 14.28
N GLY A 20 -8.48 -2.23 13.51
CA GLY A 20 -9.93 -2.27 13.59
C GLY A 20 -10.58 -1.54 12.44
N SER A 21 -11.91 -1.62 12.37
CA SER A 21 -12.67 -0.96 11.31
C SER A 21 -12.27 -1.51 9.94
N LEU A 22 -12.70 -2.74 9.66
CA LEU A 22 -12.39 -3.38 8.38
C LEU A 22 -13.44 -4.42 8.03
N VAL A 23 -14.19 -4.16 6.96
CA VAL A 23 -15.23 -5.08 6.53
C VAL A 23 -15.89 -4.60 5.23
N LYS A 24 -16.20 -5.54 4.34
CA LYS A 24 -16.83 -5.21 3.07
C LYS A 24 -15.92 -4.32 2.23
N ASN A 25 -15.21 -4.93 1.28
CA ASN A 25 -14.30 -4.19 0.42
C ASN A 25 -13.64 -5.12 -0.60
N LEU A 26 -14.20 -5.15 -1.81
CA LEU A 26 -13.67 -6.00 -2.87
C LEU A 26 -14.19 -5.56 -4.23
N HIS A 27 -13.34 -5.64 -5.24
CA HIS A 27 -13.72 -5.25 -6.59
C HIS A 27 -12.90 -6.02 -7.63
N MET A 28 -13.39 -6.06 -8.86
CA MET A 28 -12.71 -6.76 -9.94
C MET A 28 -12.66 -5.91 -11.20
N THR A 29 -11.57 -5.18 -11.37
CA THR A 29 -11.40 -4.31 -12.53
C THR A 29 -10.00 -3.70 -12.56
N GLU A 30 -9.62 -3.15 -13.72
CA GLU A 30 -8.31 -2.53 -13.87
C GLU A 30 -7.20 -3.57 -13.73
N GLU A 31 -6.12 -3.37 -14.48
CA GLU A 31 -4.99 -4.29 -14.45
C GLU A 31 -3.68 -3.52 -14.32
N VAL A 32 -3.47 -2.91 -13.15
CA VAL A 32 -2.25 -2.14 -12.91
C VAL A 32 -1.33 -2.87 -11.92
N ILE A 33 -0.05 -2.55 -11.98
CA ILE A 33 0.93 -3.18 -11.10
C ILE A 33 1.97 -2.16 -10.62
N VAL A 34 2.25 -2.18 -9.32
CA VAL A 34 3.23 -1.27 -8.74
C VAL A 34 4.44 -2.02 -8.21
N ILE A 35 5.53 -1.30 -7.99
CA ILE A 35 6.75 -1.90 -7.49
C ILE A 35 7.24 -1.19 -6.22
N ALA A 36 7.46 -1.96 -5.17
CA ALA A 36 7.93 -1.41 -3.91
C ALA A 36 9.38 -0.95 -4.00
N LYS A 37 9.59 0.36 -3.87
CA LYS A 37 10.92 0.94 -3.95
C LYS A 37 11.85 0.32 -2.89
N TRP A 38 11.27 -0.06 -1.75
CA TRP A 38 12.04 -0.66 -0.67
C TRP A 38 11.22 -1.73 0.05
N ASP A 39 11.73 -2.19 1.19
CA ASP A 39 11.03 -3.21 1.97
C ASP A 39 10.48 -2.61 3.26
N TYR A 40 9.16 -2.64 3.39
CA TYR A 40 8.49 -2.11 4.57
C TYR A 40 7.59 -3.16 5.22
N THR A 41 7.57 -3.16 6.54
CA THR A 41 6.75 -4.11 7.29
C THR A 41 5.46 -3.47 7.78
N ALA A 42 4.34 -4.15 7.55
CA ALA A 42 3.04 -3.64 7.97
C ALA A 42 3.02 -3.35 9.47
N GLN A 43 2.63 -2.13 9.83
CA GLN A 43 2.57 -1.73 11.22
C GLN A 43 1.22 -2.06 11.83
N GLN A 44 0.15 -1.75 11.10
CA GLN A 44 -1.20 -2.02 11.57
C GLN A 44 -1.69 -3.39 11.07
N ASP A 45 -2.98 -3.65 11.26
CA ASP A 45 -3.57 -4.91 10.83
C ASP A 45 -4.10 -4.81 9.40
N GLN A 46 -4.22 -3.58 8.91
CA GLN A 46 -4.73 -3.33 7.57
C GLN A 46 -3.59 -3.11 6.59
N GLU A 47 -2.40 -2.80 7.12
CA GLU A 47 -1.23 -2.56 6.29
C GLU A 47 -0.65 -3.88 5.79
N LEU A 48 0.18 -3.80 4.74
CA LEU A 48 0.81 -4.99 4.18
C LEU A 48 2.32 -4.82 4.11
N ASP A 49 3.03 -5.93 4.28
CA ASP A 49 4.49 -5.90 4.24
C ASP A 49 5.00 -6.06 2.81
N ILE A 50 5.66 -5.03 2.30
CA ILE A 50 6.20 -5.06 0.95
C ILE A 50 7.71 -5.26 0.96
N LYS A 51 8.23 -5.87 -0.10
CA LYS A 51 9.65 -6.12 -0.23
C LYS A 51 10.27 -5.27 -1.33
N LYS A 52 11.59 -5.12 -1.29
CA LYS A 52 12.30 -4.33 -2.29
C LYS A 52 12.19 -4.96 -3.66
N ASN A 53 11.88 -4.15 -4.67
CA ASN A 53 11.74 -4.62 -6.04
C ASN A 53 10.55 -5.58 -6.16
N GLU A 54 9.69 -5.58 -5.15
CA GLU A 54 8.52 -6.44 -5.14
C GLU A 54 7.37 -5.81 -5.93
N ARG A 55 6.71 -6.62 -6.74
CA ARG A 55 5.59 -6.14 -7.55
C ARG A 55 4.27 -6.71 -7.04
N LEU A 56 3.19 -5.96 -7.26
CA LEU A 56 1.87 -6.39 -6.82
C LEU A 56 0.78 -5.86 -7.76
N TRP A 57 -0.46 -6.22 -7.49
CA TRP A 57 -1.59 -5.77 -8.31
C TRP A 57 -2.23 -4.52 -7.72
N LEU A 58 -2.08 -3.40 -8.43
CA LEU A 58 -2.64 -2.14 -7.97
C LEU A 58 -4.16 -2.18 -7.98
N LEU A 59 -4.76 -1.89 -6.82
CA LEU A 59 -6.22 -1.90 -6.69
C LEU A 59 -6.78 -0.48 -6.80
N ASP A 60 -6.57 0.30 -5.75
CA ASP A 60 -7.06 1.68 -5.72
C ASP A 60 -5.98 2.63 -5.20
N ASP A 61 -5.49 3.49 -6.07
CA ASP A 61 -4.45 4.45 -5.69
C ASP A 61 -4.93 5.88 -5.92
N SER A 62 -5.68 6.42 -4.96
CA SER A 62 -6.20 7.78 -5.06
C SER A 62 -5.51 8.69 -4.05
N LYS A 63 -5.47 8.26 -2.79
CA LYS A 63 -4.85 9.05 -1.73
C LYS A 63 -3.35 8.75 -1.64
N THR A 64 -2.68 9.42 -0.72
CA THR A 64 -1.24 9.22 -0.53
C THR A 64 -0.90 7.75 -0.39
N TRP A 65 -1.86 6.97 0.10
CA TRP A 65 -1.66 5.54 0.29
C TRP A 65 -2.36 4.74 -0.82
N TRP A 66 -1.67 3.73 -1.33
CA TRP A 66 -2.22 2.89 -2.39
C TRP A 66 -2.46 1.47 -1.90
N ARG A 67 -3.48 0.81 -2.45
CA ARG A 67 -3.80 -0.55 -2.06
C ARG A 67 -3.49 -1.52 -3.19
N VAL A 68 -2.69 -2.54 -2.89
CA VAL A 68 -2.32 -3.54 -3.89
C VAL A 68 -2.52 -4.95 -3.35
N ARG A 69 -2.43 -5.94 -4.24
CA ARG A 69 -2.60 -7.34 -3.85
C ARG A 69 -1.38 -8.16 -4.24
N ASN A 70 -1.09 -9.18 -3.43
CA ASN A 70 0.06 -10.05 -3.69
C ASN A 70 -0.39 -11.36 -4.32
N ALA A 71 0.57 -12.24 -4.58
CA ALA A 71 0.28 -13.54 -5.18
C ALA A 71 -0.56 -14.40 -4.24
N ALA A 72 -0.62 -14.01 -2.96
CA ALA A 72 -1.39 -14.74 -1.97
C ALA A 72 -2.85 -14.31 -1.97
N ASN A 73 -3.22 -13.50 -2.97
CA ASN A 73 -4.59 -13.02 -3.09
C ASN A 73 -4.96 -12.12 -1.92
N ARG A 74 -3.95 -11.69 -1.17
CA ARG A 74 -4.16 -10.82 -0.01
C ARG A 74 -4.08 -9.35 -0.42
N THR A 75 -4.94 -8.54 0.17
CA THR A 75 -4.97 -7.10 -0.12
C THR A 75 -4.68 -6.27 1.12
N GLY A 76 -3.81 -5.28 0.98
CA GLY A 76 -3.47 -4.43 2.10
C GLY A 76 -3.18 -3.00 1.68
N TYR A 77 -2.67 -2.20 2.60
CA TYR A 77 -2.36 -0.80 2.32
C TYR A 77 -0.86 -0.54 2.44
N VAL A 78 -0.37 0.42 1.67
CA VAL A 78 1.05 0.77 1.69
C VAL A 78 1.26 2.21 1.26
N PRO A 79 2.29 2.85 1.83
CA PRO A 79 2.63 4.25 1.51
C PRO A 79 3.18 4.41 0.10
N SER A 80 2.54 5.25 -0.68
CA SER A 80 2.97 5.49 -2.06
C SER A 80 4.42 6.00 -2.10
N ASN A 81 4.89 6.50 -0.97
CA ASN A 81 6.25 7.03 -0.86
C ASN A 81 7.26 5.89 -0.92
N TYR A 82 6.86 4.72 -0.46
CA TYR A 82 7.74 3.55 -0.45
C TYR A 82 7.47 2.66 -1.67
N VAL A 83 6.56 3.11 -2.53
CA VAL A 83 6.22 2.36 -3.73
C VAL A 83 6.34 3.23 -4.98
N GLU A 84 6.50 2.58 -6.13
CA GLU A 84 6.62 3.30 -7.39
C GLU A 84 6.32 2.37 -8.57
N ARG A 85 5.28 2.72 -9.33
CA ARG A 85 4.88 1.93 -10.48
C ARG A 85 6.04 1.79 -11.47
N LYS A 86 6.42 0.54 -11.74
CA LYS A 86 7.52 0.27 -12.67
C LYS A 86 8.83 0.84 -12.15
N HIS A 1 26.67 16.12 0.96
CA HIS A 1 27.64 15.59 1.92
C HIS A 1 26.94 15.04 3.15
N MET A 2 25.96 14.17 2.93
CA MET A 2 25.20 13.57 4.03
C MET A 2 24.28 12.47 3.50
N LYS A 3 24.26 11.34 4.20
CA LYS A 3 23.42 10.21 3.81
C LYS A 3 22.62 9.69 5.00
N GLU A 4 21.40 9.23 4.73
CA GLU A 4 20.54 8.70 5.79
C GLU A 4 19.34 7.97 5.20
N ARG A 5 18.42 7.55 6.07
CA ARG A 5 17.22 6.84 5.63
C ARG A 5 16.15 7.82 5.19
N PRO A 6 15.17 7.33 4.42
CA PRO A 6 14.06 8.15 3.92
C PRO A 6 13.10 8.56 5.03
N PRO A 7 12.21 9.51 4.71
CA PRO A 7 11.21 10.02 5.67
C PRO A 7 10.15 8.98 5.98
N PRO A 8 9.35 9.25 7.02
CA PRO A 8 8.27 8.36 7.45
C PRO A 8 7.12 8.32 6.45
N VAL A 9 6.08 7.55 6.79
CA VAL A 9 4.92 7.41 5.92
C VAL A 9 4.31 8.78 5.61
N PRO A 10 3.79 8.94 4.38
CA PRO A 10 3.17 10.19 3.94
C PRO A 10 1.84 10.44 4.63
N ASN A 11 1.90 10.80 5.91
CA ASN A 11 0.69 11.08 6.68
C ASN A 11 -0.43 10.11 6.30
N PRO A 12 -0.42 8.92 6.93
CA PRO A 12 -1.42 7.89 6.68
C PRO A 12 -2.80 8.27 7.22
N ASP A 13 -3.83 8.04 6.42
CA ASP A 13 -5.20 8.36 6.83
C ASP A 13 -6.12 7.17 6.58
N TYR A 14 -5.82 6.04 7.20
CA TYR A 14 -6.62 4.84 7.05
C TYR A 14 -7.34 4.50 8.35
N ASN A 15 -7.01 5.22 9.41
CA ASN A 15 -7.63 5.00 10.72
C ASN A 15 -9.15 5.18 10.63
N SER A 16 -9.84 4.85 11.71
CA SER A 16 -11.29 4.98 11.77
C SER A 16 -11.70 6.43 11.98
N LEU A 17 -12.10 7.09 10.89
CA LEU A 17 -12.52 8.49 10.96
C LEU A 17 -13.62 8.77 9.94
N LYS A 18 -14.41 9.82 10.19
CA LYS A 18 -15.49 10.19 9.30
C LYS A 18 -16.45 9.03 9.09
N LYS A 19 -16.52 8.14 10.06
CA LYS A 19 -17.40 6.97 9.98
C LYS A 19 -17.04 6.11 8.78
N GLY A 20 -15.74 5.88 8.59
CA GLY A 20 -15.28 5.06 7.48
C GLY A 20 -15.74 5.59 6.14
N SER A 21 -16.41 4.74 5.37
CA SER A 21 -16.90 5.13 4.05
C SER A 21 -18.41 4.90 3.93
N LEU A 22 -19.10 5.85 3.33
CA LEU A 22 -20.54 5.75 3.16
C LEU A 22 -20.89 5.24 1.76
N VAL A 23 -20.01 5.50 0.81
CA VAL A 23 -20.22 5.06 -0.57
C VAL A 23 -18.93 4.50 -1.17
N LYS A 24 -19.02 3.30 -1.73
CA LYS A 24 -17.87 2.66 -2.35
C LYS A 24 -18.29 1.75 -3.50
N ASN A 25 -17.95 2.14 -4.72
CA ASN A 25 -18.29 1.36 -5.91
C ASN A 25 -17.07 1.12 -6.78
N LEU A 26 -17.25 0.35 -7.84
CA LEU A 26 -16.16 0.04 -8.76
C LEU A 26 -16.67 -0.04 -10.20
N HIS A 27 -16.14 0.84 -11.05
CA HIS A 27 -16.54 0.87 -12.46
C HIS A 27 -15.31 0.82 -13.37
N MET A 28 -15.45 0.14 -14.50
CA MET A 28 -14.34 0.03 -15.45
C MET A 28 -13.12 -0.63 -14.81
N THR A 29 -12.98 -1.93 -15.01
CA THR A 29 -11.86 -2.67 -14.45
C THR A 29 -10.59 -2.47 -15.27
N GLU A 30 -9.44 -2.64 -14.63
CA GLU A 30 -8.17 -2.48 -15.31
C GLU A 30 -7.15 -3.50 -14.81
N GLU A 31 -5.89 -3.30 -15.18
CA GLU A 31 -4.82 -4.20 -14.76
C GLU A 31 -3.50 -3.45 -14.59
N VAL A 32 -3.33 -2.83 -13.43
CA VAL A 32 -2.12 -2.07 -13.13
C VAL A 32 -1.25 -2.81 -12.13
N ILE A 33 0.06 -2.53 -12.16
CA ILE A 33 1.00 -3.17 -11.25
C ILE A 33 2.03 -2.17 -10.75
N VAL A 34 2.27 -2.21 -9.44
CA VAL A 34 3.25 -1.31 -8.82
C VAL A 34 4.49 -2.06 -8.38
N ILE A 35 5.50 -1.32 -7.93
CA ILE A 35 6.75 -1.91 -7.47
C ILE A 35 7.25 -1.23 -6.20
N ALA A 36 7.59 -2.04 -5.20
CA ALA A 36 8.09 -1.52 -3.94
C ALA A 36 9.56 -1.10 -4.05
N LYS A 37 9.81 0.18 -3.82
CA LYS A 37 11.16 0.72 -3.91
C LYS A 37 12.00 0.25 -2.72
N TRP A 38 11.34 -0.03 -1.61
CA TRP A 38 12.02 -0.48 -0.40
C TRP A 38 11.17 -1.51 0.35
N ASP A 39 11.59 -1.83 1.57
CA ASP A 39 10.87 -2.80 2.39
C ASP A 39 10.20 -2.11 3.58
N TYR A 40 8.90 -2.31 3.72
CA TYR A 40 8.15 -1.71 4.81
C TYR A 40 7.38 -2.77 5.59
N THR A 41 7.42 -2.66 6.92
CA THR A 41 6.72 -3.61 7.79
C THR A 41 5.33 -3.10 8.15
N ALA A 42 4.35 -3.99 8.01
CA ALA A 42 2.97 -3.63 8.33
C ALA A 42 2.84 -3.12 9.76
N GLN A 43 2.78 -1.80 9.91
CA GLN A 43 2.66 -1.19 11.23
C GLN A 43 1.43 -1.71 11.97
N GLN A 44 0.41 -2.09 11.20
CA GLN A 44 -0.83 -2.61 11.78
C GLN A 44 -1.36 -3.79 10.97
N ASP A 45 -2.59 -4.19 11.27
CA ASP A 45 -3.21 -5.31 10.57
C ASP A 45 -3.75 -4.88 9.21
N GLN A 46 -4.14 -3.61 9.12
CA GLN A 46 -4.68 -3.06 7.88
C GLN A 46 -3.59 -2.97 6.81
N GLU A 47 -2.39 -2.58 7.23
CA GLU A 47 -1.27 -2.45 6.31
C GLU A 47 -0.70 -3.82 5.95
N LEU A 48 0.20 -3.84 4.96
CA LEU A 48 0.82 -5.07 4.51
C LEU A 48 2.33 -4.94 4.45
N ASP A 49 3.04 -5.98 4.85
CA ASP A 49 4.50 -5.98 4.84
C ASP A 49 5.03 -6.24 3.44
N ILE A 50 5.69 -5.24 2.87
CA ILE A 50 6.26 -5.36 1.53
C ILE A 50 7.78 -5.34 1.56
N LYS A 51 8.40 -6.12 0.69
CA LYS A 51 9.85 -6.20 0.61
C LYS A 51 10.37 -5.56 -0.67
N LYS A 52 11.54 -4.94 -0.59
CA LYS A 52 12.15 -4.30 -1.75
C LYS A 52 12.01 -5.17 -3.00
N ASN A 53 12.01 -4.53 -4.16
CA ASN A 53 11.89 -5.25 -5.42
C ASN A 53 10.70 -6.21 -5.39
N GLU A 54 9.52 -5.67 -5.11
CA GLU A 54 8.31 -6.47 -5.04
C GLU A 54 7.20 -5.85 -5.89
N ARG A 55 6.58 -6.68 -6.73
CA ARG A 55 5.51 -6.21 -7.61
C ARG A 55 4.16 -6.75 -7.14
N LEU A 56 3.12 -5.95 -7.32
CA LEU A 56 1.77 -6.34 -6.92
C LEU A 56 0.72 -5.76 -7.87
N TRP A 57 -0.53 -6.15 -7.67
CA TRP A 57 -1.62 -5.67 -8.51
C TRP A 57 -2.25 -4.41 -7.92
N LEU A 58 -2.10 -3.30 -8.64
CA LEU A 58 -2.64 -2.02 -8.19
C LEU A 58 -4.17 -2.06 -8.17
N LEU A 59 -4.76 -1.85 -7.00
CA LEU A 59 -6.20 -1.85 -6.85
C LEU A 59 -6.76 -0.42 -6.94
N ASP A 60 -6.54 0.36 -5.89
CA ASP A 60 -7.01 1.73 -5.85
C ASP A 60 -5.92 2.67 -5.33
N ASP A 61 -5.42 3.54 -6.22
CA ASP A 61 -4.38 4.48 -5.84
C ASP A 61 -4.85 5.92 -6.07
N SER A 62 -5.64 6.43 -5.13
CA SER A 62 -6.15 7.79 -5.22
C SER A 62 -5.52 8.70 -4.18
N LYS A 63 -5.52 8.23 -2.93
CA LYS A 63 -4.93 8.99 -1.84
C LYS A 63 -3.44 8.69 -1.69
N THR A 64 -2.80 9.38 -0.75
CA THR A 64 -1.37 9.17 -0.51
C THR A 64 -1.03 7.69 -0.42
N TRP A 65 -1.91 6.92 0.20
CA TRP A 65 -1.70 5.49 0.34
C TRP A 65 -2.40 4.72 -0.77
N TRP A 66 -1.72 3.71 -1.30
CA TRP A 66 -2.28 2.89 -2.38
C TRP A 66 -2.56 1.47 -1.90
N ARG A 67 -3.50 0.81 -2.54
CA ARG A 67 -3.86 -0.56 -2.18
C ARG A 67 -3.56 -1.52 -3.33
N VAL A 68 -2.82 -2.58 -3.02
CA VAL A 68 -2.47 -3.58 -4.04
C VAL A 68 -2.69 -4.99 -3.50
N ARG A 69 -2.51 -5.98 -4.38
CA ARG A 69 -2.68 -7.37 -4.00
C ARG A 69 -1.50 -8.21 -4.46
N ASN A 70 -1.09 -9.16 -3.62
CA ASN A 70 0.03 -10.04 -3.93
C ASN A 70 -0.44 -11.32 -4.61
N ALA A 71 0.49 -12.23 -4.87
CA ALA A 71 0.16 -13.50 -5.50
C ALA A 71 -0.58 -14.42 -4.55
N ALA A 72 -0.65 -14.02 -3.28
CA ALA A 72 -1.33 -14.81 -2.27
C ALA A 72 -2.81 -14.43 -2.18
N ASN A 73 -3.28 -13.66 -3.15
CA ASN A 73 -4.67 -13.21 -3.17
C ASN A 73 -4.98 -12.33 -1.98
N ARG A 74 -3.93 -11.83 -1.32
CA ARG A 74 -4.10 -10.97 -0.16
C ARG A 74 -4.05 -9.50 -0.56
N THR A 75 -4.84 -8.68 0.13
CA THR A 75 -4.89 -7.25 -0.17
C THR A 75 -4.57 -6.42 1.07
N GLY A 76 -3.74 -5.40 0.91
CA GLY A 76 -3.37 -4.55 2.02
C GLY A 76 -3.09 -3.12 1.59
N TYR A 77 -2.68 -2.29 2.54
CA TYR A 77 -2.38 -0.90 2.26
C TYR A 77 -0.87 -0.62 2.42
N VAL A 78 -0.38 0.34 1.64
CA VAL A 78 1.03 0.70 1.68
C VAL A 78 1.25 2.15 1.25
N PRO A 79 2.27 2.79 1.82
CA PRO A 79 2.61 4.18 1.50
C PRO A 79 3.17 4.34 0.10
N SER A 80 2.53 5.20 -0.69
CA SER A 80 2.97 5.43 -2.06
C SER A 80 4.40 5.97 -2.10
N ASN A 81 4.86 6.46 -0.96
CA ASN A 81 6.21 6.99 -0.85
C ASN A 81 7.25 5.88 -0.90
N TYR A 82 6.86 4.69 -0.43
CA TYR A 82 7.76 3.55 -0.41
C TYR A 82 7.51 2.65 -1.63
N VAL A 83 6.62 3.09 -2.50
CA VAL A 83 6.29 2.34 -3.71
C VAL A 83 6.36 3.22 -4.95
N GLU A 84 6.52 2.59 -6.11
CA GLU A 84 6.60 3.33 -7.37
C GLU A 84 6.30 2.40 -8.55
N ARG A 85 5.23 2.73 -9.29
CA ARG A 85 4.83 1.93 -10.44
C ARG A 85 5.85 2.07 -11.57
N LYS A 86 5.83 1.13 -12.52
CA LYS A 86 6.74 1.16 -13.65
C LYS A 86 6.68 2.51 -14.36
N HIS A 1 18.68 11.54 13.61
CA HIS A 1 19.90 11.95 14.30
C HIS A 1 21.14 11.48 13.53
N MET A 2 21.59 12.31 12.59
CA MET A 2 22.77 11.97 11.79
C MET A 2 22.56 10.65 11.06
N LYS A 3 21.43 10.52 10.39
CA LYS A 3 21.11 9.31 9.64
C LYS A 3 21.09 9.58 8.14
N GLU A 4 20.80 8.56 7.36
CA GLU A 4 20.75 8.68 5.90
C GLU A 4 19.57 7.89 5.33
N ARG A 5 18.47 7.86 6.07
CA ARG A 5 17.28 7.14 5.63
C ARG A 5 16.18 8.12 5.20
N PRO A 6 15.22 7.61 4.42
CA PRO A 6 14.10 8.41 3.92
C PRO A 6 13.13 8.80 5.04
N PRO A 7 12.22 9.74 4.72
CA PRO A 7 11.22 10.22 5.68
C PRO A 7 10.16 9.16 6.00
N PRO A 8 9.36 9.43 7.04
CA PRO A 8 8.30 8.51 7.46
C PRO A 8 7.15 8.45 6.46
N VAL A 9 6.11 7.69 6.79
CA VAL A 9 4.96 7.54 5.93
C VAL A 9 4.33 8.90 5.61
N PRO A 10 3.82 9.05 4.38
CA PRO A 10 3.20 10.30 3.92
C PRO A 10 1.86 10.55 4.61
N ASN A 11 1.92 10.93 5.88
CA ASN A 11 0.71 11.20 6.66
C ASN A 11 -0.41 10.23 6.29
N PRO A 12 -0.39 9.05 6.92
CA PRO A 12 -1.39 8.00 6.67
C PRO A 12 -2.76 8.38 7.22
N ASP A 13 -3.80 8.13 6.42
CA ASP A 13 -5.17 8.45 6.82
C ASP A 13 -6.09 7.26 6.57
N TYR A 14 -5.60 6.06 6.86
CA TYR A 14 -6.39 4.84 6.66
C TYR A 14 -7.47 4.71 7.73
N ASN A 15 -7.28 5.43 8.84
CA ASN A 15 -8.24 5.37 9.94
C ASN A 15 -8.33 3.97 10.53
N SER A 16 -7.70 3.79 11.69
CA SER A 16 -7.71 2.50 12.35
C SER A 16 -9.01 2.28 13.13
N LEU A 17 -9.93 1.54 12.54
CA LEU A 17 -11.22 1.27 13.17
C LEU A 17 -11.10 0.13 14.17
N LYS A 18 -12.05 0.06 15.10
CA LYS A 18 -12.05 -0.99 16.12
C LYS A 18 -13.09 -2.05 15.79
N LYS A 19 -12.62 -3.22 15.36
CA LYS A 19 -13.51 -4.32 15.01
C LYS A 19 -14.44 -3.94 13.88
N GLY A 20 -13.91 -3.90 12.67
CA GLY A 20 -14.70 -3.54 11.51
C GLY A 20 -14.24 -4.23 10.25
N SER A 21 -13.12 -3.77 9.70
CA SER A 21 -12.57 -4.35 8.48
C SER A 21 -13.46 -4.03 7.28
N LEU A 22 -14.58 -4.74 7.18
CA LEU A 22 -15.52 -4.53 6.09
C LEU A 22 -14.83 -4.73 4.73
N VAL A 23 -14.89 -5.96 4.23
CA VAL A 23 -14.26 -6.28 2.95
C VAL A 23 -15.15 -7.23 2.14
N LYS A 24 -15.97 -6.65 1.26
CA LYS A 24 -16.86 -7.45 0.43
C LYS A 24 -17.10 -6.76 -0.91
N ASN A 25 -16.39 -7.21 -1.94
CA ASN A 25 -16.53 -6.63 -3.28
C ASN A 25 -16.09 -7.63 -4.34
N LEU A 26 -16.29 -7.26 -5.61
CA LEU A 26 -15.91 -8.12 -6.73
C LEU A 26 -15.92 -7.34 -8.04
N HIS A 27 -14.79 -7.35 -8.74
CA HIS A 27 -14.67 -6.65 -10.01
C HIS A 27 -13.82 -7.44 -10.99
N MET A 28 -13.88 -7.07 -12.26
CA MET A 28 -13.12 -7.75 -13.30
C MET A 28 -12.72 -6.77 -14.41
N THR A 29 -11.97 -5.74 -14.04
CA THR A 29 -11.52 -4.74 -14.99
C THR A 29 -10.23 -4.07 -14.51
N GLU A 30 -9.42 -3.62 -15.47
CA GLU A 30 -8.16 -2.95 -15.15
C GLU A 30 -7.19 -3.93 -14.48
N GLU A 31 -5.91 -3.75 -14.76
CA GLU A 31 -4.87 -4.61 -14.18
C GLU A 31 -3.53 -3.88 -14.10
N VAL A 32 -3.36 -3.11 -13.03
CA VAL A 32 -2.13 -2.36 -12.82
C VAL A 32 -1.22 -3.05 -11.82
N ILE A 33 0.06 -2.74 -11.88
CA ILE A 33 1.03 -3.33 -10.96
C ILE A 33 2.05 -2.29 -10.48
N VAL A 34 2.31 -2.29 -9.18
CA VAL A 34 3.26 -1.36 -8.59
C VAL A 34 4.53 -2.07 -8.16
N ILE A 35 5.51 -1.29 -7.70
CA ILE A 35 6.78 -1.83 -7.25
C ILE A 35 7.27 -1.13 -5.99
N ALA A 36 7.53 -1.91 -4.94
CA ALA A 36 8.01 -1.36 -3.68
C ALA A 36 9.44 -0.86 -3.80
N LYS A 37 9.62 0.45 -3.78
CA LYS A 37 10.94 1.05 -3.88
C LYS A 37 11.89 0.45 -2.86
N TRP A 38 11.36 0.09 -1.70
CA TRP A 38 12.17 -0.49 -0.63
C TRP A 38 11.38 -1.58 0.11
N ASP A 39 11.93 -2.03 1.23
CA ASP A 39 11.28 -3.06 2.03
C ASP A 39 10.68 -2.46 3.31
N TYR A 40 9.38 -2.69 3.50
CA TYR A 40 8.69 -2.17 4.67
C TYR A 40 7.96 -3.30 5.41
N THR A 41 7.57 -3.02 6.65
CA THR A 41 6.87 -4.01 7.47
C THR A 41 5.47 -3.52 7.83
N ALA A 42 4.48 -4.38 7.64
CA ALA A 42 3.10 -4.05 7.94
C ALA A 42 2.95 -3.60 9.39
N GLN A 43 2.26 -2.49 9.60
CA GLN A 43 2.05 -1.95 10.93
C GLN A 43 0.87 -2.64 11.61
N GLN A 44 -0.16 -2.96 10.84
CA GLN A 44 -1.35 -3.62 11.36
C GLN A 44 -1.95 -4.56 10.32
N ASP A 45 -3.09 -5.15 10.66
CA ASP A 45 -3.77 -6.08 9.76
C ASP A 45 -4.34 -5.33 8.56
N GLN A 46 -4.47 -4.02 8.69
CA GLN A 46 -5.01 -3.19 7.61
C GLN A 46 -3.93 -2.84 6.60
N GLU A 47 -2.69 -2.79 7.07
CA GLU A 47 -1.56 -2.47 6.20
C GLU A 47 -1.00 -3.72 5.54
N LEU A 48 -0.06 -3.53 4.62
CA LEU A 48 0.56 -4.65 3.92
C LEU A 48 2.08 -4.61 4.05
N ASP A 49 2.72 -5.74 3.79
CA ASP A 49 4.18 -5.83 3.87
C ASP A 49 4.79 -6.06 2.50
N ILE A 50 5.81 -5.26 2.18
CA ILE A 50 6.48 -5.37 0.89
C ILE A 50 8.00 -5.34 1.06
N LYS A 51 8.71 -5.89 0.08
CA LYS A 51 10.17 -5.93 0.12
C LYS A 51 10.76 -5.19 -1.07
N LYS A 52 12.08 -5.06 -1.08
CA LYS A 52 12.77 -4.37 -2.17
C LYS A 52 12.50 -5.06 -3.51
N ASN A 53 12.09 -4.26 -4.50
CA ASN A 53 11.79 -4.79 -5.83
C ASN A 53 10.59 -5.72 -5.78
N GLU A 54 9.66 -5.45 -4.87
CA GLU A 54 8.46 -6.26 -4.73
C GLU A 54 7.32 -5.71 -5.58
N ARG A 55 6.76 -6.57 -6.44
CA ARG A 55 5.66 -6.18 -7.31
C ARG A 55 4.34 -6.73 -6.81
N LEU A 56 3.26 -5.99 -7.04
CA LEU A 56 1.93 -6.41 -6.61
C LEU A 56 0.87 -5.90 -7.57
N TRP A 57 -0.39 -6.25 -7.31
CA TRP A 57 -1.50 -5.83 -8.13
C TRP A 57 -2.14 -4.56 -7.60
N LEU A 58 -1.99 -3.46 -8.32
CA LEU A 58 -2.56 -2.18 -7.90
C LEU A 58 -4.08 -2.22 -7.94
N LEU A 59 -4.70 -1.87 -6.81
CA LEU A 59 -6.16 -1.86 -6.72
C LEU A 59 -6.71 -0.45 -6.84
N ASP A 60 -6.49 0.36 -5.80
CA ASP A 60 -6.96 1.74 -5.80
C ASP A 60 -5.87 2.68 -5.28
N ASP A 61 -5.36 3.53 -6.16
CA ASP A 61 -4.32 4.48 -5.80
C ASP A 61 -4.78 5.92 -6.05
N SER A 62 -5.57 6.45 -5.12
CA SER A 62 -6.09 7.81 -5.25
C SER A 62 -5.45 8.72 -4.21
N LYS A 63 -5.48 8.28 -2.95
CA LYS A 63 -4.91 9.06 -1.86
C LYS A 63 -3.41 8.76 -1.70
N THR A 64 -2.77 9.45 -0.76
CA THR A 64 -1.36 9.27 -0.51
C THR A 64 -1.00 7.79 -0.40
N TRP A 65 -1.89 7.02 0.22
CA TRP A 65 -1.68 5.59 0.38
C TRP A 65 -2.38 4.80 -0.71
N TRP A 66 -1.70 3.78 -1.24
CA TRP A 66 -2.26 2.96 -2.30
C TRP A 66 -2.54 1.55 -1.80
N ARG A 67 -3.51 0.88 -2.43
CA ARG A 67 -3.88 -0.48 -2.04
C ARG A 67 -3.56 -1.47 -3.16
N VAL A 68 -2.76 -2.47 -2.84
CA VAL A 68 -2.39 -3.49 -3.81
C VAL A 68 -2.63 -4.90 -3.27
N ARG A 69 -2.49 -5.89 -4.13
CA ARG A 69 -2.70 -7.28 -3.74
C ARG A 69 -1.49 -8.14 -4.10
N ASN A 70 -1.18 -9.11 -3.25
CA ASN A 70 -0.05 -10.00 -3.48
C ASN A 70 -0.50 -11.30 -4.13
N ALA A 71 0.45 -12.21 -4.35
CA ALA A 71 0.15 -13.50 -4.95
C ALA A 71 -0.70 -14.36 -4.03
N ALA A 72 -0.78 -13.96 -2.76
CA ALA A 72 -1.55 -14.70 -1.78
C ALA A 72 -3.02 -14.26 -1.79
N ASN A 73 -3.38 -13.47 -2.80
CA ASN A 73 -4.76 -12.99 -2.93
C ASN A 73 -5.12 -12.07 -1.77
N ARG A 74 -4.11 -11.63 -1.03
CA ARG A 74 -4.32 -10.74 0.11
C ARG A 74 -4.25 -9.28 -0.32
N THR A 75 -5.09 -8.44 0.29
CA THR A 75 -5.12 -7.03 -0.04
C THR A 75 -4.83 -6.18 1.20
N GLY A 76 -3.92 -5.23 1.06
CA GLY A 76 -3.57 -4.36 2.17
C GLY A 76 -3.26 -2.94 1.72
N TYR A 77 -2.74 -2.14 2.64
CA TYR A 77 -2.41 -0.75 2.34
C TYR A 77 -0.90 -0.52 2.42
N VAL A 78 -0.41 0.48 1.68
CA VAL A 78 1.00 0.80 1.68
C VAL A 78 1.23 2.25 1.25
N PRO A 79 2.26 2.88 1.83
CA PRO A 79 2.61 4.28 1.52
C PRO A 79 3.17 4.43 0.11
N SER A 80 2.56 5.33 -0.67
CA SER A 80 2.99 5.58 -2.04
C SER A 80 4.41 6.15 -2.07
N ASN A 81 4.88 6.61 -0.91
CA ASN A 81 6.22 7.18 -0.80
C ASN A 81 7.29 6.09 -0.89
N TYR A 82 6.94 4.90 -0.40
CA TYR A 82 7.88 3.78 -0.42
C TYR A 82 7.62 2.88 -1.62
N VAL A 83 6.68 3.29 -2.47
CA VAL A 83 6.34 2.52 -3.66
C VAL A 83 6.49 3.37 -4.92
N GLU A 84 6.64 2.70 -6.06
CA GLU A 84 6.79 3.39 -7.34
C GLU A 84 6.47 2.46 -8.50
N ARG A 85 5.31 2.69 -9.13
CA ARG A 85 4.87 1.88 -10.26
C ARG A 85 5.94 1.84 -11.35
N LYS A 86 5.85 0.85 -12.23
CA LYS A 86 6.80 0.70 -13.32
C LYS A 86 6.68 1.86 -14.31
N HIS A 1 23.07 12.03 13.51
CA HIS A 1 23.56 11.92 12.14
C HIS A 1 24.54 10.77 11.99
N MET A 2 24.00 9.55 11.86
CA MET A 2 24.82 8.37 11.71
C MET A 2 24.44 7.61 10.43
N LYS A 3 23.15 7.43 10.22
CA LYS A 3 22.66 6.73 9.04
C LYS A 3 21.64 7.58 8.28
N GLU A 4 21.54 7.35 6.98
CA GLU A 4 20.61 8.10 6.13
C GLU A 4 19.42 7.23 5.75
N ARG A 5 18.22 7.69 6.10
CA ARG A 5 16.99 6.96 5.79
C ARG A 5 15.92 7.90 5.25
N PRO A 6 14.92 7.32 4.57
CA PRO A 6 13.82 8.09 3.98
C PRO A 6 12.89 8.66 5.04
N PRO A 7 12.00 9.58 4.63
CA PRO A 7 11.04 10.23 5.53
C PRO A 7 9.96 9.26 6.01
N PRO A 8 9.20 9.68 7.02
CA PRO A 8 8.11 8.88 7.59
C PRO A 8 6.93 8.72 6.63
N VAL A 9 5.91 8.01 7.09
CA VAL A 9 4.71 7.78 6.27
C VAL A 9 4.02 9.10 5.94
N PRO A 10 3.61 9.24 4.67
CA PRO A 10 2.93 10.45 4.19
C PRO A 10 1.52 10.59 4.76
N ASN A 11 1.45 10.96 6.02
CA ASN A 11 0.16 11.14 6.69
C ASN A 11 -0.83 10.04 6.26
N PRO A 12 -0.70 8.87 6.89
CA PRO A 12 -1.57 7.72 6.58
C PRO A 12 -3.01 7.94 7.06
N ASP A 13 -3.97 7.53 6.24
CA ASP A 13 -5.38 7.68 6.58
C ASP A 13 -6.10 6.34 6.50
N TYR A 14 -5.44 5.29 6.98
CA TYR A 14 -6.02 3.95 6.97
C TYR A 14 -6.87 3.71 8.22
N ASN A 15 -7.04 4.76 9.02
CA ASN A 15 -7.83 4.67 10.24
C ASN A 15 -8.75 5.88 10.39
N SER A 16 -10.03 5.69 10.06
CA SER A 16 -11.00 6.76 10.15
C SER A 16 -12.41 6.21 10.32
N LEU A 17 -12.54 5.18 11.15
CA LEU A 17 -13.83 4.55 11.39
C LEU A 17 -13.72 3.47 12.46
N LYS A 18 -14.71 3.41 13.35
CA LYS A 18 -14.73 2.42 14.41
C LYS A 18 -14.55 1.00 13.86
N LYS A 19 -14.23 0.06 14.73
CA LYS A 19 -14.03 -1.32 14.32
C LYS A 19 -15.31 -1.89 13.72
N GLY A 20 -15.33 -2.05 12.40
CA GLY A 20 -16.49 -2.59 11.72
C GLY A 20 -16.22 -2.89 10.25
N SER A 21 -17.24 -3.34 9.55
CA SER A 21 -17.11 -3.67 8.14
C SER A 21 -18.20 -2.97 7.32
N LEU A 22 -18.25 -3.28 6.03
CA LEU A 22 -19.24 -2.69 5.13
C LEU A 22 -19.12 -3.26 3.73
N VAL A 23 -19.97 -2.78 2.82
CA VAL A 23 -19.96 -3.25 1.44
C VAL A 23 -20.44 -2.17 0.49
N LYS A 24 -19.71 -1.98 -0.61
CA LYS A 24 -20.07 -0.97 -1.60
C LYS A 24 -20.63 -1.63 -2.86
N ASN A 25 -21.00 -0.80 -3.84
CA ASN A 25 -21.55 -1.30 -5.09
C ASN A 25 -20.53 -1.19 -6.22
N LEU A 26 -20.97 -1.45 -7.44
CA LEU A 26 -20.09 -1.38 -8.61
C LEU A 26 -18.96 -2.39 -8.49
N HIS A 27 -18.18 -2.51 -9.56
CA HIS A 27 -17.06 -3.44 -9.58
C HIS A 27 -16.05 -3.06 -10.66
N MET A 28 -15.82 -1.76 -10.81
CA MET A 28 -14.89 -1.25 -11.81
C MET A 28 -13.44 -1.47 -11.35
N THR A 29 -12.66 -2.16 -12.17
CA THR A 29 -11.27 -2.44 -11.85
C THR A 29 -10.38 -2.23 -13.07
N GLU A 30 -9.08 -2.50 -12.90
CA GLU A 30 -8.12 -2.33 -13.98
C GLU A 30 -7.01 -3.37 -13.88
N GLU A 31 -5.95 -3.18 -14.67
CA GLU A 31 -4.82 -4.09 -14.67
C GLU A 31 -3.50 -3.34 -14.48
N VAL A 32 -3.33 -2.75 -13.30
CA VAL A 32 -2.12 -2.00 -12.98
C VAL A 32 -1.26 -2.75 -11.97
N ILE A 33 0.04 -2.46 -12.00
CA ILE A 33 0.98 -3.11 -11.09
C ILE A 33 2.01 -2.12 -10.58
N VAL A 34 2.26 -2.15 -9.27
CA VAL A 34 3.24 -1.26 -8.65
C VAL A 34 4.49 -2.02 -8.24
N ILE A 35 5.48 -1.28 -7.74
CA ILE A 35 6.74 -1.88 -7.30
C ILE A 35 7.26 -1.20 -6.04
N ALA A 36 7.50 -1.99 -5.01
CA ALA A 36 8.01 -1.45 -3.75
C ALA A 36 9.47 -1.05 -3.88
N LYS A 37 9.74 0.25 -3.79
CA LYS A 37 11.10 0.76 -3.89
C LYS A 37 11.99 0.18 -2.80
N TRP A 38 11.39 -0.09 -1.64
CA TRP A 38 12.13 -0.65 -0.52
C TRP A 38 11.27 -1.63 0.27
N ASP A 39 11.78 -2.07 1.42
CA ASP A 39 11.05 -3.01 2.27
C ASP A 39 10.43 -2.29 3.46
N TYR A 40 9.15 -2.52 3.68
CA TYR A 40 8.44 -1.89 4.80
C TYR A 40 7.74 -2.94 5.65
N THR A 41 7.42 -2.56 6.89
CA THR A 41 6.75 -3.47 7.81
C THR A 41 5.37 -2.95 8.18
N ALA A 42 4.35 -3.78 7.99
CA ALA A 42 2.98 -3.41 8.31
C ALA A 42 2.85 -2.95 9.76
N GLN A 43 2.84 -1.64 9.98
CA GLN A 43 2.72 -1.08 11.31
C GLN A 43 1.45 -1.57 12.00
N GLN A 44 0.46 -1.92 11.20
CA GLN A 44 -0.82 -2.41 11.73
C GLN A 44 -1.32 -3.60 10.94
N ASP A 45 -2.52 -4.08 11.29
CA ASP A 45 -3.11 -5.22 10.60
C ASP A 45 -3.82 -4.78 9.32
N GLN A 46 -3.85 -3.47 9.09
CA GLN A 46 -4.50 -2.92 7.91
C GLN A 46 -3.47 -2.51 6.86
N GLU A 47 -2.22 -2.93 7.07
CA GLU A 47 -1.14 -2.61 6.14
C GLU A 47 -0.65 -3.87 5.44
N LEU A 48 0.24 -3.68 4.46
CA LEU A 48 0.79 -4.80 3.71
C LEU A 48 2.31 -4.82 3.78
N ASP A 49 2.87 -5.98 4.10
CA ASP A 49 4.32 -6.13 4.21
C ASP A 49 4.97 -6.18 2.83
N ILE A 50 5.76 -5.18 2.50
CA ILE A 50 6.45 -5.12 1.21
C ILE A 50 7.95 -5.30 1.38
N LYS A 51 8.56 -5.98 0.42
CA LYS A 51 10.00 -6.22 0.44
C LYS A 51 10.68 -5.62 -0.78
N LYS A 52 11.99 -5.44 -0.69
CA LYS A 52 12.76 -4.87 -1.79
C LYS A 52 12.40 -5.54 -3.11
N ASN A 53 12.14 -4.72 -4.13
CA ASN A 53 11.78 -5.24 -5.45
C ASN A 53 10.57 -6.16 -5.35
N GLU A 54 9.44 -5.61 -4.91
CA GLU A 54 8.21 -6.37 -4.78
C GLU A 54 7.09 -5.76 -5.61
N ARG A 55 6.55 -6.54 -6.54
CA ARG A 55 5.48 -6.07 -7.42
C ARG A 55 4.14 -6.69 -7.00
N LEU A 56 3.07 -5.92 -7.16
CA LEU A 56 1.74 -6.39 -6.80
C LEU A 56 0.69 -5.82 -7.75
N TRP A 57 -0.56 -6.23 -7.56
CA TRP A 57 -1.66 -5.75 -8.39
C TRP A 57 -2.29 -4.50 -7.80
N LEU A 58 -2.15 -3.37 -8.49
CA LEU A 58 -2.71 -2.12 -8.03
C LEU A 58 -4.23 -2.15 -8.03
N LEU A 59 -4.83 -1.87 -6.89
CA LEU A 59 -6.29 -1.89 -6.75
C LEU A 59 -6.85 -0.46 -6.77
N ASP A 60 -6.54 0.29 -5.71
CA ASP A 60 -7.01 1.68 -5.61
C ASP A 60 -5.88 2.59 -5.15
N ASP A 61 -5.37 3.38 -6.08
CA ASP A 61 -4.28 4.31 -5.78
C ASP A 61 -4.70 5.75 -6.07
N SER A 62 -5.50 6.31 -5.17
CA SER A 62 -5.98 7.68 -5.33
C SER A 62 -5.35 8.60 -4.28
N LYS A 63 -5.40 8.17 -3.03
CA LYS A 63 -4.84 8.96 -1.93
C LYS A 63 -3.35 8.68 -1.77
N THR A 64 -2.72 9.37 -0.83
CA THR A 64 -1.29 9.20 -0.58
C THR A 64 -0.94 7.72 -0.47
N TRP A 65 -1.84 6.94 0.13
CA TRP A 65 -1.62 5.50 0.29
C TRP A 65 -2.29 4.71 -0.81
N TRP A 66 -1.61 3.68 -1.31
CA TRP A 66 -2.15 2.85 -2.38
C TRP A 66 -2.45 1.45 -1.87
N ARG A 67 -3.39 0.77 -2.51
CA ARG A 67 -3.77 -0.58 -2.12
C ARG A 67 -3.48 -1.57 -3.24
N VAL A 68 -2.57 -2.51 -2.98
CA VAL A 68 -2.22 -3.52 -3.97
C VAL A 68 -2.51 -4.92 -3.45
N ARG A 69 -2.45 -5.90 -4.36
CA ARG A 69 -2.70 -7.29 -3.99
C ARG A 69 -1.56 -8.19 -4.43
N ASN A 70 -1.19 -9.15 -3.58
CA ASN A 70 -0.11 -10.07 -3.88
C ASN A 70 -0.64 -11.31 -4.62
N ALA A 71 0.26 -12.25 -4.87
CA ALA A 71 -0.11 -13.48 -5.57
C ALA A 71 -0.95 -14.38 -4.67
N ALA A 72 -1.03 -14.02 -3.39
CA ALA A 72 -1.79 -14.81 -2.43
C ALA A 72 -3.24 -14.34 -2.38
N ASN A 73 -3.63 -13.50 -3.34
CA ASN A 73 -5.00 -12.99 -3.40
C ASN A 73 -5.31 -12.13 -2.18
N ARG A 74 -4.27 -11.73 -1.45
CA ARG A 74 -4.43 -10.91 -0.27
C ARG A 74 -4.31 -9.43 -0.61
N THR A 75 -5.07 -8.59 0.11
CA THR A 75 -5.05 -7.16 -0.13
C THR A 75 -4.57 -6.42 1.11
N GLY A 76 -3.93 -5.26 0.90
CA GLY A 76 -3.43 -4.47 2.01
C GLY A 76 -3.18 -3.03 1.63
N TYR A 77 -2.53 -2.29 2.51
CA TYR A 77 -2.22 -0.89 2.27
C TYR A 77 -0.72 -0.63 2.34
N VAL A 78 -0.25 0.37 1.61
CA VAL A 78 1.16 0.72 1.60
C VAL A 78 1.37 2.17 1.18
N PRO A 79 2.38 2.82 1.77
CA PRO A 79 2.70 4.22 1.48
C PRO A 79 3.29 4.39 0.09
N SER A 80 2.67 5.28 -0.70
CA SER A 80 3.12 5.54 -2.06
C SER A 80 4.55 6.08 -2.06
N ASN A 81 5.01 6.54 -0.91
CA ASN A 81 6.36 7.08 -0.77
C ASN A 81 7.39 5.96 -0.83
N TYR A 82 7.00 4.78 -0.37
CA TYR A 82 7.90 3.63 -0.36
C TYR A 82 7.65 2.74 -1.57
N VAL A 83 6.75 3.17 -2.44
CA VAL A 83 6.42 2.42 -3.65
C VAL A 83 6.53 3.29 -4.89
N GLU A 84 6.68 2.64 -6.05
CA GLU A 84 6.80 3.36 -7.31
C GLU A 84 6.45 2.44 -8.49
N ARG A 85 5.34 2.73 -9.14
CA ARG A 85 4.90 1.95 -10.29
C ARG A 85 5.86 2.08 -11.45
N LYS A 86 5.83 1.11 -12.35
CA LYS A 86 6.71 1.11 -13.52
C LYS A 86 6.04 0.45 -14.72
N HIS A 1 23.80 18.91 3.45
CA HIS A 1 23.66 17.69 2.67
C HIS A 1 24.30 16.50 3.39
N MET A 2 23.48 15.53 3.78
CA MET A 2 23.97 14.36 4.48
C MET A 2 23.28 13.10 3.96
N LYS A 3 23.72 11.94 4.47
CA LYS A 3 23.15 10.67 4.05
C LYS A 3 22.44 9.98 5.21
N GLU A 4 21.25 9.46 4.94
CA GLU A 4 20.47 8.78 5.97
C GLU A 4 19.26 8.08 5.36
N ARG A 5 18.38 7.58 6.22
CA ARG A 5 17.18 6.89 5.77
C ARG A 5 16.11 7.88 5.32
N PRO A 6 15.14 7.39 4.54
CA PRO A 6 14.04 8.22 4.03
C PRO A 6 13.07 8.63 5.13
N PRO A 7 12.19 9.59 4.81
CA PRO A 7 11.19 10.09 5.75
C PRO A 7 10.11 9.06 6.07
N PRO A 8 9.30 9.33 7.11
CA PRO A 8 8.22 8.44 7.54
C PRO A 8 7.08 8.39 6.53
N VAL A 9 6.05 7.60 6.84
CA VAL A 9 4.89 7.46 5.97
C VAL A 9 4.28 8.83 5.67
N PRO A 10 3.78 9.00 4.43
CA PRO A 10 3.15 10.25 4.00
C PRO A 10 1.80 10.48 4.68
N ASN A 11 1.86 10.85 5.95
CA ASN A 11 0.64 11.11 6.72
C ASN A 11 -0.47 10.14 6.33
N PRO A 12 -0.45 8.95 6.95
CA PRO A 12 -1.45 7.90 6.69
C PRO A 12 -2.83 8.27 7.23
N ASP A 13 -3.85 8.01 6.43
CA ASP A 13 -5.22 8.31 6.83
C ASP A 13 -6.13 7.10 6.65
N TYR A 14 -5.52 5.91 6.67
CA TYR A 14 -6.28 4.67 6.50
C TYR A 14 -7.06 4.34 7.77
N ASN A 15 -6.67 4.95 8.88
CA ASN A 15 -7.34 4.72 10.15
C ASN A 15 -8.06 5.97 10.64
N SER A 16 -9.29 5.82 11.11
CA SER A 16 -10.08 6.93 11.59
C SER A 16 -11.25 6.45 12.43
N LEU A 17 -12.01 5.50 11.88
CA LEU A 17 -13.17 4.95 12.58
C LEU A 17 -12.85 3.60 13.19
N LYS A 18 -13.09 3.47 14.49
CA LYS A 18 -12.83 2.22 15.20
C LYS A 18 -14.13 1.54 15.62
N LYS A 19 -15.11 1.55 14.71
CA LYS A 19 -16.40 0.94 15.00
C LYS A 19 -16.59 -0.32 14.16
N GLY A 20 -16.53 -0.18 12.84
CA GLY A 20 -16.70 -1.31 11.96
C GLY A 20 -17.47 -0.97 10.71
N SER A 21 -16.82 -0.28 9.77
CA SER A 21 -17.46 0.11 8.53
C SER A 21 -16.76 -0.52 7.33
N LEU A 22 -17.56 -1.09 6.43
CA LEU A 22 -17.02 -1.74 5.24
C LEU A 22 -17.27 -0.90 4.00
N VAL A 23 -16.40 -1.05 2.99
CA VAL A 23 -16.53 -0.30 1.75
C VAL A 23 -16.21 -1.18 0.55
N LYS A 24 -17.12 -1.22 -0.41
CA LYS A 24 -16.93 -2.02 -1.62
C LYS A 24 -16.78 -1.12 -2.85
N ASN A 25 -16.27 -1.70 -3.92
CA ASN A 25 -16.07 -0.94 -5.17
C ASN A 25 -16.18 -1.86 -6.38
N LEU A 26 -16.03 -1.29 -7.57
CA LEU A 26 -16.11 -2.06 -8.80
C LEU A 26 -14.77 -2.72 -9.12
N HIS A 27 -14.82 -4.00 -9.47
CA HIS A 27 -13.61 -4.74 -9.80
C HIS A 27 -13.64 -5.22 -11.25
N MET A 28 -12.57 -5.86 -11.69
CA MET A 28 -12.48 -6.36 -13.04
C MET A 28 -12.64 -5.23 -14.06
N THR A 29 -11.93 -4.12 -13.83
CA THR A 29 -12.00 -2.97 -14.71
C THR A 29 -10.69 -2.20 -14.72
N GLU A 30 -9.58 -2.92 -14.51
CA GLU A 30 -8.27 -2.29 -14.49
C GLU A 30 -7.17 -3.34 -14.28
N GLU A 31 -6.01 -3.10 -14.88
CA GLU A 31 -4.90 -4.03 -14.76
C GLU A 31 -3.59 -3.27 -14.61
N VAL A 32 -3.35 -2.76 -13.41
CA VAL A 32 -2.12 -2.02 -13.12
C VAL A 32 -1.24 -2.75 -12.12
N ILE A 33 0.05 -2.46 -12.16
CA ILE A 33 1.00 -3.10 -11.25
C ILE A 33 2.03 -2.11 -10.74
N VAL A 34 2.29 -2.15 -9.43
CA VAL A 34 3.25 -1.25 -8.82
C VAL A 34 4.49 -2.01 -8.35
N ILE A 35 5.50 -1.26 -7.92
CA ILE A 35 6.74 -1.85 -7.46
C ILE A 35 7.19 -1.24 -6.13
N ALA A 36 7.59 -2.10 -5.19
CA ALA A 36 8.05 -1.64 -3.89
C ALA A 36 9.48 -1.14 -3.96
N LYS A 37 9.66 0.17 -3.79
CA LYS A 37 10.99 0.78 -3.83
C LYS A 37 11.87 0.23 -2.72
N TRP A 38 11.25 -0.10 -1.58
CA TRP A 38 11.99 -0.63 -0.44
C TRP A 38 11.13 -1.64 0.32
N ASP A 39 11.59 -2.01 1.52
CA ASP A 39 10.87 -2.97 2.34
C ASP A 39 10.22 -2.27 3.53
N TYR A 40 8.92 -2.50 3.70
CA TYR A 40 8.17 -1.89 4.80
C TYR A 40 7.45 -2.96 5.62
N THR A 41 7.41 -2.75 6.93
CA THR A 41 6.76 -3.69 7.83
C THR A 41 5.34 -3.24 8.17
N ALA A 42 4.38 -4.14 8.03
CA ALA A 42 2.98 -3.83 8.33
C ALA A 42 2.84 -3.30 9.75
N GLN A 43 2.73 -1.98 9.88
CA GLN A 43 2.58 -1.35 11.18
C GLN A 43 1.27 -1.78 11.85
N GLN A 44 0.27 -2.07 11.03
CA GLN A 44 -1.03 -2.50 11.54
C GLN A 44 -1.58 -3.66 10.73
N ASP A 45 -2.85 -3.99 10.95
CA ASP A 45 -3.51 -5.08 10.24
C ASP A 45 -3.91 -4.65 8.84
N GLN A 46 -4.33 -3.39 8.72
CA GLN A 46 -4.75 -2.84 7.43
C GLN A 46 -3.58 -2.76 6.46
N GLU A 47 -2.38 -2.61 7.01
CA GLU A 47 -1.18 -2.51 6.19
C GLU A 47 -0.63 -3.90 5.88
N LEU A 48 0.30 -3.95 4.92
CA LEU A 48 0.90 -5.22 4.52
C LEU A 48 2.43 -5.09 4.45
N ASP A 49 3.12 -6.13 4.90
CA ASP A 49 4.58 -6.14 4.88
C ASP A 49 5.10 -6.40 3.47
N ILE A 50 5.74 -5.39 2.88
CA ILE A 50 6.29 -5.52 1.54
C ILE A 50 7.81 -5.53 1.56
N LYS A 51 8.40 -6.29 0.64
CA LYS A 51 9.86 -6.39 0.56
C LYS A 51 10.38 -5.73 -0.72
N LYS A 52 11.57 -5.14 -0.64
CA LYS A 52 12.17 -4.48 -1.79
C LYS A 52 12.02 -5.33 -3.05
N ASN A 53 12.05 -4.67 -4.20
CA ASN A 53 11.91 -5.36 -5.49
C ASN A 53 10.71 -6.31 -5.47
N GLU A 54 9.53 -5.75 -5.17
CA GLU A 54 8.31 -6.53 -5.12
C GLU A 54 7.21 -5.90 -5.98
N ARG A 55 6.55 -6.71 -6.78
CA ARG A 55 5.48 -6.22 -7.65
C ARG A 55 4.13 -6.77 -7.21
N LEU A 56 3.09 -5.96 -7.37
CA LEU A 56 1.74 -6.37 -6.99
C LEU A 56 0.70 -5.77 -7.94
N TRP A 57 -0.57 -6.11 -7.71
CA TRP A 57 -1.65 -5.61 -8.55
C TRP A 57 -2.26 -4.35 -7.95
N LEU A 58 -2.11 -3.23 -8.64
CA LEU A 58 -2.65 -1.96 -8.18
C LEU A 58 -4.17 -1.98 -8.19
N LEU A 59 -4.78 -1.73 -7.02
CA LEU A 59 -6.22 -1.71 -6.90
C LEU A 59 -6.77 -0.29 -6.97
N ASP A 60 -6.52 0.48 -5.91
CA ASP A 60 -6.98 1.86 -5.85
C ASP A 60 -5.88 2.77 -5.33
N ASP A 61 -5.35 3.61 -6.21
CA ASP A 61 -4.29 4.54 -5.84
C ASP A 61 -4.71 5.98 -6.09
N SER A 62 -5.52 6.52 -5.18
CA SER A 62 -6.01 7.90 -5.31
C SER A 62 -5.39 8.79 -4.23
N LYS A 63 -5.45 8.33 -2.99
CA LYS A 63 -4.89 9.10 -1.88
C LYS A 63 -3.40 8.80 -1.70
N THR A 64 -2.77 9.47 -0.74
CA THR A 64 -1.36 9.26 -0.46
C THR A 64 -1.02 7.78 -0.39
N TRP A 65 -1.91 7.01 0.20
CA TRP A 65 -1.70 5.58 0.35
C TRP A 65 -2.40 4.81 -0.77
N TRP A 66 -1.73 3.78 -1.28
CA TRP A 66 -2.29 2.97 -2.37
C TRP A 66 -2.60 1.56 -1.87
N ARG A 67 -3.52 0.89 -2.57
CA ARG A 67 -3.90 -0.47 -2.21
C ARG A 67 -3.63 -1.44 -3.36
N VAL A 68 -2.87 -2.50 -3.07
CA VAL A 68 -2.55 -3.49 -4.08
C VAL A 68 -2.85 -4.90 -3.59
N ARG A 69 -2.69 -5.89 -4.46
CA ARG A 69 -2.94 -7.28 -4.11
C ARG A 69 -1.69 -8.12 -4.28
N ASN A 70 -1.48 -9.05 -3.35
CA ASN A 70 -0.32 -9.92 -3.39
C ASN A 70 -0.58 -11.15 -4.27
N ALA A 71 0.48 -11.89 -4.56
CA ALA A 71 0.36 -13.09 -5.39
C ALA A 71 -0.33 -14.22 -4.62
N ALA A 72 -0.36 -14.09 -3.31
CA ALA A 72 -0.99 -15.10 -2.46
C ALA A 72 -2.43 -14.72 -2.14
N ASN A 73 -3.02 -13.91 -3.00
CA ASN A 73 -4.41 -13.47 -2.80
C ASN A 73 -4.53 -12.56 -1.58
N ARG A 74 -3.40 -12.00 -1.16
CA ARG A 74 -3.37 -11.12 0.01
C ARG A 74 -3.73 -9.68 -0.39
N THR A 75 -4.24 -8.92 0.57
CA THR A 75 -4.62 -7.54 0.32
C THR A 75 -4.25 -6.65 1.51
N GLY A 76 -3.80 -5.43 1.21
CA GLY A 76 -3.42 -4.50 2.26
C GLY A 76 -3.11 -3.12 1.71
N TYR A 77 -2.72 -2.21 2.61
CA TYR A 77 -2.39 -0.85 2.22
C TYR A 77 -0.91 -0.57 2.39
N VAL A 78 -0.40 0.39 1.62
CA VAL A 78 1.02 0.75 1.69
C VAL A 78 1.23 2.21 1.26
N PRO A 79 2.26 2.84 1.83
CA PRO A 79 2.60 4.24 1.52
C PRO A 79 3.15 4.40 0.12
N SER A 80 2.53 5.26 -0.67
CA SER A 80 2.96 5.51 -2.04
C SER A 80 4.39 6.03 -2.08
N ASN A 81 4.86 6.50 -0.93
CA ASN A 81 6.22 7.03 -0.82
C ASN A 81 7.25 5.91 -0.87
N TYR A 82 6.85 4.72 -0.42
CA TYR A 82 7.74 3.57 -0.41
C TYR A 82 7.48 2.67 -1.61
N VAL A 83 6.58 3.11 -2.48
CA VAL A 83 6.24 2.34 -3.67
C VAL A 83 6.27 3.23 -4.92
N GLU A 84 6.40 2.60 -6.08
CA GLU A 84 6.44 3.32 -7.34
C GLU A 84 6.10 2.41 -8.52
N ARG A 85 5.13 2.82 -9.33
CA ARG A 85 4.71 2.04 -10.48
C ARG A 85 5.73 2.14 -11.61
N LYS A 86 5.69 1.18 -12.53
CA LYS A 86 6.61 1.16 -13.66
C LYS A 86 6.02 1.91 -14.85
N HIS A 1 18.46 13.60 1.47
CA HIS A 1 18.48 12.50 2.44
C HIS A 1 18.96 11.21 1.79
N MET A 2 20.26 11.13 1.52
CA MET A 2 20.84 9.95 0.90
C MET A 2 21.79 9.23 1.87
N LYS A 3 22.33 9.99 2.82
CA LYS A 3 23.25 9.44 3.81
C LYS A 3 22.49 8.86 4.99
N GLU A 4 21.20 9.19 5.09
CA GLU A 4 20.37 8.69 6.17
C GLU A 4 19.11 8.00 5.63
N ARG A 5 18.38 7.33 6.51
CA ARG A 5 17.17 6.63 6.11
C ARG A 5 16.11 7.61 5.61
N PRO A 6 15.13 7.09 4.86
CA PRO A 6 14.05 7.90 4.29
C PRO A 6 13.09 8.41 5.36
N PRO A 7 12.23 9.36 4.98
CA PRO A 7 11.25 9.96 5.89
C PRO A 7 10.14 8.98 6.27
N PRO A 8 9.35 9.35 7.29
CA PRO A 8 8.24 8.52 7.77
C PRO A 8 7.10 8.43 6.76
N VAL A 9 6.04 7.72 7.13
CA VAL A 9 4.88 7.55 6.26
C VAL A 9 4.26 8.90 5.93
N PRO A 10 3.81 9.06 4.67
CA PRO A 10 3.19 10.30 4.20
C PRO A 10 1.81 10.52 4.81
N ASN A 11 1.79 10.88 6.09
CA ASN A 11 0.53 11.12 6.80
C ASN A 11 -0.54 10.12 6.35
N PRO A 12 -0.51 8.92 6.94
CA PRO A 12 -1.48 7.86 6.63
C PRO A 12 -2.88 8.19 7.13
N ASP A 13 -3.87 7.94 6.29
CA ASP A 13 -5.26 8.20 6.65
C ASP A 13 -6.13 6.98 6.40
N TYR A 14 -5.78 5.86 7.03
CA TYR A 14 -6.53 4.62 6.88
C TYR A 14 -7.50 4.41 8.04
N ASN A 15 -7.25 5.12 9.13
CA ASN A 15 -8.11 5.02 10.31
C ASN A 15 -8.06 3.61 10.90
N SER A 16 -7.36 3.46 12.01
CA SER A 16 -7.24 2.16 12.67
C SER A 16 -8.53 1.81 13.42
N LEU A 17 -8.90 2.67 14.36
CA LEU A 17 -10.11 2.46 15.16
C LEU A 17 -10.42 3.68 16.01
N LYS A 18 -11.14 4.63 15.44
CA LYS A 18 -11.51 5.85 16.16
C LYS A 18 -13.02 5.96 16.30
N LYS A 19 -13.75 5.42 15.33
CA LYS A 19 -15.20 5.45 15.35
C LYS A 19 -15.78 4.51 14.29
N GLY A 20 -15.58 3.21 14.49
CA GLY A 20 -16.09 2.23 13.53
C GLY A 20 -15.13 1.99 12.39
N SER A 21 -15.58 1.21 11.40
CA SER A 21 -14.76 0.89 10.25
C SER A 21 -15.35 1.49 8.98
N LEU A 22 -14.67 1.29 7.85
CA LEU A 22 -15.13 1.81 6.57
C LEU A 22 -15.41 0.67 5.60
N VAL A 23 -16.08 1.00 4.50
CA VAL A 23 -16.41 0.01 3.47
C VAL A 23 -16.44 0.63 2.09
N LYS A 24 -16.88 -0.14 1.10
CA LYS A 24 -16.96 0.34 -0.27
C LYS A 24 -17.93 -0.51 -1.09
N ASN A 25 -18.30 -0.02 -2.27
CA ASN A 25 -19.21 -0.74 -3.15
C ASN A 25 -19.39 0.01 -4.47
N LEU A 26 -19.83 -0.72 -5.49
CA LEU A 26 -20.04 -0.13 -6.81
C LEU A 26 -18.79 0.62 -7.28
N HIS A 27 -17.83 -0.12 -7.81
CA HIS A 27 -16.58 0.48 -8.29
C HIS A 27 -16.11 -0.23 -9.56
N MET A 28 -15.12 0.37 -10.22
CA MET A 28 -14.57 -0.19 -11.45
C MET A 28 -13.31 -1.00 -11.16
N THR A 29 -12.86 -1.76 -12.16
CA THR A 29 -11.66 -2.58 -12.01
C THR A 29 -10.69 -2.34 -13.16
N GLU A 30 -9.42 -2.62 -12.90
CA GLU A 30 -8.38 -2.45 -13.92
C GLU A 30 -7.29 -3.50 -13.78
N GLU A 31 -6.19 -3.30 -14.49
CA GLU A 31 -5.07 -4.23 -14.45
C GLU A 31 -3.74 -3.49 -14.33
N VAL A 32 -3.52 -2.86 -13.19
CA VAL A 32 -2.29 -2.11 -12.95
C VAL A 32 -1.38 -2.83 -11.96
N ILE A 33 -0.09 -2.54 -12.01
CA ILE A 33 0.87 -3.16 -11.13
C ILE A 33 1.91 -2.15 -10.64
N VAL A 34 2.20 -2.17 -9.35
CA VAL A 34 3.18 -1.27 -8.76
C VAL A 34 4.40 -2.03 -8.25
N ILE A 35 5.49 -1.30 -8.02
CA ILE A 35 6.72 -1.90 -7.54
C ILE A 35 7.18 -1.22 -6.25
N ALA A 36 7.46 -2.04 -5.23
CA ALA A 36 7.91 -1.52 -3.95
C ALA A 36 9.34 -0.99 -4.05
N LYS A 37 9.48 0.34 -4.00
CA LYS A 37 10.79 0.98 -4.08
C LYS A 37 11.76 0.35 -3.09
N TRP A 38 11.24 -0.05 -1.94
CA TRP A 38 12.07 -0.66 -0.89
C TRP A 38 11.24 -1.59 -0.03
N ASP A 39 11.83 -2.05 1.08
CA ASP A 39 11.15 -2.96 2.00
C ASP A 39 10.61 -2.19 3.20
N TYR A 40 9.32 -2.36 3.48
CA TYR A 40 8.69 -1.69 4.60
C TYR A 40 7.97 -2.69 5.50
N THR A 41 7.65 -2.26 6.72
CA THR A 41 6.96 -3.11 7.68
C THR A 41 5.56 -2.59 7.99
N ALA A 42 4.56 -3.41 7.73
CA ALA A 42 3.17 -3.02 7.98
C ALA A 42 2.97 -2.62 9.43
N GLN A 43 2.13 -1.61 9.65
CA GLN A 43 1.85 -1.13 10.99
C GLN A 43 0.79 -1.98 11.67
N GLN A 44 -0.16 -2.48 10.88
CA GLN A 44 -1.23 -3.31 11.42
C GLN A 44 -1.67 -4.34 10.39
N ASP A 45 -2.58 -5.22 10.79
CA ASP A 45 -3.08 -6.26 9.91
C ASP A 45 -3.77 -5.66 8.69
N GLN A 46 -4.17 -4.40 8.81
CA GLN A 46 -4.84 -3.70 7.71
C GLN A 46 -3.85 -3.37 6.60
N GLU A 47 -2.67 -2.91 6.98
CA GLU A 47 -1.64 -2.54 6.00
C GLU A 47 -0.96 -3.80 5.46
N LEU A 48 0.00 -3.60 4.55
CA LEU A 48 0.73 -4.71 3.96
C LEU A 48 2.23 -4.46 4.01
N ASP A 49 2.99 -5.54 4.18
CA ASP A 49 4.45 -5.44 4.26
C ASP A 49 5.07 -5.68 2.88
N ILE A 50 5.80 -4.69 2.38
CA ILE A 50 6.45 -4.80 1.08
C ILE A 50 7.94 -5.06 1.23
N LYS A 51 8.52 -5.73 0.24
CA LYS A 51 9.94 -6.05 0.26
C LYS A 51 10.65 -5.46 -0.96
N LYS A 52 11.98 -5.34 -0.87
CA LYS A 52 12.77 -4.79 -1.96
C LYS A 52 12.41 -5.47 -3.28
N ASN A 53 12.21 -4.66 -4.31
CA ASN A 53 11.86 -5.18 -5.64
C ASN A 53 10.69 -6.15 -5.55
N GLU A 54 9.51 -5.61 -5.23
CA GLU A 54 8.31 -6.43 -5.11
C GLU A 54 7.17 -5.84 -5.95
N ARG A 55 6.57 -6.68 -6.78
CA ARG A 55 5.47 -6.25 -7.64
C ARG A 55 4.14 -6.78 -7.13
N LEU A 56 3.08 -5.99 -7.30
CA LEU A 56 1.75 -6.38 -6.85
C LEU A 56 0.68 -5.83 -7.80
N TRP A 57 -0.57 -6.18 -7.52
CA TRP A 57 -1.69 -5.73 -8.34
C TRP A 57 -2.31 -4.46 -7.75
N LEU A 58 -2.14 -3.35 -8.46
CA LEU A 58 -2.69 -2.07 -8.01
C LEU A 58 -4.22 -2.10 -8.01
N LEU A 59 -4.81 -1.80 -6.87
CA LEU A 59 -6.27 -1.79 -6.74
C LEU A 59 -6.81 -0.36 -6.84
N ASP A 60 -6.58 0.42 -5.79
CA ASP A 60 -7.06 1.79 -5.75
C ASP A 60 -5.96 2.73 -5.22
N ASP A 61 -5.46 3.59 -6.09
CA ASP A 61 -4.41 4.53 -5.72
C ASP A 61 -4.86 5.97 -5.93
N SER A 62 -5.61 6.49 -4.98
CA SER A 62 -6.12 7.86 -5.08
C SER A 62 -5.44 8.76 -4.04
N LYS A 63 -5.43 8.31 -2.80
CA LYS A 63 -4.81 9.08 -1.71
C LYS A 63 -3.32 8.77 -1.62
N THR A 64 -2.65 9.44 -0.68
CA THR A 64 -1.22 9.24 -0.49
C THR A 64 -0.88 7.76 -0.37
N TRP A 65 -1.82 6.97 0.15
CA TRP A 65 -1.63 5.54 0.31
C TRP A 65 -2.33 4.77 -0.80
N TRP A 66 -1.65 3.76 -1.32
CA TRP A 66 -2.21 2.93 -2.40
C TRP A 66 -2.46 1.51 -1.91
N ARG A 67 -3.48 0.87 -2.47
CA ARG A 67 -3.84 -0.49 -2.10
C ARG A 67 -3.53 -1.46 -3.23
N VAL A 68 -2.69 -2.46 -2.95
CA VAL A 68 -2.33 -3.46 -3.94
C VAL A 68 -2.52 -4.87 -3.41
N ARG A 69 -2.46 -5.85 -4.30
CA ARG A 69 -2.63 -7.25 -3.91
C ARG A 69 -1.39 -8.06 -4.27
N ASN A 70 -1.12 -9.10 -3.48
CA ASN A 70 0.04 -9.95 -3.71
C ASN A 70 -0.40 -11.33 -4.20
N ALA A 71 0.57 -12.21 -4.43
CA ALA A 71 0.28 -13.56 -4.91
C ALA A 71 -0.46 -14.37 -3.84
N ALA A 72 -0.50 -13.83 -2.62
CA ALA A 72 -1.18 -14.50 -1.52
C ALA A 72 -2.69 -14.30 -1.59
N ASN A 73 -3.12 -13.59 -2.64
CA ASN A 73 -4.55 -13.33 -2.83
C ASN A 73 -5.09 -12.42 -1.72
N ARG A 74 -4.21 -11.61 -1.15
CA ARG A 74 -4.60 -10.70 -0.08
C ARG A 74 -4.34 -9.25 -0.49
N THR A 75 -5.23 -8.35 -0.07
CA THR A 75 -5.10 -6.94 -0.39
C THR A 75 -4.79 -6.12 0.86
N GLY A 76 -3.73 -5.31 0.78
CA GLY A 76 -3.35 -4.50 1.92
C GLY A 76 -3.09 -3.05 1.52
N TYR A 77 -2.58 -2.27 2.48
CA TYR A 77 -2.28 -0.87 2.22
C TYR A 77 -0.78 -0.60 2.35
N VAL A 78 -0.29 0.39 1.60
CA VAL A 78 1.11 0.75 1.62
C VAL A 78 1.32 2.20 1.21
N PRO A 79 2.34 2.85 1.79
CA PRO A 79 2.66 4.25 1.49
C PRO A 79 3.22 4.42 0.08
N SER A 80 2.58 5.29 -0.70
CA SER A 80 3.02 5.55 -2.06
C SER A 80 4.47 6.02 -2.10
N ASN A 81 4.95 6.51 -0.96
CA ASN A 81 6.33 7.00 -0.85
C ASN A 81 7.31 5.84 -0.92
N TYR A 82 6.88 4.67 -0.48
CA TYR A 82 7.73 3.48 -0.50
C TYR A 82 7.43 2.61 -1.70
N VAL A 83 6.53 3.08 -2.56
CA VAL A 83 6.15 2.34 -3.76
C VAL A 83 6.28 3.21 -5.00
N GLU A 84 6.39 2.56 -6.16
CA GLU A 84 6.53 3.27 -7.42
C GLU A 84 6.17 2.36 -8.60
N ARG A 85 5.18 2.77 -9.37
CA ARG A 85 4.73 1.99 -10.52
C ARG A 85 5.90 1.71 -11.46
N LYS A 86 6.11 0.44 -11.78
CA LYS A 86 7.19 0.03 -12.67
C LYS A 86 8.54 0.49 -12.12
N HIS A 1 19.03 16.52 -1.00
CA HIS A 1 19.53 15.82 0.16
C HIS A 1 19.18 14.33 0.10
N MET A 2 20.13 13.49 0.50
CA MET A 2 19.92 12.05 0.49
C MET A 2 20.74 11.37 1.57
N LYS A 3 20.79 11.98 2.75
CA LYS A 3 21.54 11.44 3.87
C LYS A 3 20.61 10.76 4.88
N GLU A 4 21.14 9.77 5.58
CA GLU A 4 20.35 9.04 6.58
C GLU A 4 19.16 8.34 5.92
N ARG A 5 18.33 7.71 6.75
CA ARG A 5 17.16 7.00 6.25
C ARG A 5 16.08 7.98 5.79
N PRO A 6 15.15 7.48 4.96
CA PRO A 6 14.06 8.30 4.42
C PRO A 6 13.04 8.67 5.49
N PRO A 7 12.15 9.63 5.16
CA PRO A 7 11.11 10.10 6.08
C PRO A 7 10.04 9.04 6.33
N PRO A 8 9.19 9.29 7.35
CA PRO A 8 8.11 8.38 7.71
C PRO A 8 7.00 8.34 6.66
N VAL A 9 5.99 7.53 6.91
CA VAL A 9 4.86 7.39 5.99
C VAL A 9 4.24 8.76 5.70
N PRO A 10 3.74 8.93 4.46
CA PRO A 10 3.10 10.17 4.03
C PRO A 10 1.76 10.40 4.70
N ASN A 11 1.79 10.75 5.99
CA ASN A 11 0.56 10.99 6.74
C ASN A 11 -0.53 10.01 6.33
N PRO A 12 -0.51 8.81 6.94
CA PRO A 12 -1.50 7.77 6.65
C PRO A 12 -2.89 8.12 7.17
N ASP A 13 -3.91 7.87 6.37
CA ASP A 13 -5.28 8.16 6.74
C ASP A 13 -6.20 6.97 6.45
N TYR A 14 -5.84 5.81 7.00
CA TYR A 14 -6.62 4.59 6.78
C TYR A 14 -7.45 4.26 8.03
N ASN A 15 -7.05 4.83 9.16
CA ASN A 15 -7.75 4.59 10.42
C ASN A 15 -9.05 5.40 10.48
N SER A 16 -10.17 4.70 10.57
CA SER A 16 -11.47 5.35 10.63
C SER A 16 -12.43 4.55 11.51
N LEU A 17 -13.56 5.18 11.86
CA LEU A 17 -14.55 4.53 12.70
C LEU A 17 -15.10 3.27 12.03
N LYS A 18 -15.46 3.40 10.76
CA LYS A 18 -16.00 2.28 10.00
C LYS A 18 -17.32 1.80 10.59
N LYS A 19 -17.94 0.81 9.95
CA LYS A 19 -19.19 0.25 10.42
C LYS A 19 -19.19 -1.27 10.33
N GLY A 20 -18.93 -1.78 9.13
CA GLY A 20 -18.90 -3.21 8.93
C GLY A 20 -18.44 -3.60 7.54
N SER A 21 -17.61 -4.63 7.45
CA SER A 21 -17.09 -5.09 6.17
C SER A 21 -18.22 -5.61 5.29
N LEU A 22 -18.91 -6.64 5.75
CA LEU A 22 -20.01 -7.24 5.00
C LEU A 22 -19.54 -7.75 3.65
N VAL A 23 -20.48 -8.25 2.85
CA VAL A 23 -20.16 -8.77 1.52
C VAL A 23 -21.16 -8.28 0.48
N LYS A 24 -20.63 -7.70 -0.59
CA LYS A 24 -21.48 -7.18 -1.67
C LYS A 24 -20.76 -7.27 -3.02
N ASN A 25 -21.35 -6.65 -4.03
CA ASN A 25 -20.77 -6.67 -5.37
C ASN A 25 -19.41 -5.96 -5.38
N LEU A 26 -18.79 -5.90 -6.56
CA LEU A 26 -17.50 -5.25 -6.71
C LEU A 26 -17.50 -4.29 -7.88
N HIS A 27 -16.40 -3.57 -8.05
CA HIS A 27 -16.27 -2.60 -9.14
C HIS A 27 -15.64 -3.24 -10.37
N MET A 28 -15.36 -2.43 -11.38
CA MET A 28 -14.76 -2.93 -12.61
C MET A 28 -13.26 -3.17 -12.43
N THR A 29 -12.66 -2.46 -11.46
CA THR A 29 -11.24 -2.60 -11.19
C THR A 29 -10.40 -2.34 -12.43
N GLU A 30 -9.11 -2.60 -12.33
CA GLU A 30 -8.20 -2.39 -13.45
C GLU A 30 -7.10 -3.45 -13.47
N GLU A 31 -6.08 -3.22 -14.29
CA GLU A 31 -4.96 -4.15 -14.40
C GLU A 31 -3.63 -3.42 -14.27
N VAL A 32 -3.42 -2.76 -13.14
CA VAL A 32 -2.19 -2.02 -12.90
C VAL A 32 -1.29 -2.76 -11.92
N ILE A 33 0.00 -2.45 -11.96
CA ILE A 33 0.97 -3.09 -11.07
C ILE A 33 2.01 -2.08 -10.58
N VAL A 34 2.28 -2.12 -9.28
CA VAL A 34 3.25 -1.21 -8.68
C VAL A 34 4.45 -1.98 -8.13
N ILE A 35 5.55 -1.26 -7.91
CA ILE A 35 6.76 -1.88 -7.37
C ILE A 35 7.26 -1.13 -6.14
N ALA A 36 7.44 -1.87 -5.05
CA ALA A 36 7.92 -1.28 -3.80
C ALA A 36 9.39 -0.89 -3.91
N LYS A 37 9.65 0.42 -3.91
CA LYS A 37 11.01 0.93 -4.01
C LYS A 37 11.92 0.26 -2.98
N TRP A 38 11.36 -0.03 -1.82
CA TRP A 38 12.12 -0.68 -0.75
C TRP A 38 11.25 -1.67 0.02
N ASP A 39 11.76 -2.14 1.15
CA ASP A 39 11.03 -3.10 1.97
C ASP A 39 10.40 -2.39 3.18
N TYR A 40 9.11 -2.65 3.39
CA TYR A 40 8.39 -2.04 4.51
C TYR A 40 7.71 -3.10 5.36
N THR A 41 7.42 -2.75 6.61
CA THR A 41 6.77 -3.67 7.52
C THR A 41 5.39 -3.17 7.93
N ALA A 42 4.38 -4.03 7.77
CA ALA A 42 3.01 -3.67 8.12
C ALA A 42 2.91 -3.21 9.57
N GLN A 43 2.86 -1.89 9.76
CA GLN A 43 2.76 -1.32 11.10
C GLN A 43 1.54 -1.85 11.83
N GLN A 44 0.50 -2.17 11.07
CA GLN A 44 -0.74 -2.69 11.65
C GLN A 44 -1.27 -3.87 10.84
N ASP A 45 -2.49 -4.29 11.14
CA ASP A 45 -3.11 -5.40 10.45
C ASP A 45 -3.76 -4.95 9.14
N GLN A 46 -4.10 -3.66 9.09
CA GLN A 46 -4.74 -3.10 7.90
C GLN A 46 -3.72 -2.90 6.78
N GLU A 47 -2.50 -2.50 7.16
CA GLU A 47 -1.45 -2.28 6.20
C GLU A 47 -0.85 -3.60 5.71
N LEU A 48 -0.03 -3.52 4.67
CA LEU A 48 0.61 -4.71 4.11
C LEU A 48 2.13 -4.62 4.21
N ASP A 49 2.79 -5.76 4.15
CA ASP A 49 4.25 -5.81 4.22
C ASP A 49 4.86 -6.23 2.88
N ILE A 50 5.70 -5.37 2.33
CA ILE A 50 6.34 -5.64 1.05
C ILE A 50 7.86 -5.60 1.18
N LYS A 51 8.55 -6.31 0.29
CA LYS A 51 10.00 -6.34 0.30
C LYS A 51 10.57 -5.58 -0.89
N LYS A 52 11.87 -5.33 -0.86
CA LYS A 52 12.55 -4.61 -1.94
C LYS A 52 12.25 -5.25 -3.29
N ASN A 53 12.04 -4.43 -4.30
CA ASN A 53 11.75 -4.92 -5.64
C ASN A 53 10.61 -5.93 -5.62
N GLU A 54 9.46 -5.50 -5.10
CA GLU A 54 8.28 -6.37 -5.02
C GLU A 54 7.14 -5.81 -5.85
N ARG A 55 6.64 -6.62 -6.78
CA ARG A 55 5.54 -6.21 -7.64
C ARG A 55 4.21 -6.73 -7.11
N LEU A 56 3.15 -5.97 -7.32
CA LEU A 56 1.82 -6.34 -6.87
C LEU A 56 0.75 -5.82 -7.81
N TRP A 57 -0.50 -6.18 -7.53
CA TRP A 57 -1.62 -5.73 -8.35
C TRP A 57 -2.26 -4.47 -7.78
N LEU A 58 -2.05 -3.35 -8.45
CA LEU A 58 -2.62 -2.08 -8.00
C LEU A 58 -4.14 -2.09 -8.10
N LEU A 59 -4.80 -1.79 -6.98
CA LEU A 59 -6.25 -1.76 -6.93
C LEU A 59 -6.78 -0.32 -7.00
N ASP A 60 -6.53 0.44 -5.95
CA ASP A 60 -6.97 1.83 -5.89
C ASP A 60 -5.87 2.74 -5.38
N ASP A 61 -5.32 3.56 -6.27
CA ASP A 61 -4.25 4.48 -5.92
C ASP A 61 -4.66 5.92 -6.17
N SER A 62 -5.48 6.47 -5.28
CA SER A 62 -5.94 7.84 -5.41
C SER A 62 -5.33 8.73 -4.33
N LYS A 63 -5.41 8.28 -3.08
CA LYS A 63 -4.87 9.04 -1.96
C LYS A 63 -3.39 8.73 -1.77
N THR A 64 -2.77 9.39 -0.79
CA THR A 64 -1.36 9.19 -0.50
C THR A 64 -1.02 7.71 -0.43
N TRP A 65 -1.92 6.93 0.17
CA TRP A 65 -1.71 5.49 0.30
C TRP A 65 -2.42 4.74 -0.82
N TRP A 66 -1.74 3.72 -1.33
CA TRP A 66 -2.30 2.91 -2.41
C TRP A 66 -2.59 1.49 -1.93
N ARG A 67 -3.59 0.85 -2.55
CA ARG A 67 -3.97 -0.50 -2.19
C ARG A 67 -3.63 -1.48 -3.31
N VAL A 68 -2.72 -2.40 -3.02
CA VAL A 68 -2.30 -3.41 -4.00
C VAL A 68 -2.50 -4.81 -3.47
N ARG A 69 -2.44 -5.80 -4.37
CA ARG A 69 -2.61 -7.20 -3.99
C ARG A 69 -1.37 -8.01 -4.31
N ASN A 70 -1.14 -9.06 -3.54
CA ASN A 70 0.02 -9.93 -3.75
C ASN A 70 -0.41 -11.31 -4.23
N ALA A 71 0.57 -12.19 -4.43
CA ALA A 71 0.29 -13.55 -4.90
C ALA A 71 -0.41 -14.36 -3.82
N ALA A 72 -0.48 -13.80 -2.61
CA ALA A 72 -1.12 -14.49 -1.49
C ALA A 72 -2.63 -14.34 -1.54
N ASN A 73 -3.12 -13.71 -2.61
CA ASN A 73 -4.56 -13.49 -2.79
C ASN A 73 -5.10 -12.56 -1.71
N ARG A 74 -4.20 -11.87 -1.02
CA ARG A 74 -4.59 -10.93 0.03
C ARG A 74 -4.36 -9.49 -0.41
N THR A 75 -5.20 -8.59 0.08
CA THR A 75 -5.09 -7.18 -0.26
C THR A 75 -4.81 -6.34 0.97
N GLY A 76 -3.89 -5.38 0.85
CA GLY A 76 -3.55 -4.52 1.96
C GLY A 76 -3.26 -3.10 1.53
N TYR A 77 -2.73 -2.30 2.45
CA TYR A 77 -2.41 -0.90 2.15
C TYR A 77 -0.90 -0.66 2.26
N VAL A 78 -0.42 0.33 1.52
CA VAL A 78 0.99 0.67 1.53
C VAL A 78 1.21 2.13 1.13
N PRO A 79 2.24 2.75 1.73
CA PRO A 79 2.58 4.16 1.44
C PRO A 79 3.15 4.34 0.04
N SER A 80 2.53 5.22 -0.74
CA SER A 80 2.97 5.49 -2.10
C SER A 80 4.40 6.02 -2.11
N ASN A 81 4.85 6.49 -0.96
CA ASN A 81 6.20 7.05 -0.83
C ASN A 81 7.24 5.93 -0.90
N TYR A 82 6.87 4.75 -0.44
CA TYR A 82 7.76 3.60 -0.44
C TYR A 82 7.53 2.72 -1.66
N VAL A 83 6.61 3.16 -2.53
CA VAL A 83 6.29 2.40 -3.73
C VAL A 83 6.45 3.27 -4.98
N GLU A 84 6.57 2.62 -6.13
CA GLU A 84 6.72 3.33 -7.40
C GLU A 84 6.36 2.43 -8.58
N ARG A 85 5.29 2.78 -9.27
CA ARG A 85 4.84 2.01 -10.42
C ARG A 85 5.85 2.07 -11.55
N LYS A 86 5.75 1.12 -12.48
CA LYS A 86 6.68 1.05 -13.61
C LYS A 86 8.12 1.06 -13.14
N HIS A 1 18.95 11.19 -0.07
CA HIS A 1 18.79 9.79 -0.44
C HIS A 1 20.11 9.04 -0.34
N MET A 2 21.17 9.64 -0.89
CA MET A 2 22.49 9.02 -0.87
C MET A 2 22.88 8.65 0.57
N LYS A 3 22.66 9.57 1.49
CA LYS A 3 23.00 9.34 2.90
C LYS A 3 21.74 9.32 3.76
N GLU A 4 21.89 8.89 5.01
CA GLU A 4 20.77 8.83 5.93
C GLU A 4 19.61 8.02 5.33
N ARG A 5 18.48 8.01 6.04
CA ARG A 5 17.31 7.27 5.58
C ARG A 5 16.18 8.23 5.18
N PRO A 6 15.23 7.73 4.38
CA PRO A 6 14.09 8.53 3.92
C PRO A 6 13.11 8.85 5.04
N PRO A 7 12.18 9.79 4.78
CA PRO A 7 11.18 10.20 5.76
C PRO A 7 10.15 9.10 6.03
N PRO A 8 9.34 9.30 7.08
CA PRO A 8 8.30 8.34 7.47
C PRO A 8 7.15 8.29 6.47
N VAL A 9 6.12 7.51 6.79
CA VAL A 9 4.96 7.38 5.92
C VAL A 9 4.34 8.74 5.62
N PRO A 10 3.83 8.90 4.40
CA PRO A 10 3.20 10.15 3.97
C PRO A 10 1.85 10.39 4.66
N ASN A 11 1.91 10.74 5.94
CA ASN A 11 0.71 11.00 6.71
C ASN A 11 -0.40 10.02 6.34
N PRO A 12 -0.38 8.83 6.94
CA PRO A 12 -1.37 7.79 6.69
C PRO A 12 -2.75 8.16 7.24
N ASP A 13 -3.78 7.92 6.44
CA ASP A 13 -5.15 8.21 6.85
C ASP A 13 -6.09 7.07 6.50
N TYR A 14 -5.79 5.89 7.03
CA TYR A 14 -6.60 4.71 6.76
C TYR A 14 -7.40 4.30 8.00
N ASN A 15 -6.96 4.79 9.16
CA ASN A 15 -7.62 4.48 10.42
C ASN A 15 -9.06 4.97 10.40
N SER A 16 -9.25 6.23 10.04
CA SER A 16 -10.58 6.83 10.00
C SER A 16 -11.32 6.62 11.32
N LEU A 17 -10.58 6.68 12.41
CA LEU A 17 -11.16 6.49 13.74
C LEU A 17 -11.90 5.17 13.83
N LYS A 18 -12.56 4.94 14.97
CA LYS A 18 -13.31 3.70 15.18
C LYS A 18 -12.41 2.48 14.96
N LYS A 19 -13.04 1.31 14.93
CA LYS A 19 -12.30 0.07 14.72
C LYS A 19 -12.69 -0.59 13.40
N GLY A 20 -13.96 -0.98 13.30
CA GLY A 20 -14.45 -1.60 12.08
C GLY A 20 -15.70 -2.44 12.31
N SER A 21 -16.28 -2.95 11.23
CA SER A 21 -17.48 -3.76 11.33
C SER A 21 -17.44 -4.92 10.34
N LEU A 22 -17.63 -4.61 9.06
CA LEU A 22 -17.60 -5.62 8.01
C LEU A 22 -17.60 -4.98 6.63
N VAL A 23 -16.99 -5.65 5.67
CA VAL A 23 -16.91 -5.15 4.31
C VAL A 23 -16.24 -6.16 3.38
N LYS A 24 -16.75 -6.26 2.16
CA LYS A 24 -16.20 -7.18 1.17
C LYS A 24 -16.33 -6.61 -0.24
N ASN A 25 -17.56 -6.29 -0.64
CA ASN A 25 -17.81 -5.74 -1.96
C ASN A 25 -17.40 -6.74 -3.06
N LEU A 26 -17.83 -6.47 -4.28
CA LEU A 26 -17.51 -7.33 -5.41
C LEU A 26 -17.24 -6.51 -6.67
N HIS A 27 -16.07 -5.86 -6.71
CA HIS A 27 -15.69 -5.04 -7.86
C HIS A 27 -14.21 -4.70 -7.82
N MET A 28 -13.48 -5.13 -8.85
CA MET A 28 -12.04 -4.87 -8.93
C MET A 28 -11.71 -4.08 -10.19
N THR A 29 -11.73 -4.76 -11.34
CA THR A 29 -11.42 -4.12 -12.61
C THR A 29 -10.01 -3.55 -12.61
N GLU A 30 -9.59 -3.01 -13.75
CA GLU A 30 -8.26 -2.42 -13.88
C GLU A 30 -7.18 -3.49 -13.73
N GLU A 31 -6.09 -3.31 -14.48
CA GLU A 31 -4.99 -4.26 -14.43
C GLU A 31 -3.64 -3.54 -14.33
N VAL A 32 -3.41 -2.91 -13.18
CA VAL A 32 -2.17 -2.16 -12.96
C VAL A 32 -1.28 -2.89 -11.96
N ILE A 33 0.01 -2.60 -12.01
CA ILE A 33 0.98 -3.22 -11.11
C ILE A 33 2.00 -2.21 -10.60
N VAL A 34 2.26 -2.24 -9.30
CA VAL A 34 3.22 -1.33 -8.70
C VAL A 34 4.49 -2.06 -8.27
N ILE A 35 5.47 -1.30 -7.80
CA ILE A 35 6.74 -1.88 -7.37
C ILE A 35 7.26 -1.18 -6.12
N ALA A 36 7.57 -1.96 -5.09
CA ALA A 36 8.07 -1.42 -3.84
C ALA A 36 9.53 -0.97 -3.99
N LYS A 37 9.76 0.33 -3.82
CA LYS A 37 11.10 0.89 -3.93
C LYS A 37 12.00 0.39 -2.81
N TRP A 38 11.39 0.07 -1.67
CA TRP A 38 12.13 -0.42 -0.51
C TRP A 38 11.35 -1.50 0.22
N ASP A 39 11.84 -1.90 1.38
CA ASP A 39 11.18 -2.93 2.19
C ASP A 39 10.54 -2.32 3.43
N TYR A 40 9.25 -2.59 3.61
CA TYR A 40 8.51 -2.07 4.76
C TYR A 40 7.83 -3.19 5.53
N THR A 41 7.41 -2.89 6.75
CA THR A 41 6.75 -3.87 7.60
C THR A 41 5.33 -3.44 7.94
N ALA A 42 4.39 -4.36 7.83
CA ALA A 42 2.98 -4.07 8.13
C ALA A 42 2.83 -3.52 9.54
N GLN A 43 2.69 -2.20 9.66
CA GLN A 43 2.55 -1.55 10.95
C GLN A 43 1.24 -1.98 11.62
N GLN A 44 0.21 -2.22 10.82
CA GLN A 44 -1.08 -2.64 11.35
C GLN A 44 -1.66 -3.77 10.50
N ASP A 45 -2.65 -4.46 11.06
CA ASP A 45 -3.30 -5.56 10.37
C ASP A 45 -3.93 -5.09 9.05
N GLN A 46 -4.28 -3.80 9.01
CA GLN A 46 -4.89 -3.22 7.82
C GLN A 46 -3.85 -2.98 6.73
N GLU A 47 -2.64 -2.61 7.15
CA GLU A 47 -1.56 -2.34 6.21
C GLU A 47 -0.96 -3.63 5.68
N LEU A 48 -0.09 -3.51 4.69
CA LEU A 48 0.55 -4.68 4.09
C LEU A 48 2.07 -4.61 4.26
N ASP A 49 2.75 -5.70 3.92
CA ASP A 49 4.20 -5.76 4.02
C ASP A 49 4.85 -5.81 2.64
N ILE A 50 5.82 -4.94 2.42
CA ILE A 50 6.52 -4.89 1.14
C ILE A 50 8.02 -5.15 1.33
N LYS A 51 8.66 -5.59 0.25
CA LYS A 51 10.09 -5.88 0.29
C LYS A 51 10.80 -5.32 -0.94
N LYS A 52 12.11 -5.14 -0.85
CA LYS A 52 12.89 -4.61 -1.96
C LYS A 52 12.56 -5.35 -3.26
N ASN A 53 12.21 -4.59 -4.28
CA ASN A 53 11.86 -5.16 -5.59
C ASN A 53 10.65 -6.08 -5.46
N GLU A 54 9.57 -5.56 -4.92
CA GLU A 54 8.34 -6.33 -4.75
C GLU A 54 7.20 -5.74 -5.57
N ARG A 55 6.68 -6.53 -6.50
CA ARG A 55 5.58 -6.09 -7.36
C ARG A 55 4.25 -6.66 -6.87
N LEU A 56 3.17 -5.91 -7.13
CA LEU A 56 1.84 -6.34 -6.73
C LEU A 56 0.78 -5.80 -7.68
N TRP A 57 -0.47 -6.20 -7.46
CA TRP A 57 -1.57 -5.75 -8.29
C TRP A 57 -2.21 -4.49 -7.73
N LEU A 58 -2.03 -3.38 -8.46
CA LEU A 58 -2.59 -2.10 -8.03
C LEU A 58 -4.11 -2.13 -8.07
N LEU A 59 -4.74 -1.85 -6.93
CA LEU A 59 -6.20 -1.84 -6.84
C LEU A 59 -6.74 -0.41 -6.96
N ASP A 60 -6.53 0.37 -5.91
CA ASP A 60 -7.00 1.76 -5.90
C ASP A 60 -5.93 2.69 -5.35
N ASP A 61 -5.41 3.57 -6.21
CA ASP A 61 -4.38 4.51 -5.82
C ASP A 61 -4.84 5.95 -6.04
N SER A 62 -5.63 6.46 -5.09
CA SER A 62 -6.15 7.82 -5.19
C SER A 62 -5.51 8.72 -4.13
N LYS A 63 -5.51 8.25 -2.89
CA LYS A 63 -4.94 9.01 -1.78
C LYS A 63 -3.45 8.71 -1.64
N THR A 64 -2.80 9.39 -0.71
CA THR A 64 -1.37 9.19 -0.47
C THR A 64 -1.02 7.71 -0.38
N TRP A 65 -1.91 6.93 0.22
CA TRP A 65 -1.71 5.49 0.36
C TRP A 65 -2.42 4.73 -0.75
N TRP A 66 -1.74 3.73 -1.30
CA TRP A 66 -2.32 2.91 -2.37
C TRP A 66 -2.59 1.50 -1.89
N ARG A 67 -3.58 0.86 -2.49
CA ARG A 67 -3.96 -0.51 -2.12
C ARG A 67 -3.63 -1.48 -3.26
N VAL A 68 -2.87 -2.52 -2.93
CA VAL A 68 -2.49 -3.52 -3.91
C VAL A 68 -2.72 -4.94 -3.39
N ARG A 69 -2.53 -5.93 -4.25
CA ARG A 69 -2.74 -7.32 -3.87
C ARG A 69 -1.53 -8.17 -4.29
N ASN A 70 -1.15 -9.10 -3.41
CA ASN A 70 -0.01 -9.97 -3.69
C ASN A 70 -0.48 -11.26 -4.38
N ALA A 71 0.46 -12.17 -4.60
CA ALA A 71 0.14 -13.45 -5.25
C ALA A 71 -0.65 -14.35 -4.31
N ALA A 72 -0.75 -13.96 -3.04
CA ALA A 72 -1.48 -14.73 -2.06
C ALA A 72 -2.95 -14.34 -2.03
N ASN A 73 -3.36 -13.50 -2.99
CA ASN A 73 -4.73 -13.04 -3.08
C ASN A 73 -5.07 -12.08 -1.93
N ARG A 74 -4.08 -11.81 -1.09
CA ARG A 74 -4.26 -10.91 0.04
C ARG A 74 -4.22 -9.45 -0.40
N THR A 75 -5.02 -8.61 0.24
CA THR A 75 -5.08 -7.20 -0.09
C THR A 75 -4.80 -6.33 1.14
N GLY A 76 -3.91 -5.37 0.98
CA GLY A 76 -3.56 -4.49 2.08
C GLY A 76 -3.26 -3.07 1.63
N TYR A 77 -2.76 -2.26 2.55
CA TYR A 77 -2.43 -0.87 2.23
C TYR A 77 -0.92 -0.64 2.31
N VAL A 78 -0.45 0.35 1.57
CA VAL A 78 0.98 0.68 1.57
C VAL A 78 1.21 2.13 1.16
N PRO A 79 2.25 2.76 1.74
CA PRO A 79 2.60 4.14 1.44
C PRO A 79 3.14 4.32 0.03
N SER A 80 2.54 5.24 -0.72
CA SER A 80 2.96 5.49 -2.09
C SER A 80 4.38 6.06 -2.12
N ASN A 81 4.86 6.49 -0.96
CA ASN A 81 6.20 7.05 -0.84
C ASN A 81 7.26 5.95 -0.93
N TYR A 82 6.93 4.77 -0.42
CA TYR A 82 7.85 3.65 -0.43
C TYR A 82 7.59 2.74 -1.63
N VAL A 83 6.66 3.16 -2.50
CA VAL A 83 6.32 2.40 -3.69
C VAL A 83 6.38 3.28 -4.94
N GLU A 84 6.53 2.64 -6.09
CA GLU A 84 6.60 3.36 -7.35
C GLU A 84 6.29 2.43 -8.53
N ARG A 85 5.20 2.72 -9.23
CA ARG A 85 4.79 1.92 -10.37
C ARG A 85 5.83 1.97 -11.49
N LYS A 86 5.77 1.01 -12.39
CA LYS A 86 6.71 0.95 -13.51
C LYS A 86 8.15 0.89 -13.01
N HIS A 1 22.66 15.72 4.55
CA HIS A 1 22.42 16.17 3.18
C HIS A 1 22.21 14.98 2.25
N MET A 2 20.95 14.68 1.97
CA MET A 2 20.59 13.57 1.09
C MET A 2 21.29 12.28 1.54
N LYS A 3 20.93 11.81 2.74
CA LYS A 3 21.52 10.60 3.27
C LYS A 3 20.62 10.00 4.36
N GLU A 4 21.14 8.98 5.05
CA GLU A 4 20.38 8.33 6.11
C GLU A 4 19.12 7.66 5.56
N ARG A 5 18.32 7.08 6.45
CA ARG A 5 17.10 6.41 6.04
C ARG A 5 16.06 7.42 5.55
N PRO A 6 15.07 6.94 4.78
CA PRO A 6 14.00 7.78 4.24
C PRO A 6 13.06 8.29 5.32
N PRO A 7 12.21 9.26 4.95
CA PRO A 7 11.24 9.87 5.87
C PRO A 7 10.12 8.89 6.24
N PRO A 8 9.33 9.26 7.26
CA PRO A 8 8.21 8.44 7.73
C PRO A 8 7.07 8.40 6.73
N VAL A 9 6.05 7.60 7.04
CA VAL A 9 4.89 7.46 6.17
C VAL A 9 4.25 8.82 5.89
N PRO A 10 3.75 8.99 4.66
CA PRO A 10 3.10 10.24 4.24
C PRO A 10 1.75 10.45 4.92
N ASN A 11 1.79 10.79 6.21
CA ASN A 11 0.58 11.02 6.98
C ASN A 11 -0.52 10.03 6.57
N PRO A 12 -0.48 8.83 7.17
CA PRO A 12 -1.46 7.78 6.89
C PRO A 12 -2.85 8.11 7.43
N ASP A 13 -3.86 7.89 6.61
CA ASP A 13 -5.25 8.16 7.01
C ASP A 13 -6.18 7.05 6.55
N TYR A 14 -5.90 5.82 7.00
CA TYR A 14 -6.71 4.68 6.63
C TYR A 14 -7.59 4.23 7.80
N ASN A 15 -7.21 4.64 9.00
CA ASN A 15 -7.97 4.29 10.21
C ASN A 15 -8.56 5.53 10.86
N SER A 16 -9.89 5.63 10.85
CA SER A 16 -10.58 6.77 11.44
C SER A 16 -12.09 6.62 11.28
N LEU A 17 -12.51 6.02 10.18
CA LEU A 17 -13.93 5.81 9.91
C LEU A 17 -14.15 4.52 9.13
N LYS A 18 -13.27 3.55 9.33
CA LYS A 18 -13.37 2.27 8.65
C LYS A 18 -13.86 1.18 9.61
N LYS A 19 -12.99 0.78 10.53
CA LYS A 19 -13.33 -0.25 11.50
C LYS A 19 -13.89 -1.49 10.82
N GLY A 20 -12.99 -2.33 10.32
CA GLY A 20 -13.41 -3.55 9.65
C GLY A 20 -12.63 -3.80 8.37
N SER A 21 -13.25 -4.49 7.42
CA SER A 21 -12.61 -4.81 6.16
C SER A 21 -13.39 -4.21 4.99
N LEU A 22 -13.01 -4.59 3.78
CA LEU A 22 -13.67 -4.09 2.57
C LEU A 22 -15.09 -4.61 2.47
N VAL A 23 -15.85 -4.08 1.52
CA VAL A 23 -17.23 -4.50 1.31
C VAL A 23 -17.62 -4.39 -0.16
N LYS A 24 -18.91 -4.60 -0.44
CA LYS A 24 -19.41 -4.52 -1.81
C LYS A 24 -19.19 -3.14 -2.40
N ASN A 25 -19.01 -3.07 -3.72
CA ASN A 25 -18.81 -1.80 -4.40
C ASN A 25 -19.01 -1.95 -5.90
N LEU A 26 -18.64 -0.91 -6.64
CA LEU A 26 -18.79 -0.93 -8.10
C LEU A 26 -18.15 -2.18 -8.69
N HIS A 27 -18.45 -2.44 -9.96
CA HIS A 27 -17.89 -3.60 -10.66
C HIS A 27 -16.86 -3.17 -11.69
N MET A 28 -16.24 -2.03 -11.47
CA MET A 28 -15.23 -1.50 -12.38
C MET A 28 -13.82 -1.80 -11.87
N THR A 29 -13.11 -2.66 -12.58
CA THR A 29 -11.75 -3.04 -12.20
C THR A 29 -10.76 -2.71 -13.31
N GLU A 30 -9.48 -2.92 -13.03
CA GLU A 30 -8.43 -2.65 -14.01
C GLU A 30 -7.32 -3.69 -13.91
N GLU A 31 -6.20 -3.41 -14.58
CA GLU A 31 -5.06 -4.32 -14.58
C GLU A 31 -3.75 -3.56 -14.49
N VAL A 32 -3.45 -3.02 -13.30
CA VAL A 32 -2.23 -2.26 -13.09
C VAL A 32 -1.32 -2.97 -12.08
N ILE A 33 -0.04 -2.65 -12.14
CA ILE A 33 0.94 -3.25 -11.24
C ILE A 33 1.98 -2.22 -10.79
N VAL A 34 2.30 -2.24 -9.50
CA VAL A 34 3.26 -1.31 -8.94
C VAL A 34 4.51 -2.05 -8.46
N ILE A 35 5.52 -1.29 -8.05
CA ILE A 35 6.78 -1.87 -7.56
C ILE A 35 7.22 -1.21 -6.26
N ALA A 36 7.47 -2.03 -5.25
CA ALA A 36 7.92 -1.53 -3.95
C ALA A 36 9.34 -0.99 -4.03
N LYS A 37 9.47 0.34 -3.98
CA LYS A 37 10.78 0.98 -4.05
C LYS A 37 11.74 0.37 -3.03
N TRP A 38 11.20 -0.05 -1.89
CA TRP A 38 12.01 -0.66 -0.84
C TRP A 38 11.19 -1.64 -0.01
N ASP A 39 11.76 -2.09 1.10
CA ASP A 39 11.07 -3.03 1.97
C ASP A 39 10.54 -2.33 3.23
N TYR A 40 9.22 -2.29 3.37
CA TYR A 40 8.59 -1.65 4.51
C TYR A 40 7.72 -2.63 5.28
N THR A 41 7.87 -2.63 6.61
CA THR A 41 7.09 -3.53 7.45
C THR A 41 5.74 -2.92 7.81
N ALA A 42 4.70 -3.73 7.72
CA ALA A 42 3.34 -3.27 8.04
C ALA A 42 3.28 -2.69 9.44
N GLN A 43 2.29 -1.83 9.68
CA GLN A 43 2.12 -1.20 10.98
C GLN A 43 0.80 -1.61 11.61
N GLN A 44 -0.17 -1.94 10.77
CA GLN A 44 -1.49 -2.36 11.24
C GLN A 44 -2.05 -3.49 10.38
N ASP A 45 -3.02 -4.22 10.93
CA ASP A 45 -3.64 -5.33 10.21
C ASP A 45 -4.17 -4.86 8.86
N GLN A 46 -4.52 -3.59 8.78
CA GLN A 46 -5.05 -3.02 7.55
C GLN A 46 -3.94 -2.81 6.52
N GLU A 47 -2.73 -2.53 7.01
CA GLU A 47 -1.59 -2.31 6.13
C GLU A 47 -0.95 -3.63 5.72
N LEU A 48 -0.04 -3.57 4.76
CA LEU A 48 0.65 -4.77 4.28
C LEU A 48 2.16 -4.54 4.23
N ASP A 49 2.91 -5.63 4.31
CA ASP A 49 4.37 -5.56 4.28
C ASP A 49 4.90 -5.76 2.86
N ILE A 50 5.62 -4.78 2.36
CA ILE A 50 6.18 -4.86 1.01
C ILE A 50 7.69 -5.08 1.05
N LYS A 51 8.21 -5.74 0.03
CA LYS A 51 9.64 -6.02 -0.06
C LYS A 51 10.27 -5.28 -1.24
N LYS A 52 11.60 -5.19 -1.24
CA LYS A 52 12.32 -4.52 -2.31
C LYS A 52 12.13 -5.25 -3.63
N ASN A 53 11.87 -4.48 -4.69
CA ASN A 53 11.67 -5.05 -6.02
C ASN A 53 10.43 -5.95 -6.04
N GLU A 54 9.53 -5.72 -5.09
CA GLU A 54 8.30 -6.51 -5.00
C GLU A 54 7.19 -5.88 -5.84
N ARG A 55 6.55 -6.69 -6.67
CA ARG A 55 5.47 -6.22 -7.53
C ARG A 55 4.12 -6.75 -7.05
N LEU A 56 3.08 -5.93 -7.19
CA LEU A 56 1.75 -6.31 -6.77
C LEU A 56 0.69 -5.72 -7.71
N TRP A 57 -0.55 -6.18 -7.57
CA TRP A 57 -1.64 -5.69 -8.40
C TRP A 57 -2.23 -4.41 -7.83
N LEU A 58 -2.08 -3.32 -8.58
CA LEU A 58 -2.59 -2.02 -8.15
C LEU A 58 -4.12 -2.03 -8.12
N LEU A 59 -4.69 -1.82 -6.94
CA LEU A 59 -6.13 -1.80 -6.78
C LEU A 59 -6.67 -0.37 -6.85
N ASP A 60 -6.42 0.41 -5.80
CA ASP A 60 -6.87 1.79 -5.75
C ASP A 60 -5.77 2.71 -5.22
N ASP A 61 -5.25 3.56 -6.09
CA ASP A 61 -4.18 4.49 -5.70
C ASP A 61 -4.61 5.93 -5.95
N SER A 62 -5.44 6.46 -5.05
CA SER A 62 -5.93 7.83 -5.18
C SER A 62 -5.33 8.72 -4.08
N LYS A 63 -5.42 8.26 -2.84
CA LYS A 63 -4.88 9.01 -1.71
C LYS A 63 -3.39 8.72 -1.52
N THR A 64 -2.80 9.41 -0.55
CA THR A 64 -1.38 9.23 -0.27
C THR A 64 -1.01 7.75 -0.19
N TRP A 65 -1.89 6.96 0.40
CA TRP A 65 -1.67 5.52 0.54
C TRP A 65 -2.35 4.75 -0.59
N TRP A 66 -1.67 3.75 -1.11
CA TRP A 66 -2.20 2.93 -2.19
C TRP A 66 -2.56 1.54 -1.69
N ARG A 67 -3.34 0.81 -2.48
CA ARG A 67 -3.76 -0.54 -2.12
C ARG A 67 -3.48 -1.52 -3.26
N VAL A 68 -2.76 -2.59 -2.94
CA VAL A 68 -2.42 -3.60 -3.94
C VAL A 68 -2.60 -5.01 -3.38
N ARG A 69 -2.43 -6.01 -4.24
CA ARG A 69 -2.59 -7.40 -3.83
C ARG A 69 -1.36 -8.22 -4.25
N ASN A 70 -0.94 -9.13 -3.38
CA ASN A 70 0.22 -9.97 -3.65
C ASN A 70 -0.22 -11.28 -4.32
N ALA A 71 0.75 -12.15 -4.57
CA ALA A 71 0.46 -13.44 -5.19
C ALA A 71 -0.30 -14.36 -4.25
N ALA A 72 -0.37 -13.97 -2.98
CA ALA A 72 -1.08 -14.75 -1.98
C ALA A 72 -2.55 -14.39 -1.92
N ASN A 73 -3.00 -13.60 -2.90
CA ASN A 73 -4.39 -13.18 -2.96
C ASN A 73 -4.74 -12.29 -1.79
N ARG A 74 -3.71 -11.80 -1.09
CA ARG A 74 -3.91 -10.93 0.06
C ARG A 74 -3.92 -9.46 -0.36
N THR A 75 -4.77 -8.66 0.29
CA THR A 75 -4.88 -7.25 -0.01
C THR A 75 -4.62 -6.40 1.22
N GLY A 76 -3.77 -5.37 1.06
CA GLY A 76 -3.46 -4.50 2.17
C GLY A 76 -3.17 -3.08 1.74
N TYR A 77 -2.66 -2.27 2.65
CA TYR A 77 -2.34 -0.87 2.35
C TYR A 77 -0.84 -0.64 2.45
N VAL A 78 -0.36 0.38 1.74
CA VAL A 78 1.05 0.73 1.75
C VAL A 78 1.27 2.19 1.35
N PRO A 79 2.31 2.81 1.94
CA PRO A 79 2.63 4.21 1.67
C PRO A 79 3.20 4.41 0.26
N SER A 80 2.59 5.32 -0.50
CA SER A 80 3.02 5.60 -1.86
C SER A 80 4.49 6.04 -1.88
N ASN A 81 4.98 6.48 -0.73
CA ASN A 81 6.37 6.93 -0.62
C ASN A 81 7.33 5.76 -0.78
N TYR A 82 6.92 4.59 -0.30
CA TYR A 82 7.74 3.39 -0.39
C TYR A 82 7.35 2.54 -1.60
N VAL A 83 6.40 3.04 -2.39
CA VAL A 83 5.95 2.34 -3.57
C VAL A 83 6.10 3.19 -4.83
N GLU A 84 6.37 2.54 -5.95
CA GLU A 84 6.55 3.25 -7.21
C GLU A 84 6.38 2.29 -8.39
N ARG A 85 5.43 2.60 -9.26
CA ARG A 85 5.17 1.77 -10.44
C ARG A 85 6.38 1.76 -11.38
N LYS A 86 6.42 0.77 -12.25
CA LYS A 86 7.52 0.65 -13.21
C LYS A 86 7.26 -0.49 -14.19
N HIS A 1 20.05 14.85 -3.68
CA HIS A 1 20.87 14.33 -2.59
C HIS A 1 20.02 13.63 -1.55
N MET A 2 20.63 12.70 -0.81
CA MET A 2 19.92 11.95 0.22
C MET A 2 20.87 11.52 1.33
N LYS A 3 20.42 11.65 2.58
CA LYS A 3 21.22 11.26 3.72
C LYS A 3 20.39 10.53 4.76
N GLU A 4 20.95 9.48 5.34
CA GLU A 4 20.26 8.69 6.35
C GLU A 4 19.01 8.04 5.76
N ARG A 5 18.28 7.32 6.60
CA ARG A 5 17.06 6.63 6.17
C ARG A 5 16.03 7.64 5.65
N PRO A 6 15.06 7.14 4.88
CA PRO A 6 13.99 7.98 4.31
C PRO A 6 13.02 8.48 5.37
N PRO A 7 12.17 9.44 4.98
CA PRO A 7 11.18 10.03 5.88
C PRO A 7 10.07 9.04 6.23
N PRO A 8 9.24 9.40 7.23
CA PRO A 8 8.12 8.57 7.67
C PRO A 8 7.00 8.51 6.65
N VAL A 9 5.99 7.69 6.93
CA VAL A 9 4.85 7.54 6.03
C VAL A 9 4.21 8.89 5.72
N PRO A 10 3.73 9.05 4.48
CA PRO A 10 3.09 10.29 4.04
C PRO A 10 1.73 10.51 4.70
N ASN A 11 1.75 10.86 5.98
CA ASN A 11 0.52 11.10 6.73
C ASN A 11 -0.56 10.11 6.32
N PRO A 12 -0.53 8.91 6.93
CA PRO A 12 -1.51 7.85 6.65
C PRO A 12 -2.90 8.19 7.17
N ASP A 13 -3.91 7.93 6.36
CA ASP A 13 -5.29 8.20 6.74
C ASP A 13 -6.19 6.99 6.47
N TYR A 14 -5.79 5.84 7.00
CA TYR A 14 -6.56 4.61 6.81
C TYR A 14 -7.33 4.24 8.08
N ASN A 15 -6.93 4.85 9.20
CA ASN A 15 -7.58 4.59 10.48
C ASN A 15 -9.06 4.96 10.43
N SER A 16 -9.92 4.01 10.77
CA SER A 16 -11.36 4.25 10.77
C SER A 16 -11.89 4.40 12.19
N LEU A 17 -12.68 5.43 12.42
CA LEU A 17 -13.26 5.69 13.73
C LEU A 17 -14.69 6.19 13.61
N LYS A 18 -15.39 5.72 12.58
CA LYS A 18 -16.77 6.12 12.35
C LYS A 18 -17.65 4.91 12.05
N LYS A 19 -18.94 5.05 12.28
CA LYS A 19 -19.89 3.97 12.03
C LYS A 19 -19.92 3.60 10.55
N GLY A 20 -20.00 4.61 9.69
CA GLY A 20 -20.03 4.38 8.26
C GLY A 20 -21.29 3.65 7.82
N SER A 21 -21.23 3.04 6.64
CA SER A 21 -22.37 2.31 6.10
C SER A 21 -21.96 1.51 4.87
N LEU A 22 -21.76 2.20 3.75
CA LEU A 22 -21.36 1.54 2.51
C LEU A 22 -22.45 0.58 2.04
N VAL A 23 -22.32 0.12 0.80
CA VAL A 23 -23.29 -0.81 0.22
C VAL A 23 -22.61 -2.11 -0.21
N LYS A 24 -21.38 -1.99 -0.68
CA LYS A 24 -20.62 -3.16 -1.13
C LYS A 24 -19.22 -2.76 -1.59
N ASN A 25 -19.16 -2.03 -2.70
CA ASN A 25 -17.89 -1.58 -3.25
C ASN A 25 -18.11 -0.75 -4.51
N LEU A 26 -17.01 -0.41 -5.19
CA LEU A 26 -17.07 0.38 -6.41
C LEU A 26 -17.20 -0.53 -7.64
N HIS A 27 -17.36 0.09 -8.80
CA HIS A 27 -17.48 -0.65 -10.05
C HIS A 27 -16.40 -0.26 -11.04
N MET A 28 -15.15 -0.27 -10.56
CA MET A 28 -14.01 0.10 -11.40
C MET A 28 -12.89 -0.94 -11.26
N THR A 29 -12.52 -1.55 -12.38
CA THR A 29 -11.47 -2.55 -12.39
C THR A 29 -10.48 -2.32 -13.53
N GLU A 30 -9.22 -2.68 -13.30
CA GLU A 30 -8.19 -2.51 -14.31
C GLU A 30 -7.08 -3.53 -14.15
N GLU A 31 -5.97 -3.33 -14.84
CA GLU A 31 -4.83 -4.23 -14.77
C GLU A 31 -3.53 -3.46 -14.58
N VAL A 32 -3.35 -2.88 -13.40
CA VAL A 32 -2.16 -2.11 -13.09
C VAL A 32 -1.28 -2.84 -12.08
N ILE A 33 0.02 -2.55 -12.12
CA ILE A 33 0.96 -3.18 -11.21
C ILE A 33 1.99 -2.18 -10.70
N VAL A 34 2.24 -2.20 -9.40
CA VAL A 34 3.20 -1.30 -8.78
C VAL A 34 4.45 -2.05 -8.34
N ILE A 35 5.46 -1.29 -7.87
CA ILE A 35 6.70 -1.88 -7.42
C ILE A 35 7.21 -1.20 -6.15
N ALA A 36 7.46 -1.99 -5.11
CA ALA A 36 7.94 -1.46 -3.85
C ALA A 36 9.41 -1.05 -3.95
N LYS A 37 9.67 0.25 -3.84
CA LYS A 37 11.04 0.76 -3.92
C LYS A 37 11.91 0.16 -2.82
N TRP A 38 11.30 -0.13 -1.68
CA TRP A 38 12.03 -0.71 -0.55
C TRP A 38 11.12 -1.63 0.27
N ASP A 39 11.68 -2.26 1.29
CA ASP A 39 10.93 -3.15 2.15
C ASP A 39 10.32 -2.40 3.32
N TYR A 40 9.05 -2.66 3.59
CA TYR A 40 8.35 -2.00 4.69
C TYR A 40 7.71 -3.03 5.62
N THR A 41 7.56 -2.66 6.89
CA THR A 41 6.97 -3.55 7.88
C THR A 41 5.55 -3.12 8.22
N ALA A 42 4.62 -4.06 8.14
CA ALA A 42 3.22 -3.78 8.44
C ALA A 42 3.07 -3.18 9.85
N GLN A 43 2.91 -1.87 9.91
CA GLN A 43 2.76 -1.18 11.18
C GLN A 43 1.47 -1.62 11.89
N GLN A 44 0.44 -1.91 11.11
CA GLN A 44 -0.84 -2.33 11.65
C GLN A 44 -1.41 -3.51 10.86
N ASP A 45 -2.66 -3.86 11.15
CA ASP A 45 -3.31 -4.97 10.46
C ASP A 45 -3.77 -4.55 9.06
N GLN A 46 -4.27 -3.32 8.96
CA GLN A 46 -4.74 -2.80 7.68
C GLN A 46 -3.60 -2.71 6.67
N GLU A 47 -2.38 -2.57 7.17
CA GLU A 47 -1.21 -2.48 6.32
C GLU A 47 -0.64 -3.85 6.02
N LEU A 48 0.26 -3.93 5.03
CA LEU A 48 0.88 -5.18 4.65
C LEU A 48 2.39 -5.04 4.53
N ASP A 49 3.11 -6.09 4.92
CA ASP A 49 4.57 -6.08 4.86
C ASP A 49 5.06 -6.34 3.44
N ILE A 50 5.73 -5.35 2.85
CA ILE A 50 6.24 -5.48 1.50
C ILE A 50 7.77 -5.49 1.49
N LYS A 51 8.35 -5.97 0.39
CA LYS A 51 9.80 -6.03 0.26
C LYS A 51 10.28 -5.14 -0.89
N LYS A 52 11.57 -5.19 -1.16
CA LYS A 52 12.16 -4.39 -2.23
C LYS A 52 12.02 -5.10 -3.58
N ASN A 53 11.81 -4.32 -4.63
CA ASN A 53 11.65 -4.88 -5.97
C ASN A 53 10.43 -5.79 -6.05
N GLU A 54 9.55 -5.67 -5.07
CA GLU A 54 8.34 -6.48 -5.02
C GLU A 54 7.22 -5.83 -5.83
N ARG A 55 6.58 -6.62 -6.69
CA ARG A 55 5.50 -6.12 -7.53
C ARG A 55 4.16 -6.70 -7.08
N LEU A 56 3.09 -5.92 -7.25
CA LEU A 56 1.76 -6.36 -6.87
C LEU A 56 0.70 -5.79 -7.81
N TRP A 57 -0.54 -6.19 -7.61
CA TRP A 57 -1.65 -5.73 -8.45
C TRP A 57 -2.27 -4.47 -7.86
N LEU A 58 -2.14 -3.36 -8.58
CA LEU A 58 -2.69 -2.08 -8.14
C LEU A 58 -4.22 -2.13 -8.12
N LEU A 59 -4.79 -1.87 -6.95
CA LEU A 59 -6.25 -1.88 -6.80
C LEU A 59 -6.81 -0.46 -6.89
N ASP A 60 -6.58 0.33 -5.84
CA ASP A 60 -7.06 1.71 -5.79
C ASP A 60 -5.96 2.64 -5.29
N ASP A 61 -5.47 3.50 -6.17
CA ASP A 61 -4.43 4.45 -5.82
C ASP A 61 -4.89 5.88 -6.05
N SER A 62 -5.67 6.41 -5.10
CA SER A 62 -6.19 7.76 -5.21
C SER A 62 -5.54 8.67 -4.18
N LYS A 63 -5.52 8.22 -2.92
CA LYS A 63 -4.93 8.99 -1.84
C LYS A 63 -3.44 8.69 -1.71
N THR A 64 -2.79 9.38 -0.78
CA THR A 64 -1.36 9.18 -0.55
C THR A 64 -1.01 7.69 -0.44
N TRP A 65 -1.91 6.93 0.16
CA TRP A 65 -1.71 5.49 0.32
C TRP A 65 -2.40 4.72 -0.79
N TRP A 66 -1.71 3.71 -1.32
CA TRP A 66 -2.27 2.89 -2.40
C TRP A 66 -2.53 1.47 -1.91
N ARG A 67 -3.50 0.80 -2.53
CA ARG A 67 -3.85 -0.56 -2.16
C ARG A 67 -3.55 -1.52 -3.30
N VAL A 68 -2.75 -2.55 -3.01
CA VAL A 68 -2.39 -3.55 -4.01
C VAL A 68 -2.58 -4.96 -3.48
N ARG A 69 -2.47 -5.95 -4.36
CA ARG A 69 -2.63 -7.35 -3.98
C ARG A 69 -1.41 -8.16 -4.37
N ASN A 70 -1.14 -9.22 -3.60
CA ASN A 70 0.01 -10.08 -3.86
C ASN A 70 -0.43 -11.40 -4.47
N ALA A 71 0.53 -12.28 -4.74
CA ALA A 71 0.24 -13.58 -5.32
C ALA A 71 -0.59 -14.43 -4.37
N ALA A 72 -0.65 -14.02 -3.10
CA ALA A 72 -1.41 -14.74 -2.09
C ALA A 72 -2.89 -14.33 -2.12
N ASN A 73 -3.24 -13.52 -3.11
CA ASN A 73 -4.63 -13.05 -3.24
C ASN A 73 -5.01 -12.14 -2.08
N ARG A 74 -4.01 -11.70 -1.32
CA ARG A 74 -4.24 -10.83 -0.18
C ARG A 74 -4.11 -9.37 -0.57
N THR A 75 -4.98 -8.53 -0.02
CA THR A 75 -4.97 -7.10 -0.31
C THR A 75 -4.65 -6.28 0.94
N GLY A 76 -3.67 -5.39 0.81
CA GLY A 76 -3.28 -4.56 1.95
C GLY A 76 -3.02 -3.12 1.54
N TYR A 77 -2.60 -2.31 2.50
CA TYR A 77 -2.32 -0.91 2.24
C TYR A 77 -0.83 -0.61 2.41
N VAL A 78 -0.33 0.34 1.62
CA VAL A 78 1.09 0.72 1.68
C VAL A 78 1.28 2.16 1.24
N PRO A 79 2.30 2.83 1.81
CA PRO A 79 2.62 4.22 1.49
C PRO A 79 3.18 4.37 0.09
N SER A 80 2.53 5.21 -0.71
CA SER A 80 2.96 5.44 -2.09
C SER A 80 4.40 5.97 -2.13
N ASN A 81 4.86 6.48 -0.99
CA ASN A 81 6.21 7.03 -0.89
C ASN A 81 7.24 5.90 -0.95
N TYR A 82 6.87 4.73 -0.44
CA TYR A 82 7.77 3.58 -0.43
C TYR A 82 7.52 2.69 -1.65
N VAL A 83 6.63 3.13 -2.52
CA VAL A 83 6.31 2.39 -3.72
C VAL A 83 6.43 3.27 -4.97
N GLU A 84 6.58 2.63 -6.13
CA GLU A 84 6.71 3.35 -7.39
C GLU A 84 6.40 2.45 -8.57
N ARG A 85 5.29 2.73 -9.24
CA ARG A 85 4.86 1.93 -10.39
C ARG A 85 5.88 2.06 -11.54
N LYS A 86 5.82 1.11 -12.46
CA LYS A 86 6.74 1.11 -13.61
C LYS A 86 8.18 1.21 -13.15
N HIS A 1 18.40 17.26 2.74
CA HIS A 1 19.01 16.03 2.24
C HIS A 1 20.22 15.65 3.09
N MET A 2 20.10 15.84 4.39
CA MET A 2 21.19 15.52 5.31
C MET A 2 20.66 14.76 6.52
N LYS A 3 20.31 13.50 6.33
CA LYS A 3 19.79 12.66 7.40
C LYS A 3 20.00 11.17 7.09
N GLU A 4 19.54 10.32 7.98
CA GLU A 4 19.67 8.88 7.81
C GLU A 4 18.33 8.23 7.50
N ARG A 5 18.31 7.33 6.52
CA ARG A 5 17.10 6.64 6.12
C ARG A 5 16.06 7.63 5.60
N PRO A 6 15.09 7.13 4.84
CA PRO A 6 14.01 7.96 4.25
C PRO A 6 13.04 8.46 5.32
N PRO A 7 12.19 9.41 4.93
CA PRO A 7 11.19 10.01 5.83
C PRO A 7 10.09 9.03 6.18
N PRO A 8 9.27 9.39 7.18
CA PRO A 8 8.15 8.56 7.64
C PRO A 8 7.03 8.48 6.61
N VAL A 9 6.01 7.66 6.91
CA VAL A 9 4.88 7.50 6.01
C VAL A 9 4.24 8.85 5.68
N PRO A 10 3.75 8.98 4.44
CA PRO A 10 3.11 10.21 3.98
C PRO A 10 1.76 10.46 4.64
N ASN A 11 1.79 10.82 5.91
CA ASN A 11 0.58 11.08 6.67
C ASN A 11 -0.53 10.09 6.29
N PRO A 12 -0.50 8.91 6.91
CA PRO A 12 -1.47 7.85 6.65
C PRO A 12 -2.86 8.21 7.18
N ASP A 13 -3.88 7.93 6.38
CA ASP A 13 -5.26 8.23 6.77
C ASP A 13 -6.18 7.05 6.46
N TYR A 14 -5.85 5.89 7.02
CA TYR A 14 -6.65 4.69 6.80
C TYR A 14 -7.43 4.31 8.05
N ASN A 15 -7.00 4.84 9.20
CA ASN A 15 -7.67 4.57 10.46
C ASN A 15 -8.56 5.73 10.87
N SER A 16 -9.87 5.58 10.63
CA SER A 16 -10.83 6.62 10.96
C SER A 16 -11.64 6.23 12.20
N LEU A 17 -12.24 5.05 12.15
CA LEU A 17 -13.04 4.56 13.27
C LEU A 17 -13.03 3.03 13.32
N LYS A 18 -13.46 2.48 14.45
CA LYS A 18 -13.49 1.03 14.63
C LYS A 18 -14.82 0.45 14.15
N LYS A 19 -14.80 -0.80 13.71
CA LYS A 19 -16.00 -1.47 13.23
C LYS A 19 -16.64 -0.67 12.11
N GLY A 20 -15.92 -0.50 11.00
CA GLY A 20 -16.45 0.24 9.87
C GLY A 20 -17.53 -0.51 9.13
N SER A 21 -17.49 -1.84 9.22
CA SER A 21 -18.48 -2.68 8.55
C SER A 21 -18.48 -2.42 7.04
N LEU A 22 -17.36 -2.71 6.39
CA LEU A 22 -17.24 -2.50 4.95
C LEU A 22 -18.32 -3.27 4.20
N VAL A 23 -18.33 -3.12 2.88
CA VAL A 23 -19.31 -3.79 2.03
C VAL A 23 -18.73 -4.12 0.66
N LYS A 24 -19.58 -4.60 -0.23
CA LYS A 24 -19.16 -4.96 -1.58
C LYS A 24 -19.52 -3.86 -2.57
N ASN A 25 -18.67 -3.66 -3.57
CA ASN A 25 -18.91 -2.64 -4.59
C ASN A 25 -18.09 -2.93 -5.85
N LEU A 26 -18.51 -2.35 -6.96
CA LEU A 26 -17.82 -2.54 -8.23
C LEU A 26 -16.44 -1.88 -8.20
N HIS A 27 -16.40 -0.61 -7.84
CA HIS A 27 -15.15 0.13 -7.76
C HIS A 27 -14.46 0.16 -9.12
N MET A 28 -13.25 0.71 -9.16
CA MET A 28 -12.49 0.81 -10.40
C MET A 28 -11.63 -0.43 -10.60
N THR A 29 -12.06 -1.30 -11.51
CA THR A 29 -11.32 -2.53 -11.79
C THR A 29 -10.44 -2.37 -13.03
N GLU A 30 -9.14 -2.53 -12.85
CA GLU A 30 -8.20 -2.40 -13.96
C GLU A 30 -7.10 -3.46 -13.86
N GLU A 31 -6.05 -3.29 -14.66
CA GLU A 31 -4.93 -4.22 -14.67
C GLU A 31 -3.60 -3.48 -14.53
N VAL A 32 -3.40 -2.86 -13.36
CA VAL A 32 -2.17 -2.11 -13.11
C VAL A 32 -1.30 -2.84 -12.09
N ILE A 33 0.00 -2.55 -12.12
CA ILE A 33 0.94 -3.17 -11.20
C ILE A 33 1.95 -2.15 -10.68
N VAL A 34 2.21 -2.18 -9.38
CA VAL A 34 3.16 -1.27 -8.76
C VAL A 34 4.43 -2.00 -8.35
N ILE A 35 5.41 -1.24 -7.86
CA ILE A 35 6.68 -1.82 -7.42
C ILE A 35 7.20 -1.12 -6.17
N ALA A 36 7.42 -1.90 -5.11
CA ALA A 36 7.92 -1.36 -3.86
C ALA A 36 9.40 -0.98 -3.97
N LYS A 37 9.68 0.32 -3.85
CA LYS A 37 11.04 0.82 -3.94
C LYS A 37 11.91 0.20 -2.86
N TRP A 38 11.32 -0.09 -1.71
CA TRP A 38 12.04 -0.69 -0.60
C TRP A 38 11.15 -1.64 0.18
N ASP A 39 11.63 -2.07 1.35
CA ASP A 39 10.87 -2.98 2.20
C ASP A 39 10.27 -2.25 3.39
N TYR A 40 8.99 -2.46 3.63
CA TYR A 40 8.29 -1.81 4.74
C TYR A 40 7.60 -2.85 5.63
N THR A 41 7.58 -2.58 6.94
CA THR A 41 6.95 -3.48 7.89
C THR A 41 5.53 -3.02 8.22
N ALA A 42 4.58 -3.96 8.11
CA ALA A 42 3.19 -3.65 8.39
C ALA A 42 3.02 -3.11 9.80
N GLN A 43 2.89 -1.78 9.90
CA GLN A 43 2.73 -1.14 11.20
C GLN A 43 1.46 -1.61 11.90
N GLN A 44 0.45 -1.98 11.10
CA GLN A 44 -0.81 -2.45 11.64
C GLN A 44 -1.31 -3.67 10.86
N ASP A 45 -2.56 -4.06 11.13
CA ASP A 45 -3.16 -5.20 10.45
C ASP A 45 -3.77 -4.78 9.11
N GLN A 46 -4.11 -3.50 9.00
CA GLN A 46 -4.71 -2.97 7.79
C GLN A 46 -3.65 -2.75 6.71
N GLU A 47 -2.42 -2.55 7.14
CA GLU A 47 -1.31 -2.33 6.21
C GLU A 47 -0.77 -3.64 5.67
N LEU A 48 0.12 -3.55 4.69
CA LEU A 48 0.70 -4.75 4.08
C LEU A 48 2.23 -4.67 4.11
N ASP A 49 2.86 -5.81 4.41
CA ASP A 49 4.31 -5.87 4.46
C ASP A 49 4.91 -6.08 3.07
N ILE A 50 5.60 -5.05 2.57
CA ILE A 50 6.22 -5.11 1.26
C ILE A 50 7.72 -5.28 1.36
N LYS A 51 8.31 -6.00 0.41
CA LYS A 51 9.74 -6.24 0.40
C LYS A 51 10.39 -5.54 -0.79
N LYS A 52 11.71 -5.37 -0.73
CA LYS A 52 12.46 -4.72 -1.80
C LYS A 52 12.11 -5.33 -3.16
N ASN A 53 12.13 -4.50 -4.19
CA ASN A 53 11.82 -4.95 -5.55
C ASN A 53 10.64 -5.93 -5.52
N GLU A 54 9.50 -5.46 -5.04
CA GLU A 54 8.30 -6.30 -4.97
C GLU A 54 7.17 -5.70 -5.80
N ARG A 55 6.60 -6.51 -6.69
CA ARG A 55 5.52 -6.07 -7.56
C ARG A 55 4.20 -6.70 -7.14
N LEU A 56 3.11 -5.96 -7.29
CA LEU A 56 1.79 -6.44 -6.92
C LEU A 56 0.72 -5.87 -7.85
N TRP A 57 -0.52 -6.28 -7.63
CA TRP A 57 -1.64 -5.80 -8.44
C TRP A 57 -2.27 -4.55 -7.84
N LEU A 58 -2.18 -3.45 -8.58
CA LEU A 58 -2.74 -2.18 -8.11
C LEU A 58 -4.26 -2.25 -8.03
N LEU A 59 -4.80 -1.94 -6.85
CA LEU A 59 -6.24 -1.97 -6.65
C LEU A 59 -6.82 -0.56 -6.68
N ASP A 60 -6.52 0.22 -5.64
CA ASP A 60 -7.01 1.59 -5.55
C ASP A 60 -5.91 2.53 -5.11
N ASP A 61 -5.45 3.37 -6.05
CA ASP A 61 -4.38 4.32 -5.75
C ASP A 61 -4.85 5.75 -6.01
N SER A 62 -5.64 6.29 -5.08
CA SER A 62 -6.15 7.65 -5.20
C SER A 62 -5.52 8.57 -4.17
N LYS A 63 -5.53 8.14 -2.92
CA LYS A 63 -4.96 8.93 -1.83
C LYS A 63 -3.46 8.64 -1.68
N THR A 64 -2.81 9.34 -0.75
CA THR A 64 -1.40 9.16 -0.51
C THR A 64 -1.03 7.68 -0.44
N TRP A 65 -1.89 6.89 0.18
CA TRP A 65 -1.66 5.46 0.32
C TRP A 65 -2.35 4.68 -0.81
N TRP A 66 -1.65 3.70 -1.35
CA TRP A 66 -2.19 2.88 -2.43
C TRP A 66 -2.44 1.45 -1.97
N ARG A 67 -3.39 0.79 -2.63
CA ARG A 67 -3.72 -0.60 -2.29
C ARG A 67 -3.24 -1.57 -3.36
N VAL A 68 -2.51 -2.59 -2.94
CA VAL A 68 -2.00 -3.59 -3.87
C VAL A 68 -2.29 -5.01 -3.38
N ARG A 69 -2.30 -5.95 -4.31
CA ARG A 69 -2.58 -7.35 -3.97
C ARG A 69 -1.43 -8.25 -4.45
N ASN A 70 -1.11 -9.26 -3.64
CA ASN A 70 -0.04 -10.19 -3.98
C ASN A 70 -0.61 -11.45 -4.64
N ALA A 71 0.28 -12.37 -5.00
CA ALA A 71 -0.14 -13.62 -5.64
C ALA A 71 -0.93 -14.48 -4.66
N ALA A 72 -0.87 -14.14 -3.39
CA ALA A 72 -1.59 -14.89 -2.36
C ALA A 72 -3.04 -14.43 -2.25
N ASN A 73 -3.46 -13.59 -3.19
CA ASN A 73 -4.82 -13.08 -3.19
C ASN A 73 -5.08 -12.19 -1.97
N ARG A 74 -4.00 -11.79 -1.30
CA ARG A 74 -4.11 -10.95 -0.13
C ARG A 74 -4.03 -9.47 -0.50
N THR A 75 -4.86 -8.66 0.14
CA THR A 75 -4.88 -7.23 -0.12
C THR A 75 -4.51 -6.43 1.13
N GLY A 76 -3.77 -5.34 0.94
CA GLY A 76 -3.36 -4.51 2.06
C GLY A 76 -3.10 -3.07 1.64
N TYR A 77 -2.54 -2.29 2.56
CA TYR A 77 -2.25 -0.90 2.29
C TYR A 77 -0.74 -0.63 2.37
N VAL A 78 -0.29 0.37 1.61
CA VAL A 78 1.12 0.73 1.61
C VAL A 78 1.31 2.18 1.18
N PRO A 79 2.32 2.84 1.77
CA PRO A 79 2.64 4.24 1.47
C PRO A 79 3.21 4.42 0.07
N SER A 80 2.57 5.28 -0.72
CA SER A 80 3.03 5.54 -2.09
C SER A 80 4.47 6.05 -2.09
N ASN A 81 4.92 6.54 -0.94
CA ASN A 81 6.28 7.07 -0.83
C ASN A 81 7.30 5.93 -0.88
N TYR A 82 6.90 4.75 -0.42
CA TYR A 82 7.78 3.60 -0.41
C TYR A 82 7.53 2.72 -1.63
N VAL A 83 6.65 3.17 -2.51
CA VAL A 83 6.32 2.44 -3.73
C VAL A 83 6.44 3.32 -4.96
N GLU A 84 6.59 2.69 -6.12
CA GLU A 84 6.72 3.43 -7.38
C GLU A 84 6.38 2.53 -8.57
N ARG A 85 5.24 2.77 -9.18
CA ARG A 85 4.80 1.99 -10.33
C ARG A 85 5.80 2.11 -11.48
N LYS A 86 5.73 1.16 -12.41
CA LYS A 86 6.64 1.16 -13.56
C LYS A 86 8.10 1.18 -13.12
N HIS A 1 28.35 15.80 2.61
CA HIS A 1 27.06 15.36 2.09
C HIS A 1 26.38 14.41 3.06
N MET A 2 27.07 13.31 3.39
CA MET A 2 26.54 12.31 4.31
C MET A 2 25.28 11.67 3.73
N LYS A 3 24.70 10.76 4.49
CA LYS A 3 23.49 10.06 4.07
C LYS A 3 22.59 9.75 5.25
N GLU A 4 21.34 9.40 4.96
CA GLU A 4 20.37 9.07 6.02
C GLU A 4 19.14 8.40 5.43
N ARG A 5 18.46 7.60 6.25
CA ARG A 5 17.26 6.89 5.82
C ARG A 5 16.19 7.87 5.35
N PRO A 6 15.23 7.37 4.57
CA PRO A 6 14.13 8.18 4.03
C PRO A 6 13.16 8.62 5.12
N PRO A 7 12.27 9.58 4.78
CA PRO A 7 11.28 10.09 5.71
C PRO A 7 10.20 9.07 6.03
N PRO A 8 9.38 9.37 7.06
CA PRO A 8 8.30 8.50 7.49
C PRO A 8 7.15 8.43 6.48
N VAL A 9 6.14 7.62 6.78
CA VAL A 9 5.00 7.48 5.89
C VAL A 9 4.37 8.84 5.58
N PRO A 10 3.85 8.97 4.35
CA PRO A 10 3.21 10.22 3.89
C PRO A 10 1.88 10.47 4.59
N ASN A 11 1.96 10.86 5.86
CA ASN A 11 0.75 11.13 6.64
C ASN A 11 -0.37 10.15 6.29
N PRO A 12 -0.34 8.98 6.93
CA PRO A 12 -1.34 7.93 6.70
C PRO A 12 -2.72 8.31 7.26
N ASP A 13 -3.76 8.05 6.48
CA ASP A 13 -5.13 8.35 6.89
C ASP A 13 -6.02 7.13 6.78
N TYR A 14 -5.64 6.06 7.47
CA TYR A 14 -6.42 4.82 7.44
C TYR A 14 -7.31 4.71 8.67
N ASN A 15 -7.02 5.52 9.68
CA ASN A 15 -7.80 5.52 10.91
C ASN A 15 -8.53 6.85 11.10
N SER A 16 -9.80 6.87 10.71
CA SER A 16 -10.62 8.08 10.84
C SER A 16 -11.94 7.77 11.53
N LEU A 17 -12.48 8.77 12.22
CA LEU A 17 -13.76 8.61 12.93
C LEU A 17 -13.58 7.70 14.15
N LYS A 18 -13.41 6.41 13.89
CA LYS A 18 -13.23 5.44 14.97
C LYS A 18 -12.71 4.11 14.42
N LYS A 19 -12.33 3.22 15.33
CA LYS A 19 -11.81 1.91 14.93
C LYS A 19 -12.95 0.92 14.71
N GLY A 20 -13.42 0.83 13.47
CA GLY A 20 -14.50 -0.08 13.15
C GLY A 20 -15.22 0.31 11.87
N SER A 21 -14.60 0.02 10.73
CA SER A 21 -15.19 0.35 9.44
C SER A 21 -14.93 -0.77 8.42
N LEU A 22 -15.61 -0.69 7.29
CA LEU A 22 -15.45 -1.69 6.24
C LEU A 22 -15.72 -1.08 4.87
N VAL A 23 -14.98 -1.55 3.87
CA VAL A 23 -15.14 -1.06 2.49
C VAL A 23 -14.30 -1.87 1.52
N LYS A 24 -14.81 -2.02 0.30
CA LYS A 24 -14.11 -2.78 -0.73
C LYS A 24 -14.78 -2.61 -2.09
N ASN A 25 -16.09 -2.91 -2.14
CA ASN A 25 -16.84 -2.77 -3.38
C ASN A 25 -16.41 -3.83 -4.40
N LEU A 26 -15.25 -3.61 -5.01
CA LEU A 26 -14.72 -4.54 -6.00
C LEU A 26 -15.69 -4.70 -7.17
N HIS A 27 -15.60 -3.80 -8.13
CA HIS A 27 -16.47 -3.84 -9.31
C HIS A 27 -15.76 -3.31 -10.54
N MET A 28 -15.12 -2.14 -10.39
CA MET A 28 -14.39 -1.52 -11.49
C MET A 28 -13.27 -2.44 -11.98
N THR A 29 -13.03 -2.43 -13.29
CA THR A 29 -11.99 -3.26 -13.87
C THR A 29 -10.70 -2.46 -14.05
N GLU A 30 -9.57 -3.16 -13.97
CA GLU A 30 -8.27 -2.52 -14.12
C GLU A 30 -7.14 -3.54 -13.98
N GLU A 31 -6.06 -3.32 -14.71
CA GLU A 31 -4.91 -4.22 -14.69
C GLU A 31 -3.61 -3.43 -14.51
N VAL A 32 -3.42 -2.86 -13.34
CA VAL A 32 -2.22 -2.08 -13.05
C VAL A 32 -1.32 -2.81 -12.06
N ILE A 33 -0.03 -2.51 -12.10
CA ILE A 33 0.94 -3.14 -11.21
C ILE A 33 1.96 -2.13 -10.71
N VAL A 34 2.24 -2.16 -9.41
CA VAL A 34 3.20 -1.24 -8.81
C VAL A 34 4.47 -1.99 -8.38
N ILE A 35 5.47 -1.23 -7.95
CA ILE A 35 6.73 -1.82 -7.51
C ILE A 35 7.23 -1.15 -6.23
N ALA A 36 7.57 -1.97 -5.24
CA ALA A 36 8.07 -1.46 -3.97
C ALA A 36 9.53 -1.01 -4.09
N LYS A 37 9.76 0.29 -3.88
CA LYS A 37 11.10 0.84 -3.96
C LYS A 37 11.97 0.36 -2.80
N TRP A 38 11.33 0.04 -1.69
CA TRP A 38 12.03 -0.44 -0.50
C TRP A 38 11.23 -1.52 0.21
N ASP A 39 11.65 -1.87 1.42
CA ASP A 39 10.98 -2.88 2.22
C ASP A 39 10.24 -2.26 3.40
N TYR A 40 8.93 -2.47 3.46
CA TYR A 40 8.12 -1.93 4.54
C TYR A 40 7.32 -3.03 5.23
N THR A 41 7.32 -3.00 6.56
CA THR A 41 6.61 -3.99 7.35
C THR A 41 5.26 -3.45 7.83
N ALA A 42 4.21 -4.25 7.65
CA ALA A 42 2.86 -3.85 8.06
C ALA A 42 2.84 -3.47 9.54
N GLN A 43 2.37 -2.27 9.83
CA GLN A 43 2.29 -1.79 11.21
C GLN A 43 0.93 -2.09 11.81
N GLN A 44 -0.13 -1.79 11.06
CA GLN A 44 -1.49 -2.03 11.53
C GLN A 44 -2.05 -3.32 10.94
N ASP A 45 -3.35 -3.52 11.11
CA ASP A 45 -4.00 -4.73 10.61
C ASP A 45 -4.45 -4.54 9.16
N GLN A 46 -4.45 -3.29 8.71
CA GLN A 46 -4.87 -2.97 7.35
C GLN A 46 -3.66 -2.85 6.42
N GLU A 47 -2.50 -2.58 7.01
CA GLU A 47 -1.26 -2.45 6.24
C GLU A 47 -0.74 -3.82 5.82
N LEU A 48 0.13 -3.81 4.82
CA LEU A 48 0.72 -5.06 4.31
C LEU A 48 2.24 -4.98 4.30
N ASP A 49 2.89 -6.13 4.45
CA ASP A 49 4.35 -6.19 4.44
C ASP A 49 4.89 -6.45 3.04
N ILE A 50 5.81 -5.61 2.60
CA ILE A 50 6.41 -5.75 1.28
C ILE A 50 7.93 -5.60 1.34
N LYS A 51 8.62 -6.35 0.49
CA LYS A 51 10.09 -6.30 0.45
C LYS A 51 10.56 -5.60 -0.82
N LYS A 52 11.72 -4.96 -0.74
CA LYS A 52 12.29 -4.25 -1.87
C LYS A 52 12.14 -5.07 -3.15
N ASN A 53 12.09 -4.39 -4.29
CA ASN A 53 11.95 -5.05 -5.58
C ASN A 53 10.79 -6.04 -5.56
N GLU A 54 9.60 -5.54 -5.24
CA GLU A 54 8.41 -6.38 -5.18
C GLU A 54 7.28 -5.77 -6.00
N ARG A 55 6.66 -6.59 -6.84
CA ARG A 55 5.56 -6.13 -7.68
C ARG A 55 4.22 -6.71 -7.20
N LEU A 56 3.16 -5.92 -7.36
CA LEU A 56 1.83 -6.35 -6.93
C LEU A 56 0.76 -5.80 -7.86
N TRP A 57 -0.50 -6.18 -7.62
CA TRP A 57 -1.60 -5.71 -8.44
C TRP A 57 -2.23 -4.45 -7.84
N LEU A 58 -2.11 -3.34 -8.55
CA LEU A 58 -2.67 -2.07 -8.10
C LEU A 58 -4.19 -2.12 -8.06
N LEU A 59 -4.76 -1.90 -6.88
CA LEU A 59 -6.21 -1.92 -6.72
C LEU A 59 -6.78 -0.51 -6.79
N ASP A 60 -6.53 0.28 -5.75
CA ASP A 60 -7.02 1.66 -5.70
C ASP A 60 -5.94 2.60 -5.21
N ASP A 61 -5.45 3.46 -6.10
CA ASP A 61 -4.41 4.41 -5.75
C ASP A 61 -4.88 5.84 -5.98
N SER A 62 -5.67 6.36 -5.04
CA SER A 62 -6.20 7.72 -5.14
C SER A 62 -5.56 8.63 -4.11
N LYS A 63 -5.55 8.17 -2.86
CA LYS A 63 -4.96 8.94 -1.77
C LYS A 63 -3.47 8.66 -1.63
N THR A 64 -2.82 9.34 -0.71
CA THR A 64 -1.39 9.17 -0.47
C THR A 64 -1.04 7.68 -0.39
N TRP A 65 -1.90 6.90 0.26
CA TRP A 65 -1.68 5.47 0.40
C TRP A 65 -2.38 4.69 -0.69
N TRP A 66 -1.70 3.69 -1.23
CA TRP A 66 -2.26 2.86 -2.30
C TRP A 66 -2.53 1.45 -1.81
N ARG A 67 -3.46 0.76 -2.47
CA ARG A 67 -3.81 -0.61 -2.08
C ARG A 67 -3.52 -1.57 -3.24
N VAL A 68 -2.75 -2.61 -2.95
CA VAL A 68 -2.41 -3.61 -3.96
C VAL A 68 -2.60 -5.03 -3.43
N ARG A 69 -2.45 -6.00 -4.30
CA ARG A 69 -2.62 -7.40 -3.92
C ARG A 69 -1.41 -8.23 -4.36
N ASN A 70 -1.01 -9.18 -3.51
CA ASN A 70 0.12 -10.04 -3.81
C ASN A 70 -0.33 -11.35 -4.45
N ALA A 71 0.63 -12.23 -4.73
CA ALA A 71 0.31 -13.52 -5.34
C ALA A 71 -0.45 -14.42 -4.37
N ALA A 72 -0.47 -14.03 -3.09
CA ALA A 72 -1.17 -14.80 -2.07
C ALA A 72 -2.63 -14.40 -1.99
N ASN A 73 -3.09 -13.62 -2.96
CA ASN A 73 -4.47 -13.18 -3.00
C ASN A 73 -4.79 -12.27 -1.82
N ARG A 74 -3.74 -11.80 -1.15
CA ARG A 74 -3.91 -10.93 0.01
C ARG A 74 -3.91 -9.46 -0.40
N THR A 75 -4.72 -8.65 0.27
CA THR A 75 -4.81 -7.23 -0.03
C THR A 75 -4.55 -6.38 1.22
N GLY A 76 -3.71 -5.37 1.06
CA GLY A 76 -3.38 -4.50 2.18
C GLY A 76 -3.11 -3.08 1.75
N TYR A 77 -2.62 -2.27 2.67
CA TYR A 77 -2.32 -0.86 2.38
C TYR A 77 -0.81 -0.60 2.49
N VAL A 78 -0.33 0.37 1.71
CA VAL A 78 1.08 0.73 1.72
C VAL A 78 1.29 2.18 1.29
N PRO A 79 2.32 2.82 1.85
CA PRO A 79 2.64 4.22 1.54
C PRO A 79 3.19 4.38 0.13
N SER A 80 2.54 5.24 -0.66
CA SER A 80 2.96 5.49 -2.04
C SER A 80 4.39 6.02 -2.07
N ASN A 81 4.87 6.52 -0.94
CA ASN A 81 6.22 7.07 -0.85
C ASN A 81 7.25 5.96 -0.92
N TYR A 82 6.88 4.77 -0.46
CA TYR A 82 7.79 3.62 -0.46
C TYR A 82 7.53 2.73 -1.68
N VAL A 83 6.62 3.17 -2.54
CA VAL A 83 6.28 2.41 -3.74
C VAL A 83 6.34 3.30 -4.98
N GLU A 84 6.49 2.67 -6.14
CA GLU A 84 6.56 3.40 -7.40
C GLU A 84 6.26 2.49 -8.58
N ARG A 85 5.18 2.79 -9.30
CA ARG A 85 4.78 2.00 -10.45
C ARG A 85 5.78 2.14 -11.59
N LYS A 86 5.75 1.20 -12.52
CA LYS A 86 6.66 1.22 -13.66
C LYS A 86 8.11 1.27 -13.20
N HIS A 1 15.96 8.06 16.26
CA HIS A 1 17.41 8.18 16.15
C HIS A 1 17.92 7.50 14.89
N MET A 2 17.07 7.43 13.87
CA MET A 2 17.43 6.80 12.61
C MET A 2 17.89 7.85 11.59
N LYS A 3 19.17 7.82 11.26
CA LYS A 3 19.73 8.77 10.30
C LYS A 3 20.06 8.08 8.97
N GLU A 4 20.39 8.87 7.96
CA GLU A 4 20.72 8.33 6.65
C GLU A 4 19.58 7.48 6.11
N ARG A 5 18.35 7.89 6.40
CA ARG A 5 17.18 7.16 5.94
C ARG A 5 16.07 8.13 5.52
N PRO A 6 15.12 7.64 4.72
CA PRO A 6 14.00 8.44 4.23
C PRO A 6 13.01 8.79 5.34
N PRO A 7 12.10 9.73 5.04
CA PRO A 7 11.08 10.18 6.00
C PRO A 7 10.04 9.11 6.29
N PRO A 8 9.22 9.35 7.33
CA PRO A 8 8.17 8.41 7.73
C PRO A 8 7.03 8.36 6.73
N VAL A 9 5.96 7.64 7.08
CA VAL A 9 4.80 7.51 6.21
C VAL A 9 4.20 8.87 5.89
N PRO A 10 3.78 9.05 4.62
CA PRO A 10 3.18 10.30 4.16
C PRO A 10 1.79 10.54 4.76
N ASN A 11 1.75 10.89 6.03
CA ASN A 11 0.49 11.13 6.72
C ASN A 11 -0.58 10.14 6.27
N PRO A 12 -0.57 8.94 6.87
CA PRO A 12 -1.53 7.89 6.55
C PRO A 12 -2.95 8.23 7.02
N ASP A 13 -3.93 7.97 6.17
CA ASP A 13 -5.32 8.24 6.50
C ASP A 13 -6.18 7.00 6.32
N TYR A 14 -5.63 5.85 6.68
CA TYR A 14 -6.35 4.58 6.54
C TYR A 14 -7.42 4.45 7.61
N ASN A 15 -7.31 5.25 8.67
CA ASN A 15 -8.26 5.23 9.76
C ASN A 15 -9.62 5.78 9.31
N SER A 16 -10.68 5.29 9.93
CA SER A 16 -12.03 5.73 9.60
C SER A 16 -12.89 5.88 10.86
N LEU A 17 -14.07 6.45 10.69
CA LEU A 17 -14.99 6.66 11.81
C LEU A 17 -16.26 5.83 11.63
N LYS A 18 -16.64 5.11 12.68
CA LYS A 18 -17.83 4.28 12.65
C LYS A 18 -17.75 3.24 11.54
N LYS A 19 -16.53 2.77 11.27
CA LYS A 19 -16.32 1.77 10.23
C LYS A 19 -17.23 0.56 10.43
N GLY A 20 -17.39 -0.24 9.38
CA GLY A 20 -18.24 -1.41 9.47
C GLY A 20 -19.53 -1.24 8.70
N SER A 21 -19.44 -1.19 7.38
CA SER A 21 -20.62 -1.02 6.54
C SER A 21 -20.61 -2.02 5.39
N LEU A 22 -19.70 -1.81 4.44
CA LEU A 22 -19.58 -2.70 3.28
C LEU A 22 -18.40 -2.28 2.41
N VAL A 23 -18.10 -3.11 1.41
CA VAL A 23 -17.00 -2.84 0.50
C VAL A 23 -17.41 -3.08 -0.96
N LYS A 24 -18.27 -2.20 -1.47
CA LYS A 24 -18.74 -2.31 -2.84
C LYS A 24 -17.71 -1.77 -3.82
N ASN A 25 -17.22 -2.64 -4.71
CA ASN A 25 -16.23 -2.25 -5.69
C ASN A 25 -16.63 -2.71 -7.09
N LEU A 26 -15.84 -2.34 -8.09
CA LEU A 26 -16.12 -2.71 -9.46
C LEU A 26 -15.90 -4.21 -9.68
N HIS A 27 -15.99 -4.65 -10.93
CA HIS A 27 -15.80 -6.05 -11.26
C HIS A 27 -14.40 -6.29 -11.82
N MET A 28 -14.18 -5.82 -13.05
CA MET A 28 -12.89 -5.99 -13.70
C MET A 28 -12.78 -5.07 -14.92
N THR A 29 -11.96 -4.03 -14.79
CA THR A 29 -11.75 -3.08 -15.87
C THR A 29 -10.45 -2.32 -15.71
N GLU A 30 -9.41 -3.02 -15.24
CA GLU A 30 -8.11 -2.41 -15.04
C GLU A 30 -7.10 -3.45 -14.56
N GLU A 31 -5.84 -3.27 -14.96
CA GLU A 31 -4.78 -4.20 -14.57
C GLU A 31 -3.45 -3.45 -14.41
N VAL A 32 -3.27 -2.83 -13.25
CA VAL A 32 -2.04 -2.09 -12.98
C VAL A 32 -1.18 -2.82 -11.96
N ILE A 33 0.11 -2.52 -11.98
CA ILE A 33 1.06 -3.15 -11.06
C ILE A 33 2.08 -2.14 -10.53
N VAL A 34 2.32 -2.18 -9.24
CA VAL A 34 3.28 -1.27 -8.61
C VAL A 34 4.50 -2.03 -8.11
N ILE A 35 5.58 -1.28 -7.87
CA ILE A 35 6.82 -1.89 -7.38
C ILE A 35 7.28 -1.23 -6.09
N ALA A 36 7.53 -2.06 -5.07
CA ALA A 36 7.98 -1.57 -3.78
C ALA A 36 9.41 -1.06 -3.85
N LYS A 37 9.59 0.25 -3.67
CA LYS A 37 10.90 0.87 -3.71
C LYS A 37 11.80 0.30 -2.63
N TRP A 38 11.19 -0.10 -1.52
CA TRP A 38 11.95 -0.66 -0.39
C TRP A 38 11.15 -1.77 0.29
N ASP A 39 11.71 -2.30 1.37
CA ASP A 39 11.04 -3.36 2.13
C ASP A 39 10.46 -2.83 3.43
N TYR A 40 9.14 -2.83 3.52
CA TYR A 40 8.45 -2.34 4.71
C TYR A 40 7.52 -3.41 5.27
N THR A 41 7.47 -3.51 6.60
CA THR A 41 6.62 -4.48 7.26
C THR A 41 5.30 -3.85 7.70
N ALA A 42 4.19 -4.54 7.43
CA ALA A 42 2.87 -4.06 7.80
C ALA A 42 2.80 -3.76 9.29
N GLN A 43 2.82 -2.47 9.63
CA GLN A 43 2.75 -2.05 11.03
C GLN A 43 1.33 -2.16 11.56
N GLN A 44 0.36 -1.81 10.74
CA GLN A 44 -1.04 -1.87 11.13
C GLN A 44 -1.66 -3.21 10.73
N ASP A 45 -2.97 -3.33 10.91
CA ASP A 45 -3.68 -4.56 10.57
C ASP A 45 -4.21 -4.50 9.14
N GLN A 46 -4.34 -3.28 8.61
CA GLN A 46 -4.83 -3.09 7.26
C GLN A 46 -3.68 -2.95 6.27
N GLU A 47 -2.52 -2.57 6.79
CA GLU A 47 -1.33 -2.39 5.95
C GLU A 47 -0.72 -3.74 5.58
N LEU A 48 -0.06 -3.79 4.43
CA LEU A 48 0.57 -5.02 3.95
C LEU A 48 2.09 -4.89 3.96
N ASP A 49 2.76 -6.03 4.05
CA ASP A 49 4.23 -6.04 4.07
C ASP A 49 4.78 -6.11 2.65
N ILE A 50 5.60 -5.12 2.29
CA ILE A 50 6.20 -5.07 0.96
C ILE A 50 7.70 -5.31 1.03
N LYS A 51 8.26 -5.79 -0.08
CA LYS A 51 9.70 -6.07 -0.14
C LYS A 51 10.34 -5.33 -1.32
N LYS A 52 11.66 -5.21 -1.29
CA LYS A 52 12.39 -4.53 -2.35
C LYS A 52 12.21 -5.23 -3.69
N ASN A 53 11.84 -4.47 -4.71
CA ASN A 53 11.64 -5.02 -6.04
C ASN A 53 10.34 -5.84 -6.09
N GLU A 54 9.65 -5.90 -4.97
CA GLU A 54 8.39 -6.66 -4.89
C GLU A 54 7.30 -5.97 -5.68
N ARG A 55 6.61 -6.73 -6.52
CA ARG A 55 5.53 -6.19 -7.35
C ARG A 55 4.18 -6.74 -6.91
N LEU A 56 3.13 -5.96 -7.12
CA LEU A 56 1.78 -6.37 -6.74
C LEU A 56 0.75 -5.80 -7.72
N TRP A 57 -0.51 -6.14 -7.50
CA TRP A 57 -1.59 -5.66 -8.35
C TRP A 57 -2.22 -4.39 -7.78
N LEU A 58 -2.05 -3.29 -8.49
CA LEU A 58 -2.60 -2.01 -8.06
C LEU A 58 -4.13 -2.02 -8.10
N LEU A 59 -4.75 -1.76 -6.95
CA LEU A 59 -6.20 -1.74 -6.86
C LEU A 59 -6.74 -0.32 -6.98
N ASP A 60 -6.54 0.47 -5.93
CA ASP A 60 -7.01 1.85 -5.93
C ASP A 60 -5.95 2.77 -5.36
N ASP A 61 -5.42 3.66 -6.20
CA ASP A 61 -4.39 4.60 -5.79
C ASP A 61 -4.86 6.05 -6.00
N SER A 62 -5.60 6.57 -5.03
CA SER A 62 -6.11 7.93 -5.11
C SER A 62 -5.42 8.84 -4.09
N LYS A 63 -5.38 8.39 -2.84
CA LYS A 63 -4.76 9.15 -1.77
C LYS A 63 -3.27 8.83 -1.67
N THR A 64 -2.58 9.48 -0.73
CA THR A 64 -1.16 9.25 -0.54
C THR A 64 -0.85 7.77 -0.41
N TRP A 65 -1.82 7.01 0.08
CA TRP A 65 -1.64 5.56 0.25
C TRP A 65 -2.34 4.80 -0.87
N TRP A 66 -1.67 3.77 -1.38
CA TRP A 66 -2.24 2.96 -2.46
C TRP A 66 -2.52 1.54 -1.97
N ARG A 67 -3.57 0.93 -2.53
CA ARG A 67 -3.94 -0.43 -2.15
C ARG A 67 -3.64 -1.42 -3.27
N VAL A 68 -2.93 -2.48 -2.94
CA VAL A 68 -2.57 -3.50 -3.93
C VAL A 68 -2.86 -4.90 -3.39
N ARG A 69 -2.69 -5.90 -4.25
CA ARG A 69 -2.93 -7.29 -3.87
C ARG A 69 -1.67 -8.12 -4.03
N ASN A 70 -1.46 -9.05 -3.09
CA ASN A 70 -0.28 -9.91 -3.13
C ASN A 70 -0.54 -11.15 -3.97
N ALA A 71 0.52 -11.89 -4.27
CA ALA A 71 0.41 -13.11 -5.07
C ALA A 71 -0.26 -14.23 -4.28
N ALA A 72 -0.27 -14.08 -2.95
CA ALA A 72 -0.89 -15.08 -2.08
C ALA A 72 -2.32 -14.71 -1.76
N ASN A 73 -2.94 -13.91 -2.62
CA ASN A 73 -4.32 -13.49 -2.43
C ASN A 73 -4.44 -12.57 -1.21
N ARG A 74 -3.33 -11.97 -0.82
CA ARG A 74 -3.31 -11.07 0.33
C ARG A 74 -3.68 -9.65 -0.08
N THR A 75 -4.23 -8.90 0.86
CA THR A 75 -4.63 -7.52 0.60
C THR A 75 -4.22 -6.59 1.75
N GLY A 76 -3.79 -5.39 1.39
CA GLY A 76 -3.38 -4.43 2.40
C GLY A 76 -2.99 -3.09 1.81
N TYR A 77 -2.80 -2.10 2.67
CA TYR A 77 -2.44 -0.76 2.22
C TYR A 77 -0.93 -0.54 2.33
N VAL A 78 -0.43 0.45 1.58
CA VAL A 78 1.00 0.76 1.59
C VAL A 78 1.24 2.21 1.18
N PRO A 79 2.26 2.83 1.78
CA PRO A 79 2.63 4.21 1.50
C PRO A 79 3.21 4.39 0.10
N SER A 80 2.60 5.27 -0.68
CA SER A 80 3.05 5.52 -2.05
C SER A 80 4.50 6.04 -2.05
N ASN A 81 4.96 6.51 -0.90
CA ASN A 81 6.31 7.03 -0.77
C ASN A 81 7.33 5.91 -0.85
N TYR A 82 6.96 4.73 -0.37
CA TYR A 82 7.85 3.57 -0.38
C TYR A 82 7.56 2.69 -1.59
N VAL A 83 6.63 3.13 -2.44
CA VAL A 83 6.27 2.38 -3.64
C VAL A 83 6.45 3.23 -4.89
N GLU A 84 6.52 2.56 -6.03
CA GLU A 84 6.69 3.25 -7.31
C GLU A 84 6.27 2.36 -8.47
N ARG A 85 5.19 2.74 -9.15
CA ARG A 85 4.69 1.98 -10.28
C ARG A 85 5.53 2.22 -11.53
N LYS A 86 5.43 1.32 -12.49
CA LYS A 86 6.19 1.44 -13.74
C LYS A 86 7.68 1.47 -13.46
N HIS A 1 28.17 11.08 11.63
CA HIS A 1 27.84 9.91 12.45
C HIS A 1 26.36 9.89 12.79
N MET A 2 25.52 9.65 11.78
CA MET A 2 24.08 9.61 11.99
C MET A 2 23.42 8.61 11.02
N LYS A 3 22.19 8.22 11.33
CA LYS A 3 21.46 7.28 10.49
C LYS A 3 21.09 7.92 9.15
N GLU A 4 20.90 7.07 8.14
CA GLU A 4 20.54 7.56 6.81
C GLU A 4 19.35 6.78 6.26
N ARG A 5 18.16 7.06 6.78
CA ARG A 5 16.95 6.39 6.34
C ARG A 5 15.92 7.40 5.84
N PRO A 6 14.95 6.92 5.05
CA PRO A 6 13.89 7.75 4.49
C PRO A 6 12.91 8.24 5.56
N PRO A 7 12.07 9.21 5.18
CA PRO A 7 11.07 9.78 6.10
C PRO A 7 9.94 8.80 6.41
N PRO A 8 9.13 9.15 7.41
CA PRO A 8 8.00 8.31 7.84
C PRO A 8 6.88 8.26 6.80
N VAL A 9 5.83 7.50 7.10
CA VAL A 9 4.69 7.39 6.20
C VAL A 9 4.10 8.75 5.89
N PRO A 10 3.65 8.92 4.63
CA PRO A 10 3.05 10.17 4.18
C PRO A 10 1.67 10.42 4.79
N ASN A 11 1.66 10.76 6.07
CA ASN A 11 0.41 11.03 6.79
C ASN A 11 -0.67 10.06 6.34
N PRO A 12 -0.68 8.86 6.94
CA PRO A 12 -1.66 7.82 6.63
C PRO A 12 -3.06 8.18 7.13
N ASP A 13 -4.06 7.92 6.28
CA ASP A 13 -5.44 8.21 6.63
C ASP A 13 -6.34 7.02 6.34
N TYR A 14 -6.03 5.88 6.94
CA TYR A 14 -6.81 4.66 6.73
C TYR A 14 -7.60 4.30 7.99
N ASN A 15 -7.29 4.99 9.08
CA ASN A 15 -7.97 4.73 10.35
C ASN A 15 -8.93 5.88 10.69
N SER A 16 -10.08 5.53 11.26
CA SER A 16 -11.08 6.52 11.62
C SER A 16 -12.10 5.93 12.59
N LEU A 17 -11.63 5.03 13.46
CA LEU A 17 -12.51 4.39 14.43
C LEU A 17 -13.68 3.68 13.74
N LYS A 18 -13.48 2.42 13.41
CA LYS A 18 -14.52 1.63 12.75
C LYS A 18 -14.30 0.14 12.99
N LYS A 19 -15.38 -0.55 13.35
CA LYS A 19 -15.32 -1.98 13.61
C LYS A 19 -15.31 -2.78 12.30
N GLY A 20 -14.57 -3.88 12.30
CA GLY A 20 -14.49 -4.71 11.11
C GLY A 20 -13.23 -4.44 10.30
N SER A 21 -12.92 -5.34 9.38
CA SER A 21 -11.74 -5.21 8.54
C SER A 21 -11.89 -6.00 7.25
N LEU A 22 -12.12 -7.30 7.39
CA LEU A 22 -12.29 -8.18 6.24
C LEU A 22 -13.44 -7.71 5.35
N VAL A 23 -13.08 -7.19 4.18
CA VAL A 23 -14.08 -6.70 3.23
C VAL A 23 -14.62 -7.83 2.37
N LYS A 24 -13.77 -8.81 2.09
CA LYS A 24 -14.17 -9.95 1.27
C LYS A 24 -14.55 -9.51 -0.14
N ASN A 25 -14.67 -10.48 -1.04
CA ASN A 25 -15.03 -10.19 -2.42
C ASN A 25 -13.98 -9.32 -3.10
N LEU A 26 -14.14 -9.07 -4.39
CA LEU A 26 -13.21 -8.25 -5.15
C LEU A 26 -13.95 -7.19 -5.97
N HIS A 27 -13.22 -6.52 -6.84
CA HIS A 27 -13.81 -5.48 -7.68
C HIS A 27 -13.19 -5.51 -9.09
N MET A 28 -11.90 -5.18 -9.16
CA MET A 28 -11.21 -5.17 -10.44
C MET A 28 -11.80 -4.13 -11.38
N THR A 29 -11.04 -3.75 -12.40
CA THR A 29 -11.49 -2.76 -13.37
C THR A 29 -10.41 -2.50 -14.43
N GLU A 30 -9.15 -2.59 -14.01
CA GLU A 30 -8.03 -2.36 -14.92
C GLU A 30 -6.92 -3.36 -14.68
N GLU A 31 -5.76 -3.10 -15.27
CA GLU A 31 -4.61 -3.99 -15.11
C GLU A 31 -3.34 -3.19 -14.85
N VAL A 32 -3.19 -2.71 -13.61
CA VAL A 32 -2.02 -1.93 -13.22
C VAL A 32 -1.16 -2.70 -12.23
N ILE A 33 0.12 -2.36 -12.19
CA ILE A 33 1.06 -3.01 -11.28
C ILE A 33 2.10 -2.03 -10.75
N VAL A 34 2.34 -2.08 -9.45
CA VAL A 34 3.31 -1.20 -8.81
C VAL A 34 4.50 -1.97 -8.29
N ILE A 35 5.60 -1.27 -8.04
CA ILE A 35 6.82 -1.90 -7.54
C ILE A 35 7.27 -1.26 -6.23
N ALA A 36 7.51 -2.08 -5.22
CA ALA A 36 7.96 -1.61 -3.93
C ALA A 36 9.40 -1.14 -3.97
N LYS A 37 9.61 0.17 -3.88
CA LYS A 37 10.94 0.74 -3.91
C LYS A 37 11.83 0.11 -2.85
N TRP A 38 11.24 -0.22 -1.71
CA TRP A 38 11.98 -0.84 -0.60
C TRP A 38 11.04 -1.64 0.30
N ASP A 39 11.62 -2.47 1.15
CA ASP A 39 10.85 -3.30 2.07
C ASP A 39 10.00 -2.43 2.98
N TYR A 40 8.71 -2.75 3.07
CA TYR A 40 7.79 -2.00 3.91
C TYR A 40 7.31 -2.85 5.09
N THR A 41 7.45 -2.30 6.29
CA THR A 41 7.03 -3.01 7.50
C THR A 41 5.70 -2.47 8.02
N ALA A 42 4.64 -3.24 7.79
CA ALA A 42 3.31 -2.84 8.24
C ALA A 42 3.29 -2.57 9.74
N GLN A 43 3.17 -1.30 10.10
CA GLN A 43 3.14 -0.91 11.50
C GLN A 43 1.79 -1.24 12.13
N GLN A 44 0.75 -1.25 11.31
CA GLN A 44 -0.59 -1.55 11.79
C GLN A 44 -1.07 -2.91 11.27
N ASP A 45 -2.33 -3.22 11.55
CA ASP A 45 -2.91 -4.49 11.11
C ASP A 45 -3.57 -4.34 9.75
N GLN A 46 -3.92 -3.11 9.40
CA GLN A 46 -4.57 -2.84 8.13
C GLN A 46 -3.55 -2.81 6.99
N GLU A 47 -2.30 -2.57 7.34
CA GLU A 47 -1.22 -2.51 6.35
C GLU A 47 -0.62 -3.90 6.11
N LEU A 48 0.18 -4.01 5.07
CA LEU A 48 0.81 -5.28 4.72
C LEU A 48 2.32 -5.13 4.62
N ASP A 49 3.04 -6.11 5.14
CA ASP A 49 4.51 -6.08 5.10
C ASP A 49 5.03 -6.70 3.80
N ILE A 50 5.83 -5.94 3.07
CA ILE A 50 6.39 -6.42 1.82
C ILE A 50 7.90 -6.15 1.76
N LYS A 51 8.55 -6.73 0.75
CA LYS A 51 9.99 -6.56 0.58
C LYS A 51 10.29 -5.66 -0.61
N LYS A 52 11.57 -5.50 -0.93
CA LYS A 52 11.99 -4.67 -2.05
C LYS A 52 11.82 -5.42 -3.38
N ASN A 53 11.86 -4.67 -4.47
CA ASN A 53 11.71 -5.26 -5.79
C ASN A 53 10.48 -6.15 -5.86
N GLU A 54 9.46 -5.82 -5.06
CA GLU A 54 8.24 -6.59 -5.02
C GLU A 54 7.16 -5.93 -5.87
N ARG A 55 6.53 -6.71 -6.74
CA ARG A 55 5.48 -6.20 -7.62
C ARG A 55 4.12 -6.74 -7.21
N LEU A 56 3.08 -5.94 -7.38
CA LEU A 56 1.72 -6.33 -7.03
C LEU A 56 0.70 -5.73 -7.99
N TRP A 57 -0.56 -6.06 -7.80
CA TRP A 57 -1.63 -5.55 -8.65
C TRP A 57 -2.25 -4.30 -8.06
N LEU A 58 -2.08 -3.17 -8.74
CA LEU A 58 -2.62 -1.90 -8.27
C LEU A 58 -4.15 -1.91 -8.30
N LEU A 59 -4.76 -1.70 -7.14
CA LEU A 59 -6.21 -1.69 -7.02
C LEU A 59 -6.75 -0.26 -7.10
N ASP A 60 -6.53 0.51 -6.05
CA ASP A 60 -6.98 1.89 -5.99
C ASP A 60 -5.89 2.81 -5.46
N ASP A 61 -5.36 3.66 -6.33
CA ASP A 61 -4.30 4.58 -5.94
C ASP A 61 -4.74 6.03 -6.17
N SER A 62 -5.53 6.57 -5.24
CA SER A 62 -6.02 7.94 -5.34
C SER A 62 -5.38 8.82 -4.30
N LYS A 63 -5.41 8.36 -3.05
CA LYS A 63 -4.82 9.12 -1.94
C LYS A 63 -3.35 8.78 -1.77
N THR A 64 -2.71 9.43 -0.80
CA THR A 64 -1.29 9.20 -0.53
C THR A 64 -0.99 7.71 -0.44
N TRP A 65 -1.92 6.95 0.14
CA TRP A 65 -1.74 5.52 0.29
C TRP A 65 -2.44 4.77 -0.84
N TRP A 66 -1.78 3.74 -1.36
CA TRP A 66 -2.33 2.95 -2.46
C TRP A 66 -2.61 1.52 -1.99
N ARG A 67 -3.59 0.88 -2.64
CA ARG A 67 -3.96 -0.49 -2.29
C ARG A 67 -3.66 -1.44 -3.44
N VAL A 68 -2.97 -2.53 -3.14
CA VAL A 68 -2.62 -3.52 -4.14
C VAL A 68 -2.91 -4.93 -3.66
N ARG A 69 -2.73 -5.92 -4.54
CA ARG A 69 -2.98 -7.31 -4.18
C ARG A 69 -1.71 -8.14 -4.35
N ASN A 70 -1.51 -9.08 -3.44
CA ASN A 70 -0.33 -9.95 -3.49
C ASN A 70 -0.59 -11.18 -4.36
N ALA A 71 0.48 -11.91 -4.67
CA ALA A 71 0.36 -13.11 -5.50
C ALA A 71 -0.31 -14.24 -4.73
N ALA A 72 -0.32 -14.13 -3.41
CA ALA A 72 -0.94 -15.14 -2.57
C ALA A 72 -2.39 -14.79 -2.23
N ASN A 73 -3.00 -13.97 -3.10
CA ASN A 73 -4.38 -13.55 -2.89
C ASN A 73 -4.51 -12.66 -1.66
N ARG A 74 -3.39 -12.07 -1.25
CA ARG A 74 -3.37 -11.19 -0.09
C ARG A 74 -3.73 -9.76 -0.48
N THR A 75 -4.21 -8.98 0.49
CA THR A 75 -4.60 -7.59 0.24
C THR A 75 -4.24 -6.71 1.43
N GLY A 76 -3.80 -5.50 1.14
CA GLY A 76 -3.44 -4.57 2.20
C GLY A 76 -3.09 -3.19 1.67
N TYR A 77 -2.86 -2.25 2.58
CA TYR A 77 -2.52 -0.88 2.20
C TYR A 77 -1.03 -0.62 2.37
N VAL A 78 -0.49 0.31 1.58
CA VAL A 78 0.91 0.65 1.66
C VAL A 78 1.14 2.10 1.23
N PRO A 79 2.17 2.74 1.83
CA PRO A 79 2.52 4.12 1.53
C PRO A 79 3.11 4.28 0.13
N SER A 80 2.47 5.12 -0.68
CA SER A 80 2.94 5.36 -2.04
C SER A 80 4.39 5.86 -2.05
N ASN A 81 4.82 6.37 -0.92
CA ASN A 81 6.19 6.89 -0.78
C ASN A 81 7.21 5.76 -0.86
N TYR A 82 6.81 4.58 -0.37
CA TYR A 82 7.68 3.42 -0.39
C TYR A 82 7.44 2.56 -1.62
N VAL A 83 6.54 3.02 -2.49
CA VAL A 83 6.21 2.29 -3.70
C VAL A 83 6.42 3.16 -4.93
N GLU A 84 6.53 2.52 -6.10
CA GLU A 84 6.73 3.24 -7.35
C GLU A 84 6.37 2.37 -8.55
N ARG A 85 5.33 2.78 -9.26
CA ARG A 85 4.86 2.03 -10.44
C ARG A 85 5.81 2.22 -11.61
N LYS A 86 5.73 1.32 -12.59
CA LYS A 86 6.58 1.40 -13.77
C LYS A 86 6.32 2.67 -14.55
N HIS A 1 15.65 12.40 -0.25
CA HIS A 1 15.09 13.29 0.75
C HIS A 1 15.66 12.98 2.14
N MET A 2 16.10 14.03 2.82
CA MET A 2 16.68 13.87 4.15
C MET A 2 17.93 12.99 4.12
N LYS A 3 18.55 12.79 5.26
CA LYS A 3 19.76 11.99 5.36
C LYS A 3 19.60 10.88 6.40
N GLU A 4 20.17 9.72 6.10
CA GLU A 4 20.08 8.58 7.01
C GLU A 4 18.63 8.14 7.21
N ARG A 5 18.24 7.07 6.53
CA ARG A 5 16.88 6.55 6.63
C ARG A 5 15.88 7.55 6.04
N PRO A 6 14.92 7.03 5.26
CA PRO A 6 13.89 7.85 4.62
C PRO A 6 12.90 8.42 5.63
N PRO A 7 12.08 9.38 5.19
CA PRO A 7 11.07 10.02 6.03
C PRO A 7 9.92 9.07 6.38
N PRO A 8 9.09 9.48 7.35
CA PRO A 8 7.94 8.70 7.79
C PRO A 8 6.84 8.62 6.74
N VAL A 9 5.82 7.81 7.02
CA VAL A 9 4.71 7.65 6.09
C VAL A 9 4.06 8.98 5.77
N PRO A 10 3.60 9.13 4.52
CA PRO A 10 2.95 10.36 4.05
C PRO A 10 1.58 10.57 4.70
N ASN A 11 1.57 10.92 5.97
CA ASN A 11 0.34 11.15 6.71
C ASN A 11 -0.74 10.15 6.28
N PRO A 12 -0.71 8.96 6.91
CA PRO A 12 -1.67 7.89 6.61
C PRO A 12 -3.07 8.23 7.11
N ASP A 13 -4.07 7.95 6.28
CA ASP A 13 -5.46 8.23 6.63
C ASP A 13 -6.32 6.98 6.43
N TYR A 14 -5.74 5.82 6.71
CA TYR A 14 -6.46 4.55 6.56
C TYR A 14 -7.45 4.36 7.69
N ASN A 15 -7.25 5.09 8.79
CA ASN A 15 -8.14 5.00 9.95
C ASN A 15 -9.58 5.26 9.55
N SER A 16 -9.78 6.21 8.63
CA SER A 16 -11.12 6.56 8.17
C SER A 16 -11.97 7.10 9.31
N LEU A 17 -13.20 7.45 9.01
CA LEU A 17 -14.13 7.99 10.01
C LEU A 17 -15.23 6.99 10.33
N LYS A 18 -15.84 6.43 9.28
CA LYS A 18 -16.90 5.45 9.45
C LYS A 18 -16.34 4.10 9.87
N LYS A 19 -17.18 3.27 10.48
CA LYS A 19 -16.77 1.94 10.93
C LYS A 19 -17.35 0.86 10.02
N GLY A 20 -17.09 -0.40 10.38
CA GLY A 20 -17.60 -1.50 9.59
C GLY A 20 -17.08 -2.84 10.06
N SER A 21 -17.71 -3.92 9.62
CA SER A 21 -17.31 -5.26 10.00
C SER A 21 -16.35 -5.86 8.98
N LEU A 22 -15.19 -6.32 9.46
CA LEU A 22 -14.19 -6.91 8.58
C LEU A 22 -13.67 -5.89 7.58
N VAL A 23 -12.64 -6.28 6.82
CA VAL A 23 -12.05 -5.40 5.83
C VAL A 23 -11.39 -6.19 4.71
N LYS A 24 -11.81 -5.93 3.47
CA LYS A 24 -11.25 -6.62 2.32
C LYS A 24 -11.17 -5.68 1.11
N ASN A 25 -12.30 -5.06 0.78
CA ASN A 25 -12.36 -4.15 -0.36
C ASN A 25 -11.86 -4.82 -1.63
N LEU A 26 -12.78 -5.46 -2.35
CA LEU A 26 -12.44 -6.14 -3.59
C LEU A 26 -13.44 -5.81 -4.69
N HIS A 27 -13.16 -4.73 -5.42
CA HIS A 27 -14.03 -4.30 -6.51
C HIS A 27 -13.23 -3.60 -7.60
N MET A 28 -12.01 -4.07 -7.84
CA MET A 28 -11.15 -3.49 -8.85
C MET A 28 -11.82 -3.53 -10.22
N THR A 29 -11.32 -2.70 -11.14
CA THR A 29 -11.88 -2.63 -12.49
C THR A 29 -10.81 -2.22 -13.50
N GLU A 30 -9.56 -2.57 -13.21
CA GLU A 30 -8.46 -2.23 -14.10
C GLU A 30 -7.34 -3.28 -14.02
N GLU A 31 -6.19 -2.96 -14.59
CA GLU A 31 -5.04 -3.86 -14.56
C GLU A 31 -3.74 -3.10 -14.39
N VAL A 32 -3.54 -2.56 -13.18
CA VAL A 32 -2.34 -1.81 -12.87
C VAL A 32 -1.42 -2.58 -11.93
N ILE A 33 -0.13 -2.24 -11.96
CA ILE A 33 0.85 -2.91 -11.11
C ILE A 33 1.89 -1.93 -10.60
N VAL A 34 2.19 -2.00 -9.31
CA VAL A 34 3.18 -1.12 -8.70
C VAL A 34 4.34 -1.92 -8.11
N ILE A 35 5.46 -1.24 -7.87
CA ILE A 35 6.64 -1.88 -7.31
C ILE A 35 7.15 -1.12 -6.10
N ALA A 36 7.32 -1.82 -4.99
CA ALA A 36 7.81 -1.22 -3.77
C ALA A 36 9.28 -0.81 -3.89
N LYS A 37 9.53 0.49 -3.89
CA LYS A 37 10.89 1.01 -4.01
C LYS A 37 11.82 0.33 -3.02
N TRP A 38 11.30 0.00 -1.84
CA TRP A 38 12.09 -0.66 -0.81
C TRP A 38 11.20 -1.49 0.10
N ASP A 39 11.82 -2.33 0.92
CA ASP A 39 11.08 -3.19 1.84
C ASP A 39 10.25 -2.34 2.81
N TYR A 40 8.99 -2.74 2.99
CA TYR A 40 8.09 -2.02 3.88
C TYR A 40 7.57 -2.93 4.99
N THR A 41 7.63 -2.45 6.22
CA THR A 41 7.18 -3.22 7.38
C THR A 41 5.85 -2.68 7.91
N ALA A 42 4.78 -3.43 7.67
CA ALA A 42 3.46 -3.03 8.13
C ALA A 42 3.44 -2.79 9.63
N GLN A 43 2.94 -1.62 10.03
CA GLN A 43 2.87 -1.27 11.45
C GLN A 43 1.59 -1.80 12.08
N GLN A 44 0.47 -1.62 11.39
CA GLN A 44 -0.83 -2.08 11.88
C GLN A 44 -1.25 -3.37 11.18
N ASP A 45 -2.50 -3.76 11.40
CA ASP A 45 -3.03 -4.97 10.78
C ASP A 45 -3.71 -4.65 9.45
N GLN A 46 -3.88 -3.36 9.17
CA GLN A 46 -4.52 -2.93 7.94
C GLN A 46 -3.53 -2.99 6.77
N GLU A 47 -2.32 -2.48 7.01
CA GLU A 47 -1.28 -2.47 5.98
C GLU A 47 -0.66 -3.85 5.81
N LEU A 48 0.25 -3.97 4.86
CA LEU A 48 0.93 -5.25 4.60
C LEU A 48 2.44 -5.07 4.63
N ASP A 49 3.15 -6.20 4.67
CA ASP A 49 4.61 -6.18 4.68
C ASP A 49 5.18 -6.72 3.38
N ILE A 50 6.10 -5.97 2.78
CA ILE A 50 6.72 -6.38 1.53
C ILE A 50 8.23 -6.22 1.59
N LYS A 51 8.92 -6.75 0.58
CA LYS A 51 10.37 -6.66 0.52
C LYS A 51 10.82 -5.82 -0.68
N LYS A 52 12.08 -5.42 -0.67
CA LYS A 52 12.63 -4.61 -1.75
C LYS A 52 12.36 -5.26 -3.11
N ASN A 53 11.91 -4.46 -4.06
CA ASN A 53 11.62 -4.96 -5.40
C ASN A 53 10.48 -5.97 -5.36
N GLU A 54 9.28 -5.48 -5.05
CA GLU A 54 8.10 -6.33 -4.98
C GLU A 54 6.96 -5.76 -5.81
N ARG A 55 6.52 -6.53 -6.81
CA ARG A 55 5.44 -6.10 -7.68
C ARG A 55 4.10 -6.69 -7.23
N LEU A 56 3.03 -5.91 -7.38
CA LEU A 56 1.70 -6.36 -7.00
C LEU A 56 0.64 -5.77 -7.91
N TRP A 57 -0.61 -6.16 -7.68
CA TRP A 57 -1.72 -5.67 -8.49
C TRP A 57 -2.35 -4.44 -7.86
N LEU A 58 -2.15 -3.29 -8.49
CA LEU A 58 -2.69 -2.02 -7.99
C LEU A 58 -4.22 -2.04 -8.04
N LEU A 59 -4.85 -1.82 -6.90
CA LEU A 59 -6.31 -1.81 -6.80
C LEU A 59 -6.83 -0.37 -6.80
N ASP A 60 -6.59 0.33 -5.69
CA ASP A 60 -7.04 1.71 -5.55
C ASP A 60 -5.88 2.63 -5.16
N ASP A 61 -5.37 3.39 -6.12
CA ASP A 61 -4.27 4.30 -5.86
C ASP A 61 -4.67 5.74 -6.15
N SER A 62 -5.51 6.30 -5.29
CA SER A 62 -5.97 7.68 -5.45
C SER A 62 -5.36 8.59 -4.38
N LYS A 63 -5.46 8.17 -3.13
CA LYS A 63 -4.92 8.94 -2.01
C LYS A 63 -3.44 8.66 -1.82
N THR A 64 -2.83 9.36 -0.86
CA THR A 64 -1.41 9.18 -0.58
C THR A 64 -1.06 7.70 -0.45
N TRP A 65 -1.97 6.93 0.13
CA TRP A 65 -1.76 5.50 0.32
C TRP A 65 -2.43 4.70 -0.79
N TRP A 66 -1.73 3.68 -1.29
CA TRP A 66 -2.27 2.83 -2.34
C TRP A 66 -2.54 1.43 -1.83
N ARG A 67 -3.44 0.71 -2.51
CA ARG A 67 -3.79 -0.64 -2.12
C ARG A 67 -3.53 -1.62 -3.26
N VAL A 68 -2.59 -2.54 -3.03
CA VAL A 68 -2.24 -3.54 -4.04
C VAL A 68 -2.44 -4.95 -3.52
N ARG A 69 -2.43 -5.92 -4.41
CA ARG A 69 -2.61 -7.32 -4.04
C ARG A 69 -1.43 -8.17 -4.49
N ASN A 70 -1.14 -9.22 -3.73
CA ASN A 70 -0.03 -10.11 -4.05
C ASN A 70 -0.53 -11.41 -4.68
N ALA A 71 0.41 -12.30 -4.99
CA ALA A 71 0.06 -13.58 -5.61
C ALA A 71 -0.79 -14.43 -4.67
N ALA A 72 -0.81 -14.05 -3.39
CA ALA A 72 -1.58 -14.77 -2.39
C ALA A 72 -3.03 -14.31 -2.38
N ASN A 73 -3.39 -13.45 -3.33
CA ASN A 73 -4.74 -12.93 -3.44
C ASN A 73 -5.08 -12.05 -2.24
N ARG A 74 -4.05 -11.67 -1.48
CA ARG A 74 -4.24 -10.84 -0.30
C ARG A 74 -4.05 -9.36 -0.64
N THR A 75 -4.89 -8.51 -0.05
CA THR A 75 -4.83 -7.08 -0.30
C THR A 75 -4.43 -6.32 0.96
N GLY A 76 -3.52 -5.35 0.80
CA GLY A 76 -3.08 -4.57 1.95
C GLY A 76 -2.75 -3.14 1.56
N TYR A 77 -2.72 -2.26 2.56
CA TYR A 77 -2.42 -0.84 2.33
C TYR A 77 -0.93 -0.58 2.46
N VAL A 78 -0.43 0.39 1.69
CA VAL A 78 0.98 0.75 1.73
C VAL A 78 1.19 2.18 1.29
N PRO A 79 2.21 2.84 1.85
CA PRO A 79 2.54 4.23 1.54
C PRO A 79 3.11 4.38 0.12
N SER A 80 2.48 5.23 -0.67
CA SER A 80 2.93 5.46 -2.04
C SER A 80 4.35 6.03 -2.07
N ASN A 81 4.79 6.52 -0.93
CA ASN A 81 6.14 7.09 -0.81
C ASN A 81 7.20 5.99 -0.92
N TYR A 82 6.87 4.81 -0.44
CA TYR A 82 7.80 3.69 -0.47
C TYR A 82 7.52 2.79 -1.68
N VAL A 83 6.59 3.22 -2.52
CA VAL A 83 6.23 2.47 -3.72
C VAL A 83 6.39 3.32 -4.97
N GLU A 84 6.52 2.66 -6.12
CA GLU A 84 6.68 3.35 -7.39
C GLU A 84 6.34 2.44 -8.56
N ARG A 85 5.35 2.83 -9.34
CA ARG A 85 4.93 2.04 -10.49
C ARG A 85 6.10 1.78 -11.43
N LYS A 86 6.36 0.50 -11.70
CA LYS A 86 7.46 0.12 -12.58
C LYS A 86 7.15 -1.19 -13.30
#